data_3FC7
# 
_entry.id   3FC7 
# 
_audit_conform.dict_name       mmcif_pdbx.dic 
_audit_conform.dict_version    5.397 
_audit_conform.dict_location   http://mmcif.pdb.org/dictionaries/ascii/mmcif_pdbx.dic 
# 
loop_
_database_2.database_id 
_database_2.database_code 
_database_2.pdbx_database_accession 
_database_2.pdbx_DOI 
PDB   3FC7         pdb_00003fc7 10.2210/pdb3fc7/pdb 
RCSB  RCSB050409   ?            ?                   
WWPDB D_1000050409 ?            ?                   
# 
loop_
_pdbx_audit_revision_history.ordinal 
_pdbx_audit_revision_history.data_content_type 
_pdbx_audit_revision_history.major_revision 
_pdbx_audit_revision_history.minor_revision 
_pdbx_audit_revision_history.revision_date 
1 'Structure model' 1 0 2008-12-09 
2 'Structure model' 1 1 2011-07-13 
3 'Structure model' 1 2 2023-12-27 
4 'Structure model' 1 3 2024-10-16 
# 
_pdbx_audit_revision_details.ordinal             1 
_pdbx_audit_revision_details.revision_ordinal    1 
_pdbx_audit_revision_details.data_content_type   'Structure model' 
_pdbx_audit_revision_details.provider            repository 
_pdbx_audit_revision_details.type                'Initial release' 
_pdbx_audit_revision_details.description         ? 
_pdbx_audit_revision_details.details             ? 
# 
loop_
_pdbx_audit_revision_group.ordinal 
_pdbx_audit_revision_group.revision_ordinal 
_pdbx_audit_revision_group.data_content_type 
_pdbx_audit_revision_group.group 
1 2 'Structure model' Advisory                    
2 2 'Structure model' 'Refinement description'    
3 2 'Structure model' 'Version format compliance' 
4 3 'Structure model' 'Data collection'           
5 3 'Structure model' 'Database references'       
6 3 'Structure model' 'Derived calculations'      
7 4 'Structure model' 'Structure summary'         
# 
loop_
_pdbx_audit_revision_category.ordinal 
_pdbx_audit_revision_category.revision_ordinal 
_pdbx_audit_revision_category.data_content_type 
_pdbx_audit_revision_category.category 
1 3 'Structure model' chem_comp_atom            
2 3 'Structure model' chem_comp_bond            
3 3 'Structure model' database_2                
4 3 'Structure model' struct_conn               
5 4 'Structure model' pdbx_entry_details        
6 4 'Structure model' pdbx_modification_feature 
# 
loop_
_pdbx_audit_revision_item.ordinal 
_pdbx_audit_revision_item.revision_ordinal 
_pdbx_audit_revision_item.data_content_type 
_pdbx_audit_revision_item.item 
1 3 'Structure model' '_database_2.pdbx_DOI'                
2 3 'Structure model' '_database_2.pdbx_database_accession' 
3 3 'Structure model' '_struct_conn.pdbx_leaving_atom_flag' 
# 
_pdbx_database_status.status_code                     REL 
_pdbx_database_status.entry_id                        3FC7 
_pdbx_database_status.recvd_initial_deposition_date   2008-11-21 
_pdbx_database_status.deposit_site                    RCSB 
_pdbx_database_status.process_site                    RCSB 
_pdbx_database_status.status_code_sf                  REL 
_pdbx_database_status.status_code_mr                  ? 
_pdbx_database_status.SG_entry                        Y 
_pdbx_database_status.pdb_format_compatible           Y 
_pdbx_database_status.status_code_cs                  ? 
_pdbx_database_status.status_code_nmr_data            ? 
_pdbx_database_status.methods_development_category    ? 
# 
_pdbx_database_related.db_name        TargetDB 
_pdbx_database_related.db_id          APC87712.1 
_pdbx_database_related.details        . 
_pdbx_database_related.content_type   unspecified 
# 
loop_
_audit_author.name 
_audit_author.pdbx_ordinal 
'Tan, K.'                                       1 
'Hatzos, C.'                                    2 
'Freeman, L.'                                   3 
'Joachimiak, A.'                                4 
'Midwest Center for Structural Genomics (MCSG)' 5 
# 
_citation.id                        primary 
_citation.title                     'The crystal structure of a domain of HTR-like protein from Haloarcula marismortui ATCC 43049' 
_citation.journal_abbrev            'To be Published' 
_citation.journal_volume            ? 
_citation.page_first                ? 
_citation.page_last                 ? 
_citation.year                      ? 
_citation.journal_id_ASTM           ? 
_citation.country                   ? 
_citation.journal_id_ISSN           ? 
_citation.journal_id_CSD            0353 
_citation.book_publisher            ? 
_citation.pdbx_database_id_PubMed   ? 
_citation.pdbx_database_id_DOI      ? 
# 
loop_
_citation_author.citation_id 
_citation_author.name 
_citation_author.ordinal 
_citation_author.identifier_ORCID 
primary 'Tan, K.'        1 ? 
primary 'Hatzos, C.'     2 ? 
primary 'Freeman, L.'    3 ? 
primary 'Joachimiak, A.' 4 ? 
# 
loop_
_entity.id 
_entity.type 
_entity.src_method 
_entity.pdbx_description 
_entity.formula_weight 
_entity.pdbx_number_of_molecules 
_entity.pdbx_ec 
_entity.pdbx_mutation 
_entity.pdbx_fragment 
_entity.details 
1 polymer man 'HTR-like protein' 13587.576 2 2.7.13.3 ? 'residues 120-241' ? 
2 water   nat water              18.015    7 ?        ? ?                  ? 
# 
_entity_name_com.entity_id   1 
_entity_name_com.name        'Sensor protein' 
# 
_entity_poly.entity_id                      1 
_entity_poly.type                           'polypeptide(L)' 
_entity_poly.nstd_linkage                   no 
_entity_poly.nstd_monomer                   yes 
_entity_poly.pdbx_seq_one_letter_code       
;SNALANRIENVVSQERTRKKFESLVSDSPDGIVHLTTNGTILSVNPS(MSE)AGRLGADPDTLVGQQLSAV(MSE)DSEA
ANQRLEAGKSAVENGTATRSEDAVGGRHYHNQYIPVDSHRKSDTFQLVSRDIT
;
_entity_poly.pdbx_seq_one_letter_code_can   
;SNALANRIENVVSQERTRKKFESLVSDSPDGIVHLTTNGTILSVNPSMAGRLGADPDTLVGQQLSAVMDSEAANQRLEAG
KSAVENGTATRSEDAVGGRHYHNQYIPVDSHRKSDTFQLVSRDIT
;
_entity_poly.pdbx_strand_id                 A,B 
_entity_poly.pdbx_target_identifier         APC87712.1 
# 
_pdbx_entity_nonpoly.entity_id   2 
_pdbx_entity_nonpoly.name        water 
_pdbx_entity_nonpoly.comp_id     HOH 
# 
loop_
_entity_poly_seq.entity_id 
_entity_poly_seq.num 
_entity_poly_seq.mon_id 
_entity_poly_seq.hetero 
1 1   SER n 
1 2   ASN n 
1 3   ALA n 
1 4   LEU n 
1 5   ALA n 
1 6   ASN n 
1 7   ARG n 
1 8   ILE n 
1 9   GLU n 
1 10  ASN n 
1 11  VAL n 
1 12  VAL n 
1 13  SER n 
1 14  GLN n 
1 15  GLU n 
1 16  ARG n 
1 17  THR n 
1 18  ARG n 
1 19  LYS n 
1 20  LYS n 
1 21  PHE n 
1 22  GLU n 
1 23  SER n 
1 24  LEU n 
1 25  VAL n 
1 26  SER n 
1 27  ASP n 
1 28  SER n 
1 29  PRO n 
1 30  ASP n 
1 31  GLY n 
1 32  ILE n 
1 33  VAL n 
1 34  HIS n 
1 35  LEU n 
1 36  THR n 
1 37  THR n 
1 38  ASN n 
1 39  GLY n 
1 40  THR n 
1 41  ILE n 
1 42  LEU n 
1 43  SER n 
1 44  VAL n 
1 45  ASN n 
1 46  PRO n 
1 47  SER n 
1 48  MSE n 
1 49  ALA n 
1 50  GLY n 
1 51  ARG n 
1 52  LEU n 
1 53  GLY n 
1 54  ALA n 
1 55  ASP n 
1 56  PRO n 
1 57  ASP n 
1 58  THR n 
1 59  LEU n 
1 60  VAL n 
1 61  GLY n 
1 62  GLN n 
1 63  GLN n 
1 64  LEU n 
1 65  SER n 
1 66  ALA n 
1 67  VAL n 
1 68  MSE n 
1 69  ASP n 
1 70  SER n 
1 71  GLU n 
1 72  ALA n 
1 73  ALA n 
1 74  ASN n 
1 75  GLN n 
1 76  ARG n 
1 77  LEU n 
1 78  GLU n 
1 79  ALA n 
1 80  GLY n 
1 81  LYS n 
1 82  SER n 
1 83  ALA n 
1 84  VAL n 
1 85  GLU n 
1 86  ASN n 
1 87  GLY n 
1 88  THR n 
1 89  ALA n 
1 90  THR n 
1 91  ARG n 
1 92  SER n 
1 93  GLU n 
1 94  ASP n 
1 95  ALA n 
1 96  VAL n 
1 97  GLY n 
1 98  GLY n 
1 99  ARG n 
1 100 HIS n 
1 101 TYR n 
1 102 HIS n 
1 103 ASN n 
1 104 GLN n 
1 105 TYR n 
1 106 ILE n 
1 107 PRO n 
1 108 VAL n 
1 109 ASP n 
1 110 SER n 
1 111 HIS n 
1 112 ARG n 
1 113 LYS n 
1 114 SER n 
1 115 ASP n 
1 116 THR n 
1 117 PHE n 
1 118 GLN n 
1 119 LEU n 
1 120 VAL n 
1 121 SER n 
1 122 ARG n 
1 123 ASP n 
1 124 ILE n 
1 125 THR n 
# 
_entity_src_gen.entity_id                          1 
_entity_src_gen.pdbx_src_id                        1 
_entity_src_gen.pdbx_alt_source_flag               sample 
_entity_src_gen.pdbx_seq_type                      ? 
_entity_src_gen.pdbx_beg_seq_num                   ? 
_entity_src_gen.pdbx_end_seq_num                   ? 
_entity_src_gen.gene_src_common_name               'Halobacterium marismortui' 
_entity_src_gen.gene_src_genus                     ? 
_entity_src_gen.pdbx_gene_src_gene                 'Haloarcula marismortui, htlD, rrnAC0487' 
_entity_src_gen.gene_src_species                   ? 
_entity_src_gen.gene_src_strain                    'ATCC 43049' 
_entity_src_gen.gene_src_tissue                    ? 
_entity_src_gen.gene_src_tissue_fraction           ? 
_entity_src_gen.gene_src_details                   ? 
_entity_src_gen.pdbx_gene_src_fragment             ? 
_entity_src_gen.pdbx_gene_src_scientific_name      'Haloarcula marismortui' 
_entity_src_gen.pdbx_gene_src_ncbi_taxonomy_id     2238 
_entity_src_gen.pdbx_gene_src_variant              ? 
_entity_src_gen.pdbx_gene_src_cell_line            ? 
_entity_src_gen.pdbx_gene_src_atcc                 ? 
_entity_src_gen.pdbx_gene_src_organ                ? 
_entity_src_gen.pdbx_gene_src_organelle            ? 
_entity_src_gen.pdbx_gene_src_cell                 ? 
_entity_src_gen.pdbx_gene_src_cellular_location    ? 
_entity_src_gen.host_org_common_name               ? 
_entity_src_gen.pdbx_host_org_scientific_name      'Escherichia coli' 
_entity_src_gen.pdbx_host_org_ncbi_taxonomy_id     562 
_entity_src_gen.host_org_genus                     ? 
_entity_src_gen.pdbx_host_org_gene                 ? 
_entity_src_gen.pdbx_host_org_organ                ? 
_entity_src_gen.host_org_species                   ? 
_entity_src_gen.pdbx_host_org_tissue               ? 
_entity_src_gen.pdbx_host_org_tissue_fraction      ? 
_entity_src_gen.pdbx_host_org_strain               BL21 
_entity_src_gen.pdbx_host_org_variant              ? 
_entity_src_gen.pdbx_host_org_cell_line            ? 
_entity_src_gen.pdbx_host_org_atcc                 ? 
_entity_src_gen.pdbx_host_org_culture_collection   ? 
_entity_src_gen.pdbx_host_org_cell                 ? 
_entity_src_gen.pdbx_host_org_organelle            ? 
_entity_src_gen.pdbx_host_org_cellular_location    ? 
_entity_src_gen.pdbx_host_org_vector_type          plasmid 
_entity_src_gen.pdbx_host_org_vector               ? 
_entity_src_gen.host_org_details                   ? 
_entity_src_gen.expression_system_id               ? 
_entity_src_gen.plasmid_name                       pMCSG7 
_entity_src_gen.plasmid_details                    ? 
_entity_src_gen.pdbx_description                   ? 
# 
loop_
_chem_comp.id 
_chem_comp.type 
_chem_comp.mon_nstd_flag 
_chem_comp.name 
_chem_comp.pdbx_synonyms 
_chem_comp.formula 
_chem_comp.formula_weight 
ALA 'L-peptide linking' y ALANINE          ? 'C3 H7 N O2'     89.093  
ARG 'L-peptide linking' y ARGININE         ? 'C6 H15 N4 O2 1' 175.209 
ASN 'L-peptide linking' y ASPARAGINE       ? 'C4 H8 N2 O3'    132.118 
ASP 'L-peptide linking' y 'ASPARTIC ACID'  ? 'C4 H7 N O4'     133.103 
GLN 'L-peptide linking' y GLUTAMINE        ? 'C5 H10 N2 O3'   146.144 
GLU 'L-peptide linking' y 'GLUTAMIC ACID'  ? 'C5 H9 N O4'     147.129 
GLY 'peptide linking'   y GLYCINE          ? 'C2 H5 N O2'     75.067  
HIS 'L-peptide linking' y HISTIDINE        ? 'C6 H10 N3 O2 1' 156.162 
HOH non-polymer         . WATER            ? 'H2 O'           18.015  
ILE 'L-peptide linking' y ISOLEUCINE       ? 'C6 H13 N O2'    131.173 
LEU 'L-peptide linking' y LEUCINE          ? 'C6 H13 N O2'    131.173 
LYS 'L-peptide linking' y LYSINE           ? 'C6 H15 N2 O2 1' 147.195 
MSE 'L-peptide linking' n SELENOMETHIONINE ? 'C5 H11 N O2 Se' 196.106 
PHE 'L-peptide linking' y PHENYLALANINE    ? 'C9 H11 N O2'    165.189 
PRO 'L-peptide linking' y PROLINE          ? 'C5 H9 N O2'     115.130 
SER 'L-peptide linking' y SERINE           ? 'C3 H7 N O3'     105.093 
THR 'L-peptide linking' y THREONINE        ? 'C4 H9 N O3'     119.119 
TYR 'L-peptide linking' y TYROSINE         ? 'C9 H11 N O3'    181.189 
VAL 'L-peptide linking' y VALINE           ? 'C5 H11 N O2'    117.146 
# 
loop_
_pdbx_poly_seq_scheme.asym_id 
_pdbx_poly_seq_scheme.entity_id 
_pdbx_poly_seq_scheme.seq_id 
_pdbx_poly_seq_scheme.mon_id 
_pdbx_poly_seq_scheme.ndb_seq_num 
_pdbx_poly_seq_scheme.pdb_seq_num 
_pdbx_poly_seq_scheme.auth_seq_num 
_pdbx_poly_seq_scheme.pdb_mon_id 
_pdbx_poly_seq_scheme.auth_mon_id 
_pdbx_poly_seq_scheme.pdb_strand_id 
_pdbx_poly_seq_scheme.pdb_ins_code 
_pdbx_poly_seq_scheme.hetero 
A 1 1   SER 1   117 ?   ?   ?   A . n 
A 1 2   ASN 2   118 ?   ?   ?   A . n 
A 1 3   ALA 3   119 ?   ?   ?   A . n 
A 1 4   LEU 4   120 ?   ?   ?   A . n 
A 1 5   ALA 5   121 ?   ?   ?   A . n 
A 1 6   ASN 6   122 ?   ?   ?   A . n 
A 1 7   ARG 7   123 ?   ?   ?   A . n 
A 1 8   ILE 8   124 ?   ?   ?   A . n 
A 1 9   GLU 9   125 ?   ?   ?   A . n 
A 1 10  ASN 10  126 ?   ?   ?   A . n 
A 1 11  VAL 11  127 ?   ?   ?   A . n 
A 1 12  VAL 12  128 ?   ?   ?   A . n 
A 1 13  SER 13  129 ?   ?   ?   A . n 
A 1 14  GLN 14  130 ?   ?   ?   A . n 
A 1 15  GLU 15  131 ?   ?   ?   A . n 
A 1 16  ARG 16  132 ?   ?   ?   A . n 
A 1 17  THR 17  133 ?   ?   ?   A . n 
A 1 18  ARG 18  134 ?   ?   ?   A . n 
A 1 19  LYS 19  135 ?   ?   ?   A . n 
A 1 20  LYS 20  136 ?   ?   ?   A . n 
A 1 21  PHE 21  137 ?   ?   ?   A . n 
A 1 22  GLU 22  138 ?   ?   ?   A . n 
A 1 23  SER 23  139 ?   ?   ?   A . n 
A 1 24  LEU 24  140 ?   ?   ?   A . n 
A 1 25  VAL 25  141 ?   ?   ?   A . n 
A 1 26  SER 26  142 142 SER SER A . n 
A 1 27  ASP 27  143 143 ASP ASP A . n 
A 1 28  SER 28  144 144 SER SER A . n 
A 1 29  PRO 29  145 145 PRO PRO A . n 
A 1 30  ASP 30  146 146 ASP ASP A . n 
A 1 31  GLY 31  147 147 GLY GLY A . n 
A 1 32  ILE 32  148 148 ILE ILE A . n 
A 1 33  VAL 33  149 149 VAL VAL A . n 
A 1 34  HIS 34  150 150 HIS HIS A . n 
A 1 35  LEU 35  151 151 LEU LEU A . n 
A 1 36  THR 36  152 152 THR THR A . n 
A 1 37  THR 37  153 153 THR THR A . n 
A 1 38  ASN 38  154 154 ASN ASN A . n 
A 1 39  GLY 39  155 155 GLY GLY A . n 
A 1 40  THR 40  156 156 THR THR A . n 
A 1 41  ILE 41  157 157 ILE ILE A . n 
A 1 42  LEU 42  158 158 LEU LEU A . n 
A 1 43  SER 43  159 159 SER SER A . n 
A 1 44  VAL 44  160 160 VAL VAL A . n 
A 1 45  ASN 45  161 161 ASN ASN A . n 
A 1 46  PRO 46  162 162 PRO PRO A . n 
A 1 47  SER 47  163 163 SER SER A . n 
A 1 48  MSE 48  164 164 MSE MSE A . n 
A 1 49  ALA 49  165 165 ALA ALA A . n 
A 1 50  GLY 50  166 166 GLY GLY A . n 
A 1 51  ARG 51  167 167 ARG ARG A . n 
A 1 52  LEU 52  168 168 LEU LEU A . n 
A 1 53  GLY 53  169 169 GLY GLY A . n 
A 1 54  ALA 54  170 170 ALA ALA A . n 
A 1 55  ASP 55  171 171 ASP ASP A . n 
A 1 56  PRO 56  172 172 PRO PRO A . n 
A 1 57  ASP 57  173 173 ASP ASP A . n 
A 1 58  THR 58  174 174 THR THR A . n 
A 1 59  LEU 59  175 175 LEU LEU A . n 
A 1 60  VAL 60  176 176 VAL VAL A . n 
A 1 61  GLY 61  177 177 GLY GLY A . n 
A 1 62  GLN 62  178 178 GLN GLN A . n 
A 1 63  GLN 63  179 179 GLN GLN A . n 
A 1 64  LEU 64  180 180 LEU LEU A . n 
A 1 65  SER 65  181 181 SER SER A . n 
A 1 66  ALA 66  182 182 ALA ALA A . n 
A 1 67  VAL 67  183 183 VAL VAL A . n 
A 1 68  MSE 68  184 184 MSE MSE A . n 
A 1 69  ASP 69  185 185 ASP ASP A . n 
A 1 70  SER 70  186 186 SER SER A . n 
A 1 71  GLU 71  187 187 GLU GLU A . n 
A 1 72  ALA 72  188 188 ALA ALA A . n 
A 1 73  ALA 73  189 189 ALA ALA A . n 
A 1 74  ASN 74  190 190 ASN ASN A . n 
A 1 75  GLN 75  191 191 GLN GLN A . n 
A 1 76  ARG 76  192 192 ARG ARG A . n 
A 1 77  LEU 77  193 193 LEU LEU A . n 
A 1 78  GLU 78  194 194 GLU GLU A . n 
A 1 79  ALA 79  195 195 ALA ALA A . n 
A 1 80  GLY 80  196 196 GLY GLY A . n 
A 1 81  LYS 81  197 197 LYS LYS A . n 
A 1 82  SER 82  198 198 SER SER A . n 
A 1 83  ALA 83  199 199 ALA ALA A . n 
A 1 84  VAL 84  200 200 VAL VAL A . n 
A 1 85  GLU 85  201 201 GLU GLU A . n 
A 1 86  ASN 86  202 202 ASN ASN A . n 
A 1 87  GLY 87  203 203 GLY GLY A . n 
A 1 88  THR 88  204 204 THR THR A . n 
A 1 89  ALA 89  205 205 ALA ALA A . n 
A 1 90  THR 90  206 206 THR THR A . n 
A 1 91  ARG 91  207 207 ARG ARG A . n 
A 1 92  SER 92  208 208 SER SER A . n 
A 1 93  GLU 93  209 209 GLU GLU A . n 
A 1 94  ASP 94  210 210 ASP ASP A . n 
A 1 95  ALA 95  211 211 ALA ALA A . n 
A 1 96  VAL 96  212 212 VAL VAL A . n 
A 1 97  GLY 97  213 213 GLY GLY A . n 
A 1 98  GLY 98  214 214 GLY GLY A . n 
A 1 99  ARG 99  215 215 ARG ARG A . n 
A 1 100 HIS 100 216 216 HIS HIS A . n 
A 1 101 TYR 101 217 217 TYR TYR A . n 
A 1 102 HIS 102 218 218 HIS HIS A . n 
A 1 103 ASN 103 219 219 ASN ASN A . n 
A 1 104 GLN 104 220 220 GLN GLN A . n 
A 1 105 TYR 105 221 221 TYR TYR A . n 
A 1 106 ILE 106 222 222 ILE ILE A . n 
A 1 107 PRO 107 223 223 PRO PRO A . n 
A 1 108 VAL 108 224 224 VAL VAL A . n 
A 1 109 ASP 109 225 225 ASP ASP A . n 
A 1 110 SER 110 226 226 SER SER A . n 
A 1 111 HIS 111 227 227 HIS HIS A . n 
A 1 112 ARG 112 228 228 ARG ARG A . n 
A 1 113 LYS 113 229 229 LYS LYS A . n 
A 1 114 SER 114 230 230 SER SER A . n 
A 1 115 ASP 115 231 231 ASP ASP A . n 
A 1 116 THR 116 232 232 THR THR A . n 
A 1 117 PHE 117 233 233 PHE PHE A . n 
A 1 118 GLN 118 234 234 GLN GLN A . n 
A 1 119 LEU 119 235 235 LEU LEU A . n 
A 1 120 VAL 120 236 236 VAL VAL A . n 
A 1 121 SER 121 237 237 SER SER A . n 
A 1 122 ARG 122 238 238 ARG ARG A . n 
A 1 123 ASP 123 239 239 ASP ASP A . n 
A 1 124 ILE 124 240 240 ILE ILE A . n 
A 1 125 THR 125 241 241 THR THR A . n 
B 1 1   SER 1   117 ?   ?   ?   B . n 
B 1 2   ASN 2   118 ?   ?   ?   B . n 
B 1 3   ALA 3   119 ?   ?   ?   B . n 
B 1 4   LEU 4   120 ?   ?   ?   B . n 
B 1 5   ALA 5   121 ?   ?   ?   B . n 
B 1 6   ASN 6   122 ?   ?   ?   B . n 
B 1 7   ARG 7   123 ?   ?   ?   B . n 
B 1 8   ILE 8   124 ?   ?   ?   B . n 
B 1 9   GLU 9   125 ?   ?   ?   B . n 
B 1 10  ASN 10  126 ?   ?   ?   B . n 
B 1 11  VAL 11  127 ?   ?   ?   B . n 
B 1 12  VAL 12  128 ?   ?   ?   B . n 
B 1 13  SER 13  129 ?   ?   ?   B . n 
B 1 14  GLN 14  130 ?   ?   ?   B . n 
B 1 15  GLU 15  131 ?   ?   ?   B . n 
B 1 16  ARG 16  132 ?   ?   ?   B . n 
B 1 17  THR 17  133 ?   ?   ?   B . n 
B 1 18  ARG 18  134 ?   ?   ?   B . n 
B 1 19  LYS 19  135 ?   ?   ?   B . n 
B 1 20  LYS 20  136 ?   ?   ?   B . n 
B 1 21  PHE 21  137 ?   ?   ?   B . n 
B 1 22  GLU 22  138 ?   ?   ?   B . n 
B 1 23  SER 23  139 ?   ?   ?   B . n 
B 1 24  LEU 24  140 ?   ?   ?   B . n 
B 1 25  VAL 25  141 ?   ?   ?   B . n 
B 1 26  SER 26  142 ?   ?   ?   B . n 
B 1 27  ASP 27  143 ?   ?   ?   B . n 
B 1 28  SER 28  144 144 SER SER B . n 
B 1 29  PRO 29  145 145 PRO PRO B . n 
B 1 30  ASP 30  146 146 ASP ASP B . n 
B 1 31  GLY 31  147 147 GLY GLY B . n 
B 1 32  ILE 32  148 148 ILE ILE B . n 
B 1 33  VAL 33  149 149 VAL VAL B . n 
B 1 34  HIS 34  150 150 HIS HIS B . n 
B 1 35  LEU 35  151 151 LEU LEU B . n 
B 1 36  THR 36  152 152 THR THR B . n 
B 1 37  THR 37  153 153 THR THR B . n 
B 1 38  ASN 38  154 154 ASN ASN B . n 
B 1 39  GLY 39  155 155 GLY GLY B . n 
B 1 40  THR 40  156 156 THR THR B . n 
B 1 41  ILE 41  157 157 ILE ILE B . n 
B 1 42  LEU 42  158 158 LEU LEU B . n 
B 1 43  SER 43  159 159 SER SER B . n 
B 1 44  VAL 44  160 160 VAL VAL B . n 
B 1 45  ASN 45  161 161 ASN ASN B . n 
B 1 46  PRO 46  162 162 PRO PRO B . n 
B 1 47  SER 47  163 163 SER SER B . n 
B 1 48  MSE 48  164 164 MSE MSE B . n 
B 1 49  ALA 49  165 165 ALA ALA B . n 
B 1 50  GLY 50  166 166 GLY GLY B . n 
B 1 51  ARG 51  167 167 ARG ARG B . n 
B 1 52  LEU 52  168 168 LEU LEU B . n 
B 1 53  GLY 53  169 169 GLY GLY B . n 
B 1 54  ALA 54  170 170 ALA ALA B . n 
B 1 55  ASP 55  171 171 ASP ASP B . n 
B 1 56  PRO 56  172 172 PRO PRO B . n 
B 1 57  ASP 57  173 173 ASP ASP B . n 
B 1 58  THR 58  174 174 THR THR B . n 
B 1 59  LEU 59  175 175 LEU LEU B . n 
B 1 60  VAL 60  176 176 VAL VAL B . n 
B 1 61  GLY 61  177 177 GLY GLY B . n 
B 1 62  GLN 62  178 178 GLN GLN B . n 
B 1 63  GLN 63  179 179 GLN GLN B . n 
B 1 64  LEU 64  180 180 LEU LEU B . n 
B 1 65  SER 65  181 181 SER SER B . n 
B 1 66  ALA 66  182 182 ALA ALA B . n 
B 1 67  VAL 67  183 183 VAL VAL B . n 
B 1 68  MSE 68  184 184 MSE MSE B . n 
B 1 69  ASP 69  185 185 ASP ASP B . n 
B 1 70  SER 70  186 186 SER SER B . n 
B 1 71  GLU 71  187 187 GLU GLU B . n 
B 1 72  ALA 72  188 188 ALA ALA B . n 
B 1 73  ALA 73  189 189 ALA ALA B . n 
B 1 74  ASN 74  190 190 ASN ASN B . n 
B 1 75  GLN 75  191 191 GLN GLN B . n 
B 1 76  ARG 76  192 192 ARG ARG B . n 
B 1 77  LEU 77  193 193 LEU LEU B . n 
B 1 78  GLU 78  194 194 GLU GLU B . n 
B 1 79  ALA 79  195 195 ALA ALA B . n 
B 1 80  GLY 80  196 196 GLY GLY B . n 
B 1 81  LYS 81  197 197 LYS LYS B . n 
B 1 82  SER 82  198 198 SER SER B . n 
B 1 83  ALA 83  199 199 ALA ALA B . n 
B 1 84  VAL 84  200 200 VAL VAL B . n 
B 1 85  GLU 85  201 201 GLU GLU B . n 
B 1 86  ASN 86  202 202 ASN ASN B . n 
B 1 87  GLY 87  203 203 GLY GLY B . n 
B 1 88  THR 88  204 204 THR THR B . n 
B 1 89  ALA 89  205 205 ALA ALA B . n 
B 1 90  THR 90  206 206 THR THR B . n 
B 1 91  ARG 91  207 207 ARG ARG B . n 
B 1 92  SER 92  208 208 SER SER B . n 
B 1 93  GLU 93  209 209 GLU GLU B . n 
B 1 94  ASP 94  210 210 ASP ASP B . n 
B 1 95  ALA 95  211 211 ALA ALA B . n 
B 1 96  VAL 96  212 212 VAL VAL B . n 
B 1 97  GLY 97  213 213 GLY GLY B . n 
B 1 98  GLY 98  214 214 GLY GLY B . n 
B 1 99  ARG 99  215 215 ARG ARG B . n 
B 1 100 HIS 100 216 216 HIS HIS B . n 
B 1 101 TYR 101 217 217 TYR TYR B . n 
B 1 102 HIS 102 218 218 HIS HIS B . n 
B 1 103 ASN 103 219 219 ASN ASN B . n 
B 1 104 GLN 104 220 220 GLN GLN B . n 
B 1 105 TYR 105 221 221 TYR TYR B . n 
B 1 106 ILE 106 222 222 ILE ILE B . n 
B 1 107 PRO 107 223 223 PRO PRO B . n 
B 1 108 VAL 108 224 224 VAL VAL B . n 
B 1 109 ASP 109 225 225 ASP ASP B . n 
B 1 110 SER 110 226 226 SER SER B . n 
B 1 111 HIS 111 227 227 HIS HIS B . n 
B 1 112 ARG 112 228 228 ARG ARG B . n 
B 1 113 LYS 113 229 229 LYS LYS B . n 
B 1 114 SER 114 230 230 SER SER B . n 
B 1 115 ASP 115 231 231 ASP ASP B . n 
B 1 116 THR 116 232 232 THR THR B . n 
B 1 117 PHE 117 233 233 PHE PHE B . n 
B 1 118 GLN 118 234 234 GLN GLN B . n 
B 1 119 LEU 119 235 235 LEU LEU B . n 
B 1 120 VAL 120 236 236 VAL VAL B . n 
B 1 121 SER 121 237 237 SER SER B . n 
B 1 122 ARG 122 238 238 ARG ARG B . n 
B 1 123 ASP 123 239 239 ASP ASP B . n 
B 1 124 ILE 124 240 240 ILE ILE B . n 
B 1 125 THR 125 241 241 THR THR B . n 
# 
loop_
_pdbx_nonpoly_scheme.asym_id 
_pdbx_nonpoly_scheme.entity_id 
_pdbx_nonpoly_scheme.mon_id 
_pdbx_nonpoly_scheme.ndb_seq_num 
_pdbx_nonpoly_scheme.pdb_seq_num 
_pdbx_nonpoly_scheme.auth_seq_num 
_pdbx_nonpoly_scheme.pdb_mon_id 
_pdbx_nonpoly_scheme.auth_mon_id 
_pdbx_nonpoly_scheme.pdb_strand_id 
_pdbx_nonpoly_scheme.pdb_ins_code 
C 2 HOH 1 2 2 HOH HOH A . 
C 2 HOH 2 7 7 HOH HOH A . 
D 2 HOH 1 1 1 HOH HOH B . 
D 2 HOH 2 3 3 HOH HOH B . 
D 2 HOH 3 4 4 HOH HOH B . 
D 2 HOH 4 5 5 HOH HOH B . 
D 2 HOH 5 6 6 HOH HOH B . 
# 
loop_
_software.name 
_software.classification 
_software.version 
_software.citation_id 
_software.pdbx_ordinal 
SBC-Collect 'data collection' .        ? 1  
SHELXD      phasing           .        ? 2  
MLPHARE     phasing           .        ? 3  
DM          'model building'  .        ? 4  
RESOLVE     'model building'  .        ? 5  
HKL-3000    phasing           .        ? 6  
REFMAC      refinement        5.5.0054 ? 7  
HKL-3000    'data reduction'  .        ? 8  
HKL-3000    'data scaling'    .        ? 9  
DM          phasing           .        ? 10 
RESOLVE     phasing           .        ? 11 
# 
_cell.entry_id           3FC7 
_cell.length_a           55.183 
_cell.length_b           55.183 
_cell.length_c           249.917 
_cell.angle_alpha        90.00 
_cell.angle_beta         90.00 
_cell.angle_gamma        120.00 
_cell.Z_PDB              24 
_cell.pdbx_unique_axis   ? 
_cell.length_a_esd       ? 
_cell.length_b_esd       ? 
_cell.length_c_esd       ? 
_cell.angle_alpha_esd    ? 
_cell.angle_beta_esd     ? 
_cell.angle_gamma_esd    ? 
# 
_symmetry.entry_id                         3FC7 
_symmetry.space_group_name_H-M             'P 61 2 2' 
_symmetry.pdbx_full_space_group_name_H-M   ? 
_symmetry.cell_setting                     ? 
_symmetry.Int_Tables_number                178 
_symmetry.space_group_name_Hall            ? 
# 
_exptl.entry_id          3FC7 
_exptl.method            'X-RAY DIFFRACTION' 
_exptl.crystals_number   1 
# 
_exptl_crystal.id                    1 
_exptl_crystal.density_meas          ? 
_exptl_crystal.density_Matthews      2.02 
_exptl_crystal.density_percent_sol   39.14 
_exptl_crystal.description           ? 
_exptl_crystal.F_000                 ? 
_exptl_crystal.preparation           ? 
# 
_exptl_crystal_grow.crystal_id      1 
_exptl_crystal_grow.method          'VAPOR DIFFUSION, SITTING DROP' 
_exptl_crystal_grow.temp            289 
_exptl_crystal_grow.temp_details    ? 
_exptl_crystal_grow.pH              8.0 
_exptl_crystal_grow.pdbx_details    '1.0M Sodium citrate, 0.1M Imidazole, pH 8.0, VAPOR DIFFUSION, SITTING DROP, temperature 289K' 
_exptl_crystal_grow.pdbx_pH_range   ? 
# 
_diffrn.id                     1 
_diffrn.ambient_temp           100 
_diffrn.ambient_temp_details   ? 
_diffrn.crystal_id             1 
# 
_diffrn_detector.diffrn_id              1 
_diffrn_detector.detector               CCD 
_diffrn_detector.type                   'ADSC QUANTUM 315' 
_diffrn_detector.pdbx_collection_date   2008-06-26 
_diffrn_detector.details                mirror 
# 
_diffrn_radiation.diffrn_id                        1 
_diffrn_radiation.wavelength_id                    1 
_diffrn_radiation.pdbx_monochromatic_or_laue_m_l   M 
_diffrn_radiation.monochromator                    'Si 111 crystal' 
_diffrn_radiation.pdbx_diffrn_protocol             MAD 
_diffrn_radiation.pdbx_scattering_type             x-ray 
# 
loop_
_diffrn_radiation_wavelength.id 
_diffrn_radiation_wavelength.wavelength 
_diffrn_radiation_wavelength.wt 
1 0.97937 1.0 
2 0.97951 1.0 
# 
_diffrn_source.diffrn_id                   1 
_diffrn_source.source                      SYNCHROTRON 
_diffrn_source.type                        'APS BEAMLINE 19-ID' 
_diffrn_source.pdbx_synchrotron_site       APS 
_diffrn_source.pdbx_synchrotron_beamline   19-ID 
_diffrn_source.pdbx_wavelength             ? 
_diffrn_source.pdbx_wavelength_list        '0.97937, 0.97951' 
# 
_reflns.entry_id                     3FC7 
_reflns.observed_criterion_sigma_I   0 
_reflns.observed_criterion_sigma_F   0 
_reflns.d_resolution_low             35.0 
_reflns.d_resolution_high            2.65 
_reflns.number_obs                   7257 
_reflns.number_all                   7257 
_reflns.percent_possible_obs         99.1 
_reflns.pdbx_Rmerge_I_obs            0.087 
_reflns.pdbx_Rsym_value              ? 
_reflns.pdbx_netI_over_sigmaI        29.66 
_reflns.B_iso_Wilson_estimate        ? 
_reflns.pdbx_redundancy              6.5 
_reflns.R_free_details               ? 
_reflns.limit_h_max                  ? 
_reflns.limit_h_min                  ? 
_reflns.limit_k_max                  ? 
_reflns.limit_k_min                  ? 
_reflns.limit_l_max                  ? 
_reflns.limit_l_min                  ? 
_reflns.observed_criterion_F_max     ? 
_reflns.observed_criterion_F_min     ? 
_reflns.pdbx_chi_squared             ? 
_reflns.pdbx_scaling_rejects         ? 
_reflns.pdbx_ordinal                 1 
_reflns.pdbx_diffrn_id               1 
# 
_reflns_shell.d_res_high             2.65 
_reflns_shell.d_res_low              2.70 
_reflns_shell.percent_possible_all   99.4 
_reflns_shell.Rmerge_I_obs           0.867 
_reflns_shell.pdbx_Rsym_value        ? 
_reflns_shell.meanI_over_sigI_obs    2.4 
_reflns_shell.pdbx_redundancy        6.7 
_reflns_shell.percent_possible_obs   ? 
_reflns_shell.number_unique_all      334 
_reflns_shell.number_measured_all    ? 
_reflns_shell.number_measured_obs    ? 
_reflns_shell.number_unique_obs      ? 
_reflns_shell.pdbx_chi_squared       ? 
_reflns_shell.pdbx_ordinal           1 
_reflns_shell.pdbx_diffrn_id         1 
# 
_refine.entry_id                                 3FC7 
_refine.ls_number_reflns_obs                     6868 
_refine.ls_number_reflns_all                     6868 
_refine.pdbx_ls_sigma_I                          0 
_refine.pdbx_ls_sigma_F                          0 
_refine.pdbx_data_cutoff_high_absF               ? 
_refine.pdbx_data_cutoff_low_absF                ? 
_refine.pdbx_data_cutoff_high_rms_absF           ? 
_refine.ls_d_res_low                             34.54 
_refine.ls_d_res_high                            2.65 
_refine.ls_percent_reflns_obs                    99.61 
_refine.ls_R_factor_obs                          0.20563 
_refine.ls_R_factor_all                          0.20563 
_refine.ls_R_factor_R_work                       0.20230 
_refine.ls_R_factor_R_free                       0.27396 
_refine.ls_R_factor_R_free_error                 ? 
_refine.ls_R_factor_R_free_error_details         ? 
_refine.ls_percent_reflns_R_free                 4.7 
_refine.ls_number_reflns_R_free                  340 
_refine.ls_number_parameters                     ? 
_refine.ls_number_restraints                     ? 
_refine.occupancy_min                            ? 
_refine.occupancy_max                            ? 
_refine.correlation_coeff_Fo_to_Fc               0.949 
_refine.correlation_coeff_Fo_to_Fc_free          0.915 
_refine.B_iso_mean                               40.146 
_refine.aniso_B[1][1]                            -0.25 
_refine.aniso_B[2][2]                            -0.25 
_refine.aniso_B[3][3]                            0.37 
_refine.aniso_B[1][2]                            -0.12 
_refine.aniso_B[1][3]                            0.00 
_refine.aniso_B[2][3]                            0.00 
_refine.solvent_model_details                    MASK 
_refine.solvent_model_param_ksol                 ? 
_refine.solvent_model_param_bsol                 ? 
_refine.pdbx_solvent_vdw_probe_radii             1.20 
_refine.pdbx_solvent_ion_probe_radii             0.80 
_refine.pdbx_solvent_shrinkage_radii             0.80 
_refine.pdbx_ls_cross_valid_method               THROUGHOUT 
_refine.details                                  'HYDROGENS HAVE BEEN ADDED IN THE RIDING POSITIONS' 
_refine.pdbx_starting_model                      ? 
_refine.pdbx_method_to_determine_struct          MAD 
_refine.pdbx_isotropic_thermal_model             ? 
_refine.pdbx_stereochemistry_target_values       'MAXIMUM LIKELIHOOD' 
_refine.pdbx_stereochem_target_val_spec_case     ? 
_refine.pdbx_R_Free_selection_details            RANDOM 
_refine.pdbx_overall_ESU_R                       0.685 
_refine.pdbx_overall_ESU_R_Free                  0.343 
_refine.overall_SU_ML                            0.254 
_refine.overall_SU_B                             29.155 
_refine.ls_redundancy_reflns_obs                 ? 
_refine.B_iso_min                                ? 
_refine.B_iso_max                                ? 
_refine.overall_SU_R_Cruickshank_DPI             ? 
_refine.overall_SU_R_free                        ? 
_refine.ls_wR_factor_R_free                      ? 
_refine.ls_wR_factor_R_work                      ? 
_refine.overall_FOM_free_R_set                   ? 
_refine.overall_FOM_work_R_set                   ? 
_refine.pdbx_overall_phase_error                 ? 
_refine.pdbx_refine_id                           'X-RAY DIFFRACTION' 
_refine.pdbx_TLS_residual_ADP_flag               'LIKELY RESIDUAL' 
_refine.pdbx_diffrn_id                           1 
_refine.pdbx_overall_SU_R_free_Cruickshank_DPI   ? 
_refine.pdbx_overall_SU_R_Blow_DPI               ? 
_refine.pdbx_overall_SU_R_free_Blow_DPI          ? 
# 
_refine_hist.pdbx_refine_id                   'X-RAY DIFFRACTION' 
_refine_hist.cycle_id                         LAST 
_refine_hist.pdbx_number_atoms_protein        1474 
_refine_hist.pdbx_number_atoms_nucleic_acid   0 
_refine_hist.pdbx_number_atoms_ligand         0 
_refine_hist.number_atoms_solvent             7 
_refine_hist.number_atoms_total               1481 
_refine_hist.d_res_high                       2.65 
_refine_hist.d_res_low                        34.54 
# 
loop_
_refine_ls_restr.type 
_refine_ls_restr.dev_ideal 
_refine_ls_restr.dev_ideal_target 
_refine_ls_restr.weight 
_refine_ls_restr.number 
_refine_ls_restr.pdbx_refine_id 
_refine_ls_restr.pdbx_restraint_function 
r_bond_refined_d             0.017  0.021  ? 1494 'X-RAY DIFFRACTION' ? 
r_bond_other_d               ?      ?      ? ?    'X-RAY DIFFRACTION' ? 
r_angle_refined_deg          1.859  1.948  ? 2029 'X-RAY DIFFRACTION' ? 
r_angle_other_deg            ?      ?      ? ?    'X-RAY DIFFRACTION' ? 
r_dihedral_angle_1_deg       9.048  5.000  ? 196  'X-RAY DIFFRACTION' ? 
r_dihedral_angle_2_deg       41.375 24.648 ? 71   'X-RAY DIFFRACTION' ? 
r_dihedral_angle_3_deg       22.680 15.000 ? 238  'X-RAY DIFFRACTION' ? 
r_dihedral_angle_4_deg       22.995 15.000 ? 12   'X-RAY DIFFRACTION' ? 
r_chiral_restr               0.114  0.200  ? 234  'X-RAY DIFFRACTION' ? 
r_gen_planes_refined         0.008  0.021  ? 1158 'X-RAY DIFFRACTION' ? 
r_gen_planes_other           ?      ?      ? ?    'X-RAY DIFFRACTION' ? 
r_nbd_refined                ?      ?      ? ?    'X-RAY DIFFRACTION' ? 
r_nbd_other                  ?      ?      ? ?    'X-RAY DIFFRACTION' ? 
r_nbtor_refined              ?      ?      ? ?    'X-RAY DIFFRACTION' ? 
r_nbtor_other                ?      ?      ? ?    'X-RAY DIFFRACTION' ? 
r_xyhbond_nbd_refined        ?      ?      ? ?    'X-RAY DIFFRACTION' ? 
r_xyhbond_nbd_other          ?      ?      ? ?    'X-RAY DIFFRACTION' ? 
r_metal_ion_refined          ?      ?      ? ?    'X-RAY DIFFRACTION' ? 
r_metal_ion_other            ?      ?      ? ?    'X-RAY DIFFRACTION' ? 
r_symmetry_vdw_refined       ?      ?      ? ?    'X-RAY DIFFRACTION' ? 
r_symmetry_vdw_other         ?      ?      ? ?    'X-RAY DIFFRACTION' ? 
r_symmetry_hbond_refined     ?      ?      ? ?    'X-RAY DIFFRACTION' ? 
r_symmetry_hbond_other       ?      ?      ? ?    'X-RAY DIFFRACTION' ? 
r_symmetry_metal_ion_refined ?      ?      ? ?    'X-RAY DIFFRACTION' ? 
r_symmetry_metal_ion_other   ?      ?      ? ?    'X-RAY DIFFRACTION' ? 
r_mcbond_it                  1.066  2.000  ? 980  'X-RAY DIFFRACTION' ? 
r_mcbond_other               ?      ?      ? ?    'X-RAY DIFFRACTION' ? 
r_mcangle_it                 1.867  3.000  ? 1574 'X-RAY DIFFRACTION' ? 
r_scbond_it                  1.184  2.000  ? 514  'X-RAY DIFFRACTION' ? 
r_scangle_it                 1.901  3.000  ? 455  'X-RAY DIFFRACTION' ? 
r_rigid_bond_restr           ?      ?      ? ?    'X-RAY DIFFRACTION' ? 
r_sphericity_free            ?      ?      ? ?    'X-RAY DIFFRACTION' ? 
r_sphericity_bonded          ?      ?      ? ?    'X-RAY DIFFRACTION' ? 
# 
_refine_ls_shell.pdbx_total_number_of_bins_used   20 
_refine_ls_shell.d_res_high                       2.651 
_refine_ls_shell.d_res_low                        2.719 
_refine_ls_shell.number_reflns_R_work             478 
_refine_ls_shell.R_factor_R_work                  0.287 
_refine_ls_shell.percent_reflns_obs               100.00 
_refine_ls_shell.R_factor_R_free                  0.258 
_refine_ls_shell.R_factor_R_free_error            ? 
_refine_ls_shell.percent_reflns_R_free            ? 
_refine_ls_shell.number_reflns_R_free             19 
_refine_ls_shell.number_reflns_all                ? 
_refine_ls_shell.R_factor_all                     ? 
_refine_ls_shell.number_reflns_obs                497 
_refine_ls_shell.redundancy_reflns_obs            ? 
_refine_ls_shell.pdbx_refine_id                   'X-RAY DIFFRACTION' 
# 
_struct.entry_id                  3FC7 
_struct.title                     'The crystal structure of a domain of HTR-like protein from Haloarcula marismortui ATCC 43049' 
_struct.pdbx_model_details        ? 
_struct.pdbx_CASP_flag            ? 
_struct.pdbx_model_type_details   ? 
# 
_struct_keywords.entry_id        3FC7 
_struct_keywords.pdbx_keywords   TRANSFERASE 
_struct_keywords.text            
;APC87712.1, HTR-like protein, Haloarcula marismortui ATCC 43049, structural genomics, PSI-2, protein structure initiative, midwest center for structural genomics, MCSG, Kinase, Phosphoprotein, Transferase
;
# 
loop_
_struct_asym.id 
_struct_asym.pdbx_blank_PDB_chainid_flag 
_struct_asym.pdbx_modified 
_struct_asym.entity_id 
_struct_asym.details 
A N N 1 ? 
B N N 1 ? 
C N N 2 ? 
D N N 2 ? 
# 
_struct_ref.id                         1 
_struct_ref.db_name                    UNP 
_struct_ref.db_code                    Q5V4P0_HALMA 
_struct_ref.pdbx_db_accession          Q5V4P0 
_struct_ref.entity_id                  1 
_struct_ref.pdbx_seq_one_letter_code   
;LANRIENVVSQERTRKKFESLVSDSPDGIVHLTTNGTILSVNPSMAGRLGADPDTLVGQQLSAVMDSEAANQRLEAGKSA
VENGTATRSEDAVGGRHYHNQYIPVDSHRKSDTFQLVSRDIT
;
_struct_ref.pdbx_align_begin           120 
_struct_ref.pdbx_db_isoform            ? 
# 
loop_
_struct_ref_seq.align_id 
_struct_ref_seq.ref_id 
_struct_ref_seq.pdbx_PDB_id_code 
_struct_ref_seq.pdbx_strand_id 
_struct_ref_seq.seq_align_beg 
_struct_ref_seq.pdbx_seq_align_beg_ins_code 
_struct_ref_seq.seq_align_end 
_struct_ref_seq.pdbx_seq_align_end_ins_code 
_struct_ref_seq.pdbx_db_accession 
_struct_ref_seq.db_align_beg 
_struct_ref_seq.pdbx_db_align_beg_ins_code 
_struct_ref_seq.db_align_end 
_struct_ref_seq.pdbx_db_align_end_ins_code 
_struct_ref_seq.pdbx_auth_seq_align_beg 
_struct_ref_seq.pdbx_auth_seq_align_end 
1 1 3FC7 A 4 ? 125 ? Q5V4P0 120 ? 241 ? 120 241 
2 1 3FC7 B 4 ? 125 ? Q5V4P0 120 ? 241 ? 120 241 
# 
loop_
_struct_ref_seq_dif.align_id 
_struct_ref_seq_dif.pdbx_pdb_id_code 
_struct_ref_seq_dif.mon_id 
_struct_ref_seq_dif.pdbx_pdb_strand_id 
_struct_ref_seq_dif.seq_num 
_struct_ref_seq_dif.pdbx_pdb_ins_code 
_struct_ref_seq_dif.pdbx_seq_db_name 
_struct_ref_seq_dif.pdbx_seq_db_accession_code 
_struct_ref_seq_dif.db_mon_id 
_struct_ref_seq_dif.pdbx_seq_db_seq_num 
_struct_ref_seq_dif.details 
_struct_ref_seq_dif.pdbx_auth_seq_num 
_struct_ref_seq_dif.pdbx_ordinal 
1 3FC7 SER A 1 ? UNP Q5V4P0 ? ? 'expression tag' 117 1 
1 3FC7 ASN A 2 ? UNP Q5V4P0 ? ? 'expression tag' 118 2 
1 3FC7 ALA A 3 ? UNP Q5V4P0 ? ? 'expression tag' 119 3 
2 3FC7 SER B 1 ? UNP Q5V4P0 ? ? 'expression tag' 117 4 
2 3FC7 ASN B 2 ? UNP Q5V4P0 ? ? 'expression tag' 118 5 
2 3FC7 ALA B 3 ? UNP Q5V4P0 ? ? 'expression tag' 119 6 
# 
loop_
_pdbx_struct_assembly.id 
_pdbx_struct_assembly.details 
_pdbx_struct_assembly.method_details 
_pdbx_struct_assembly.oligomeric_details 
_pdbx_struct_assembly.oligomeric_count 
1 author_and_software_defined_assembly PISA monomeric 1 
2 author_and_software_defined_assembly PISA monomeric 1 
# 
loop_
_pdbx_struct_assembly_gen.assembly_id 
_pdbx_struct_assembly_gen.oper_expression 
_pdbx_struct_assembly_gen.asym_id_list 
1 1 A,C 
2 1 B,D 
# 
_pdbx_struct_oper_list.id                   1 
_pdbx_struct_oper_list.type                 'identity operation' 
_pdbx_struct_oper_list.name                 1_555 
_pdbx_struct_oper_list.symmetry_operation   x,y,z 
_pdbx_struct_oper_list.matrix[1][1]         1.0000000000 
_pdbx_struct_oper_list.matrix[1][2]         0.0000000000 
_pdbx_struct_oper_list.matrix[1][3]         0.0000000000 
_pdbx_struct_oper_list.vector[1]            0.0000000000 
_pdbx_struct_oper_list.matrix[2][1]         0.0000000000 
_pdbx_struct_oper_list.matrix[2][2]         1.0000000000 
_pdbx_struct_oper_list.matrix[2][3]         0.0000000000 
_pdbx_struct_oper_list.vector[2]            0.0000000000 
_pdbx_struct_oper_list.matrix[3][1]         0.0000000000 
_pdbx_struct_oper_list.matrix[3][2]         0.0000000000 
_pdbx_struct_oper_list.matrix[3][3]         1.0000000000 
_pdbx_struct_oper_list.vector[3]            0.0000000000 
# 
_struct_biol.id        1 
_struct_biol.details   'Experimentally unknown.  The chains A and B are predicted to form a dimer.' 
# 
loop_
_struct_conf.conf_type_id 
_struct_conf.id 
_struct_conf.pdbx_PDB_helix_id 
_struct_conf.beg_label_comp_id 
_struct_conf.beg_label_asym_id 
_struct_conf.beg_label_seq_id 
_struct_conf.pdbx_beg_PDB_ins_code 
_struct_conf.end_label_comp_id 
_struct_conf.end_label_asym_id 
_struct_conf.end_label_seq_id 
_struct_conf.pdbx_end_PDB_ins_code 
_struct_conf.beg_auth_comp_id 
_struct_conf.beg_auth_asym_id 
_struct_conf.beg_auth_seq_id 
_struct_conf.end_auth_comp_id 
_struct_conf.end_auth_asym_id 
_struct_conf.end_auth_seq_id 
_struct_conf.pdbx_PDB_helix_class 
_struct_conf.details 
_struct_conf.pdbx_PDB_helix_length 
HELX_P HELX_P1 1 ASN A 45 ? GLY A 53 ? ASN A 161 GLY A 169 1 ? 9  
HELX_P HELX_P2 2 ASP A 55 ? VAL A 60 ? ASP A 171 VAL A 176 1 ? 6  
HELX_P HELX_P3 3 GLN A 63 ? VAL A 67 ? GLN A 179 VAL A 183 5 ? 5  
HELX_P HELX_P4 4 ASP A 69 ? GLY A 87 ? ASP A 185 GLY A 203 1 ? 19 
HELX_P HELX_P5 5 ASN B 45 ? GLY B 53 ? ASN B 161 GLY B 169 1 ? 9  
HELX_P HELX_P6 6 ASP B 55 ? VAL B 60 ? ASP B 171 VAL B 176 1 ? 6  
HELX_P HELX_P7 7 GLN B 63 ? VAL B 67 ? GLN B 179 VAL B 183 5 ? 5  
HELX_P HELX_P8 8 ASP B 69 ? ASN B 86 ? ASP B 185 ASN B 202 1 ? 18 
# 
_struct_conf_type.id          HELX_P 
_struct_conf_type.criteria    ? 
_struct_conf_type.reference   ? 
# 
loop_
_struct_conn.id 
_struct_conn.conn_type_id 
_struct_conn.pdbx_leaving_atom_flag 
_struct_conn.pdbx_PDB_id 
_struct_conn.ptnr1_label_asym_id 
_struct_conn.ptnr1_label_comp_id 
_struct_conn.ptnr1_label_seq_id 
_struct_conn.ptnr1_label_atom_id 
_struct_conn.pdbx_ptnr1_label_alt_id 
_struct_conn.pdbx_ptnr1_PDB_ins_code 
_struct_conn.pdbx_ptnr1_standard_comp_id 
_struct_conn.ptnr1_symmetry 
_struct_conn.ptnr2_label_asym_id 
_struct_conn.ptnr2_label_comp_id 
_struct_conn.ptnr2_label_seq_id 
_struct_conn.ptnr2_label_atom_id 
_struct_conn.pdbx_ptnr2_label_alt_id 
_struct_conn.pdbx_ptnr2_PDB_ins_code 
_struct_conn.ptnr1_auth_asym_id 
_struct_conn.ptnr1_auth_comp_id 
_struct_conn.ptnr1_auth_seq_id 
_struct_conn.ptnr2_auth_asym_id 
_struct_conn.ptnr2_auth_comp_id 
_struct_conn.ptnr2_auth_seq_id 
_struct_conn.ptnr2_symmetry 
_struct_conn.pdbx_ptnr3_label_atom_id 
_struct_conn.pdbx_ptnr3_label_seq_id 
_struct_conn.pdbx_ptnr3_label_comp_id 
_struct_conn.pdbx_ptnr3_label_asym_id 
_struct_conn.pdbx_ptnr3_label_alt_id 
_struct_conn.pdbx_ptnr3_PDB_ins_code 
_struct_conn.details 
_struct_conn.pdbx_dist_value 
_struct_conn.pdbx_value_order 
_struct_conn.pdbx_role 
covale1 covale both ? A SER 47 C ? ? ? 1_555 A MSE 48 N ? ? A SER 163 A MSE 164 1_555 ? ? ? ? ? ? ? 1.330 ? ? 
covale2 covale both ? A MSE 48 C ? ? ? 1_555 A ALA 49 N ? ? A MSE 164 A ALA 165 1_555 ? ? ? ? ? ? ? 1.333 ? ? 
covale3 covale both ? A VAL 67 C ? ? ? 1_555 A MSE 68 N ? ? A VAL 183 A MSE 184 1_555 ? ? ? ? ? ? ? 1.330 ? ? 
covale4 covale both ? A MSE 68 C ? ? ? 1_555 A ASP 69 N ? ? A MSE 184 A ASP 185 1_555 ? ? ? ? ? ? ? 1.346 ? ? 
covale5 covale both ? B SER 47 C ? ? ? 1_555 B MSE 48 N ? ? B SER 163 B MSE 164 1_555 ? ? ? ? ? ? ? 1.331 ? ? 
covale6 covale both ? B MSE 48 C ? ? ? 1_555 B ALA 49 N ? ? B MSE 164 B ALA 165 1_555 ? ? ? ? ? ? ? 1.342 ? ? 
covale7 covale both ? B VAL 67 C ? ? ? 1_555 B MSE 68 N ? ? B VAL 183 B MSE 184 1_555 ? ? ? ? ? ? ? 1.330 ? ? 
covale8 covale both ? B MSE 68 C ? ? ? 1_555 B ASP 69 N ? ? B MSE 184 B ASP 185 1_555 ? ? ? ? ? ? ? 1.333 ? ? 
# 
_struct_conn_type.id          covale 
_struct_conn_type.criteria    ? 
_struct_conn_type.reference   ? 
# 
loop_
_pdbx_modification_feature.ordinal 
_pdbx_modification_feature.label_comp_id 
_pdbx_modification_feature.label_asym_id 
_pdbx_modification_feature.label_seq_id 
_pdbx_modification_feature.label_alt_id 
_pdbx_modification_feature.modified_residue_label_comp_id 
_pdbx_modification_feature.modified_residue_label_asym_id 
_pdbx_modification_feature.modified_residue_label_seq_id 
_pdbx_modification_feature.modified_residue_label_alt_id 
_pdbx_modification_feature.auth_comp_id 
_pdbx_modification_feature.auth_asym_id 
_pdbx_modification_feature.auth_seq_id 
_pdbx_modification_feature.PDB_ins_code 
_pdbx_modification_feature.symmetry 
_pdbx_modification_feature.modified_residue_auth_comp_id 
_pdbx_modification_feature.modified_residue_auth_asym_id 
_pdbx_modification_feature.modified_residue_auth_seq_id 
_pdbx_modification_feature.modified_residue_PDB_ins_code 
_pdbx_modification_feature.modified_residue_symmetry 
_pdbx_modification_feature.comp_id_linking_atom 
_pdbx_modification_feature.modified_residue_id_linking_atom 
_pdbx_modification_feature.modified_residue_id 
_pdbx_modification_feature.ref_pcm_id 
_pdbx_modification_feature.ref_comp_id 
_pdbx_modification_feature.type 
_pdbx_modification_feature.category 
1 MSE A 48 ? . . . . MSE A 164 ? 1_555 . . . . . . . MET 1 MSE Selenomethionine 'Named protein modification' 
2 MSE A 68 ? . . . . MSE A 184 ? 1_555 . . . . . . . MET 1 MSE Selenomethionine 'Named protein modification' 
3 MSE B 48 ? . . . . MSE B 164 ? 1_555 . . . . . . . MET 1 MSE Selenomethionine 'Named protein modification' 
4 MSE B 68 ? . . . . MSE B 184 ? 1_555 . . . . . . . MET 1 MSE Selenomethionine 'Named protein modification' 
# 
loop_
_struct_sheet.id 
_struct_sheet.type 
_struct_sheet.number_strands 
_struct_sheet.details 
A ? 5 ? 
B ? 5 ? 
# 
loop_
_struct_sheet_order.sheet_id 
_struct_sheet_order.range_id_1 
_struct_sheet_order.range_id_2 
_struct_sheet_order.offset 
_struct_sheet_order.sense 
A 1 2 ? anti-parallel 
A 2 3 ? anti-parallel 
A 3 4 ? anti-parallel 
A 4 5 ? anti-parallel 
B 1 2 ? anti-parallel 
B 2 3 ? anti-parallel 
B 3 4 ? anti-parallel 
B 4 5 ? anti-parallel 
# 
loop_
_struct_sheet_range.sheet_id 
_struct_sheet_range.id 
_struct_sheet_range.beg_label_comp_id 
_struct_sheet_range.beg_label_asym_id 
_struct_sheet_range.beg_label_seq_id 
_struct_sheet_range.pdbx_beg_PDB_ins_code 
_struct_sheet_range.end_label_comp_id 
_struct_sheet_range.end_label_asym_id 
_struct_sheet_range.end_label_seq_id 
_struct_sheet_range.pdbx_end_PDB_ins_code 
_struct_sheet_range.beg_auth_comp_id 
_struct_sheet_range.beg_auth_asym_id 
_struct_sheet_range.beg_auth_seq_id 
_struct_sheet_range.end_auth_comp_id 
_struct_sheet_range.end_auth_asym_id 
_struct_sheet_range.end_auth_seq_id 
A 1 ILE A 41  ? VAL A 44  ? ILE A 157 VAL A 160 
A 2 GLY A 31  ? THR A 36  ? GLY A 147 THR A 152 
A 3 THR A 116 ? ASP A 123 ? THR A 232 ASP A 239 
A 4 ARG A 99  ? PRO A 107 ? ARG A 215 PRO A 223 
A 5 THR A 90  ? VAL A 96  ? THR A 206 VAL A 212 
B 1 ILE B 41  ? VAL B 44  ? ILE B 157 VAL B 160 
B 2 ASP B 30  ? THR B 36  ? ASP B 146 THR B 152 
B 3 THR B 116 ? ASP B 123 ? THR B 232 ASP B 239 
B 4 ARG B 99  ? VAL B 108 ? ARG B 215 VAL B 224 
B 5 THR B 90  ? VAL B 96  ? THR B 206 VAL B 212 
# 
loop_
_pdbx_struct_sheet_hbond.sheet_id 
_pdbx_struct_sheet_hbond.range_id_1 
_pdbx_struct_sheet_hbond.range_id_2 
_pdbx_struct_sheet_hbond.range_1_label_atom_id 
_pdbx_struct_sheet_hbond.range_1_label_comp_id 
_pdbx_struct_sheet_hbond.range_1_label_asym_id 
_pdbx_struct_sheet_hbond.range_1_label_seq_id 
_pdbx_struct_sheet_hbond.range_1_PDB_ins_code 
_pdbx_struct_sheet_hbond.range_1_auth_atom_id 
_pdbx_struct_sheet_hbond.range_1_auth_comp_id 
_pdbx_struct_sheet_hbond.range_1_auth_asym_id 
_pdbx_struct_sheet_hbond.range_1_auth_seq_id 
_pdbx_struct_sheet_hbond.range_2_label_atom_id 
_pdbx_struct_sheet_hbond.range_2_label_comp_id 
_pdbx_struct_sheet_hbond.range_2_label_asym_id 
_pdbx_struct_sheet_hbond.range_2_label_seq_id 
_pdbx_struct_sheet_hbond.range_2_PDB_ins_code 
_pdbx_struct_sheet_hbond.range_2_auth_atom_id 
_pdbx_struct_sheet_hbond.range_2_auth_comp_id 
_pdbx_struct_sheet_hbond.range_2_auth_asym_id 
_pdbx_struct_sheet_hbond.range_2_auth_seq_id 
A 1 2 O LEU A 42  ? O LEU A 158 N HIS A 34  ? N HIS A 150 
A 2 3 N GLY A 31  ? N GLY A 147 O SER A 121 ? O SER A 237 
A 3 4 O GLN A 118 ? O GLN A 234 N ILE A 106 ? N ILE A 222 
A 4 5 O ASN A 103 ? O ASN A 219 N SER A 92  ? N SER A 208 
B 1 2 O LEU B 42  ? O LEU B 158 N HIS B 34  ? N HIS B 150 
B 2 3 N GLY B 31  ? N GLY B 147 O SER B 121 ? O SER B 237 
B 3 4 O ARG B 122 ? O ARG B 238 N HIS B 102 ? N HIS B 218 
B 4 5 O ASN B 103 ? O ASN B 219 N SER B 92  ? N SER B 208 
# 
_pdbx_entry_details.entry_id                   3FC7 
_pdbx_entry_details.compound_details           ? 
_pdbx_entry_details.source_details             ? 
_pdbx_entry_details.nonpolymer_details         ? 
_pdbx_entry_details.sequence_details           ? 
_pdbx_entry_details.has_ligand_of_interest     ? 
_pdbx_entry_details.has_protein_modification   Y 
# 
_pdbx_validate_rmsd_angle.id                         1 
_pdbx_validate_rmsd_angle.PDB_model_num              1 
_pdbx_validate_rmsd_angle.auth_atom_id_1             NE 
_pdbx_validate_rmsd_angle.auth_asym_id_1             B 
_pdbx_validate_rmsd_angle.auth_comp_id_1             ARG 
_pdbx_validate_rmsd_angle.auth_seq_id_1              192 
_pdbx_validate_rmsd_angle.PDB_ins_code_1             ? 
_pdbx_validate_rmsd_angle.label_alt_id_1             ? 
_pdbx_validate_rmsd_angle.auth_atom_id_2             CZ 
_pdbx_validate_rmsd_angle.auth_asym_id_2             B 
_pdbx_validate_rmsd_angle.auth_comp_id_2             ARG 
_pdbx_validate_rmsd_angle.auth_seq_id_2              192 
_pdbx_validate_rmsd_angle.PDB_ins_code_2             ? 
_pdbx_validate_rmsd_angle.label_alt_id_2             ? 
_pdbx_validate_rmsd_angle.auth_atom_id_3             NH2 
_pdbx_validate_rmsd_angle.auth_asym_id_3             B 
_pdbx_validate_rmsd_angle.auth_comp_id_3             ARG 
_pdbx_validate_rmsd_angle.auth_seq_id_3              192 
_pdbx_validate_rmsd_angle.PDB_ins_code_3             ? 
_pdbx_validate_rmsd_angle.label_alt_id_3             ? 
_pdbx_validate_rmsd_angle.angle_value                123.53 
_pdbx_validate_rmsd_angle.angle_target_value         120.30 
_pdbx_validate_rmsd_angle.angle_deviation            3.23 
_pdbx_validate_rmsd_angle.angle_standard_deviation   0.50 
_pdbx_validate_rmsd_angle.linker_flag                N 
# 
loop_
_pdbx_validate_torsion.id 
_pdbx_validate_torsion.PDB_model_num 
_pdbx_validate_torsion.auth_comp_id 
_pdbx_validate_torsion.auth_asym_id 
_pdbx_validate_torsion.auth_seq_id 
_pdbx_validate_torsion.PDB_ins_code 
_pdbx_validate_torsion.label_alt_id 
_pdbx_validate_torsion.phi 
_pdbx_validate_torsion.psi 
1  1 PRO A 145 ? ? -46.16  166.94  
2  1 ASN A 161 ? ? -30.11  147.45  
3  1 SER A 226 ? ? -16.11  -61.90  
4  1 SER A 230 ? ? -64.08  66.53   
5  1 ASP A 231 ? ? -153.54 -26.51  
6  1 PRO B 145 ? ? -49.68  -6.64   
7  1 ASN B 161 ? ? -32.07  141.83  
8  1 ALA B 170 ? ? -102.88 -162.50 
9  1 VAL B 183 ? ? -140.91 -8.35   
10 1 SER B 186 ? ? -60.26  -73.81  
# 
_pdbx_SG_project.id                    1 
_pdbx_SG_project.project_name          'PSI, Protein Structure Initiative' 
_pdbx_SG_project.full_name_of_center   'Midwest Center for Structural Genomics' 
_pdbx_SG_project.initial_of_center     MCSG 
# 
loop_
_pdbx_struct_mod_residue.id 
_pdbx_struct_mod_residue.label_asym_id 
_pdbx_struct_mod_residue.label_comp_id 
_pdbx_struct_mod_residue.label_seq_id 
_pdbx_struct_mod_residue.auth_asym_id 
_pdbx_struct_mod_residue.auth_comp_id 
_pdbx_struct_mod_residue.auth_seq_id 
_pdbx_struct_mod_residue.PDB_ins_code 
_pdbx_struct_mod_residue.parent_comp_id 
_pdbx_struct_mod_residue.details 
1 A MSE 48 A MSE 164 ? MET SELENOMETHIONINE 
2 A MSE 68 A MSE 184 ? MET SELENOMETHIONINE 
3 B MSE 48 B MSE 164 ? MET SELENOMETHIONINE 
4 B MSE 68 B MSE 184 ? MET SELENOMETHIONINE 
# 
loop_
_pdbx_refine_tls.pdbx_refine_id 
_pdbx_refine_tls.id 
_pdbx_refine_tls.details 
_pdbx_refine_tls.method 
_pdbx_refine_tls.origin_x 
_pdbx_refine_tls.origin_y 
_pdbx_refine_tls.origin_z 
_pdbx_refine_tls.T[1][1] 
_pdbx_refine_tls.T[2][2] 
_pdbx_refine_tls.T[3][3] 
_pdbx_refine_tls.T[1][2] 
_pdbx_refine_tls.T[1][3] 
_pdbx_refine_tls.T[2][3] 
_pdbx_refine_tls.L[1][1] 
_pdbx_refine_tls.L[2][2] 
_pdbx_refine_tls.L[3][3] 
_pdbx_refine_tls.L[1][2] 
_pdbx_refine_tls.L[1][3] 
_pdbx_refine_tls.L[2][3] 
_pdbx_refine_tls.S[1][1] 
_pdbx_refine_tls.S[2][2] 
_pdbx_refine_tls.S[3][3] 
_pdbx_refine_tls.S[1][2] 
_pdbx_refine_tls.S[1][3] 
_pdbx_refine_tls.S[2][3] 
_pdbx_refine_tls.S[2][1] 
_pdbx_refine_tls.S[3][1] 
_pdbx_refine_tls.S[3][2] 
'X-RAY DIFFRACTION' 1 ? refined 0.7257  -3.6598 9.4028  0.1184 0.2192 0.2643 -0.1238 -0.0116 0.0332 9.8173 7.7934 5.0416 -0.1426 2.8075  -1.9743 0.3691  -0.1337 -0.2353 -0.1374 0.1471 0.2249 0.1688  0.0657 -0.2478 
'X-RAY DIFFRACTION' 2 ? refined -0.3662 3.9497  -9.5180 0.1559 0.5171 0.3928 0.0300  -0.0113 0.1659 9.3816 4.6219 2.5252 6.0857  -1.2280 -1.0533 -0.1444 0.2599  -0.1154 0.6770  0.2366 0.4054 -0.3358 0.0589 -0.3629 
# 
loop_
_pdbx_refine_tls_group.pdbx_refine_id 
_pdbx_refine_tls_group.id 
_pdbx_refine_tls_group.refine_tls_id 
_pdbx_refine_tls_group.beg_auth_asym_id 
_pdbx_refine_tls_group.beg_auth_seq_id 
_pdbx_refine_tls_group.end_auth_asym_id 
_pdbx_refine_tls_group.end_auth_seq_id 
_pdbx_refine_tls_group.selection_details 
_pdbx_refine_tls_group.beg_label_asym_id 
_pdbx_refine_tls_group.beg_label_seq_id 
_pdbx_refine_tls_group.end_label_asym_id 
_pdbx_refine_tls_group.end_label_seq_id 
_pdbx_refine_tls_group.selection 
'X-RAY DIFFRACTION' 1 1 A 142 A 241 ? . . . . ? 
'X-RAY DIFFRACTION' 2 2 B 144 B 241 ? . . . . ? 
# 
loop_
_pdbx_unobs_or_zero_occ_residues.id 
_pdbx_unobs_or_zero_occ_residues.PDB_model_num 
_pdbx_unobs_or_zero_occ_residues.polymer_flag 
_pdbx_unobs_or_zero_occ_residues.occupancy_flag 
_pdbx_unobs_or_zero_occ_residues.auth_asym_id 
_pdbx_unobs_or_zero_occ_residues.auth_comp_id 
_pdbx_unobs_or_zero_occ_residues.auth_seq_id 
_pdbx_unobs_or_zero_occ_residues.PDB_ins_code 
_pdbx_unobs_or_zero_occ_residues.label_asym_id 
_pdbx_unobs_or_zero_occ_residues.label_comp_id 
_pdbx_unobs_or_zero_occ_residues.label_seq_id 
1  1 Y 1 A SER 117 ? A SER 1  
2  1 Y 1 A ASN 118 ? A ASN 2  
3  1 Y 1 A ALA 119 ? A ALA 3  
4  1 Y 1 A LEU 120 ? A LEU 4  
5  1 Y 1 A ALA 121 ? A ALA 5  
6  1 Y 1 A ASN 122 ? A ASN 6  
7  1 Y 1 A ARG 123 ? A ARG 7  
8  1 Y 1 A ILE 124 ? A ILE 8  
9  1 Y 1 A GLU 125 ? A GLU 9  
10 1 Y 1 A ASN 126 ? A ASN 10 
11 1 Y 1 A VAL 127 ? A VAL 11 
12 1 Y 1 A VAL 128 ? A VAL 12 
13 1 Y 1 A SER 129 ? A SER 13 
14 1 Y 1 A GLN 130 ? A GLN 14 
15 1 Y 1 A GLU 131 ? A GLU 15 
16 1 Y 1 A ARG 132 ? A ARG 16 
17 1 Y 1 A THR 133 ? A THR 17 
18 1 Y 1 A ARG 134 ? A ARG 18 
19 1 Y 1 A LYS 135 ? A LYS 19 
20 1 Y 1 A LYS 136 ? A LYS 20 
21 1 Y 1 A PHE 137 ? A PHE 21 
22 1 Y 1 A GLU 138 ? A GLU 22 
23 1 Y 1 A SER 139 ? A SER 23 
24 1 Y 1 A LEU 140 ? A LEU 24 
25 1 Y 1 A VAL 141 ? A VAL 25 
26 1 Y 1 B SER 117 ? B SER 1  
27 1 Y 1 B ASN 118 ? B ASN 2  
28 1 Y 1 B ALA 119 ? B ALA 3  
29 1 Y 1 B LEU 120 ? B LEU 4  
30 1 Y 1 B ALA 121 ? B ALA 5  
31 1 Y 1 B ASN 122 ? B ASN 6  
32 1 Y 1 B ARG 123 ? B ARG 7  
33 1 Y 1 B ILE 124 ? B ILE 8  
34 1 Y 1 B GLU 125 ? B GLU 9  
35 1 Y 1 B ASN 126 ? B ASN 10 
36 1 Y 1 B VAL 127 ? B VAL 11 
37 1 Y 1 B VAL 128 ? B VAL 12 
38 1 Y 1 B SER 129 ? B SER 13 
39 1 Y 1 B GLN 130 ? B GLN 14 
40 1 Y 1 B GLU 131 ? B GLU 15 
41 1 Y 1 B ARG 132 ? B ARG 16 
42 1 Y 1 B THR 133 ? B THR 17 
43 1 Y 1 B ARG 134 ? B ARG 18 
44 1 Y 1 B LYS 135 ? B LYS 19 
45 1 Y 1 B LYS 136 ? B LYS 20 
46 1 Y 1 B PHE 137 ? B PHE 21 
47 1 Y 1 B GLU 138 ? B GLU 22 
48 1 Y 1 B SER 139 ? B SER 23 
49 1 Y 1 B LEU 140 ? B LEU 24 
50 1 Y 1 B VAL 141 ? B VAL 25 
51 1 Y 1 B SER 142 ? B SER 26 
52 1 Y 1 B ASP 143 ? B ASP 27 
# 
loop_
_chem_comp_atom.comp_id 
_chem_comp_atom.atom_id 
_chem_comp_atom.type_symbol 
_chem_comp_atom.pdbx_aromatic_flag 
_chem_comp_atom.pdbx_stereo_config 
_chem_comp_atom.pdbx_ordinal 
ALA N    N  N N 1   
ALA CA   C  N S 2   
ALA C    C  N N 3   
ALA O    O  N N 4   
ALA CB   C  N N 5   
ALA OXT  O  N N 6   
ALA H    H  N N 7   
ALA H2   H  N N 8   
ALA HA   H  N N 9   
ALA HB1  H  N N 10  
ALA HB2  H  N N 11  
ALA HB3  H  N N 12  
ALA HXT  H  N N 13  
ARG N    N  N N 14  
ARG CA   C  N S 15  
ARG C    C  N N 16  
ARG O    O  N N 17  
ARG CB   C  N N 18  
ARG CG   C  N N 19  
ARG CD   C  N N 20  
ARG NE   N  N N 21  
ARG CZ   C  N N 22  
ARG NH1  N  N N 23  
ARG NH2  N  N N 24  
ARG OXT  O  N N 25  
ARG H    H  N N 26  
ARG H2   H  N N 27  
ARG HA   H  N N 28  
ARG HB2  H  N N 29  
ARG HB3  H  N N 30  
ARG HG2  H  N N 31  
ARG HG3  H  N N 32  
ARG HD2  H  N N 33  
ARG HD3  H  N N 34  
ARG HE   H  N N 35  
ARG HH11 H  N N 36  
ARG HH12 H  N N 37  
ARG HH21 H  N N 38  
ARG HH22 H  N N 39  
ARG HXT  H  N N 40  
ASN N    N  N N 41  
ASN CA   C  N S 42  
ASN C    C  N N 43  
ASN O    O  N N 44  
ASN CB   C  N N 45  
ASN CG   C  N N 46  
ASN OD1  O  N N 47  
ASN ND2  N  N N 48  
ASN OXT  O  N N 49  
ASN H    H  N N 50  
ASN H2   H  N N 51  
ASN HA   H  N N 52  
ASN HB2  H  N N 53  
ASN HB3  H  N N 54  
ASN HD21 H  N N 55  
ASN HD22 H  N N 56  
ASN HXT  H  N N 57  
ASP N    N  N N 58  
ASP CA   C  N S 59  
ASP C    C  N N 60  
ASP O    O  N N 61  
ASP CB   C  N N 62  
ASP CG   C  N N 63  
ASP OD1  O  N N 64  
ASP OD2  O  N N 65  
ASP OXT  O  N N 66  
ASP H    H  N N 67  
ASP H2   H  N N 68  
ASP HA   H  N N 69  
ASP HB2  H  N N 70  
ASP HB3  H  N N 71  
ASP HD2  H  N N 72  
ASP HXT  H  N N 73  
GLN N    N  N N 74  
GLN CA   C  N S 75  
GLN C    C  N N 76  
GLN O    O  N N 77  
GLN CB   C  N N 78  
GLN CG   C  N N 79  
GLN CD   C  N N 80  
GLN OE1  O  N N 81  
GLN NE2  N  N N 82  
GLN OXT  O  N N 83  
GLN H    H  N N 84  
GLN H2   H  N N 85  
GLN HA   H  N N 86  
GLN HB2  H  N N 87  
GLN HB3  H  N N 88  
GLN HG2  H  N N 89  
GLN HG3  H  N N 90  
GLN HE21 H  N N 91  
GLN HE22 H  N N 92  
GLN HXT  H  N N 93  
GLU N    N  N N 94  
GLU CA   C  N S 95  
GLU C    C  N N 96  
GLU O    O  N N 97  
GLU CB   C  N N 98  
GLU CG   C  N N 99  
GLU CD   C  N N 100 
GLU OE1  O  N N 101 
GLU OE2  O  N N 102 
GLU OXT  O  N N 103 
GLU H    H  N N 104 
GLU H2   H  N N 105 
GLU HA   H  N N 106 
GLU HB2  H  N N 107 
GLU HB3  H  N N 108 
GLU HG2  H  N N 109 
GLU HG3  H  N N 110 
GLU HE2  H  N N 111 
GLU HXT  H  N N 112 
GLY N    N  N N 113 
GLY CA   C  N N 114 
GLY C    C  N N 115 
GLY O    O  N N 116 
GLY OXT  O  N N 117 
GLY H    H  N N 118 
GLY H2   H  N N 119 
GLY HA2  H  N N 120 
GLY HA3  H  N N 121 
GLY HXT  H  N N 122 
HIS N    N  N N 123 
HIS CA   C  N S 124 
HIS C    C  N N 125 
HIS O    O  N N 126 
HIS CB   C  N N 127 
HIS CG   C  Y N 128 
HIS ND1  N  Y N 129 
HIS CD2  C  Y N 130 
HIS CE1  C  Y N 131 
HIS NE2  N  Y N 132 
HIS OXT  O  N N 133 
HIS H    H  N N 134 
HIS H2   H  N N 135 
HIS HA   H  N N 136 
HIS HB2  H  N N 137 
HIS HB3  H  N N 138 
HIS HD1  H  N N 139 
HIS HD2  H  N N 140 
HIS HE1  H  N N 141 
HIS HE2  H  N N 142 
HIS HXT  H  N N 143 
HOH O    O  N N 144 
HOH H1   H  N N 145 
HOH H2   H  N N 146 
ILE N    N  N N 147 
ILE CA   C  N S 148 
ILE C    C  N N 149 
ILE O    O  N N 150 
ILE CB   C  N S 151 
ILE CG1  C  N N 152 
ILE CG2  C  N N 153 
ILE CD1  C  N N 154 
ILE OXT  O  N N 155 
ILE H    H  N N 156 
ILE H2   H  N N 157 
ILE HA   H  N N 158 
ILE HB   H  N N 159 
ILE HG12 H  N N 160 
ILE HG13 H  N N 161 
ILE HG21 H  N N 162 
ILE HG22 H  N N 163 
ILE HG23 H  N N 164 
ILE HD11 H  N N 165 
ILE HD12 H  N N 166 
ILE HD13 H  N N 167 
ILE HXT  H  N N 168 
LEU N    N  N N 169 
LEU CA   C  N S 170 
LEU C    C  N N 171 
LEU O    O  N N 172 
LEU CB   C  N N 173 
LEU CG   C  N N 174 
LEU CD1  C  N N 175 
LEU CD2  C  N N 176 
LEU OXT  O  N N 177 
LEU H    H  N N 178 
LEU H2   H  N N 179 
LEU HA   H  N N 180 
LEU HB2  H  N N 181 
LEU HB3  H  N N 182 
LEU HG   H  N N 183 
LEU HD11 H  N N 184 
LEU HD12 H  N N 185 
LEU HD13 H  N N 186 
LEU HD21 H  N N 187 
LEU HD22 H  N N 188 
LEU HD23 H  N N 189 
LEU HXT  H  N N 190 
LYS N    N  N N 191 
LYS CA   C  N S 192 
LYS C    C  N N 193 
LYS O    O  N N 194 
LYS CB   C  N N 195 
LYS CG   C  N N 196 
LYS CD   C  N N 197 
LYS CE   C  N N 198 
LYS NZ   N  N N 199 
LYS OXT  O  N N 200 
LYS H    H  N N 201 
LYS H2   H  N N 202 
LYS HA   H  N N 203 
LYS HB2  H  N N 204 
LYS HB3  H  N N 205 
LYS HG2  H  N N 206 
LYS HG3  H  N N 207 
LYS HD2  H  N N 208 
LYS HD3  H  N N 209 
LYS HE2  H  N N 210 
LYS HE3  H  N N 211 
LYS HZ1  H  N N 212 
LYS HZ2  H  N N 213 
LYS HZ3  H  N N 214 
LYS HXT  H  N N 215 
MSE N    N  N N 216 
MSE CA   C  N S 217 
MSE C    C  N N 218 
MSE O    O  N N 219 
MSE OXT  O  N N 220 
MSE CB   C  N N 221 
MSE CG   C  N N 222 
MSE SE   SE N N 223 
MSE CE   C  N N 224 
MSE H    H  N N 225 
MSE H2   H  N N 226 
MSE HA   H  N N 227 
MSE HXT  H  N N 228 
MSE HB2  H  N N 229 
MSE HB3  H  N N 230 
MSE HG2  H  N N 231 
MSE HG3  H  N N 232 
MSE HE1  H  N N 233 
MSE HE2  H  N N 234 
MSE HE3  H  N N 235 
PHE N    N  N N 236 
PHE CA   C  N S 237 
PHE C    C  N N 238 
PHE O    O  N N 239 
PHE CB   C  N N 240 
PHE CG   C  Y N 241 
PHE CD1  C  Y N 242 
PHE CD2  C  Y N 243 
PHE CE1  C  Y N 244 
PHE CE2  C  Y N 245 
PHE CZ   C  Y N 246 
PHE OXT  O  N N 247 
PHE H    H  N N 248 
PHE H2   H  N N 249 
PHE HA   H  N N 250 
PHE HB2  H  N N 251 
PHE HB3  H  N N 252 
PHE HD1  H  N N 253 
PHE HD2  H  N N 254 
PHE HE1  H  N N 255 
PHE HE2  H  N N 256 
PHE HZ   H  N N 257 
PHE HXT  H  N N 258 
PRO N    N  N N 259 
PRO CA   C  N S 260 
PRO C    C  N N 261 
PRO O    O  N N 262 
PRO CB   C  N N 263 
PRO CG   C  N N 264 
PRO CD   C  N N 265 
PRO OXT  O  N N 266 
PRO H    H  N N 267 
PRO HA   H  N N 268 
PRO HB2  H  N N 269 
PRO HB3  H  N N 270 
PRO HG2  H  N N 271 
PRO HG3  H  N N 272 
PRO HD2  H  N N 273 
PRO HD3  H  N N 274 
PRO HXT  H  N N 275 
SER N    N  N N 276 
SER CA   C  N S 277 
SER C    C  N N 278 
SER O    O  N N 279 
SER CB   C  N N 280 
SER OG   O  N N 281 
SER OXT  O  N N 282 
SER H    H  N N 283 
SER H2   H  N N 284 
SER HA   H  N N 285 
SER HB2  H  N N 286 
SER HB3  H  N N 287 
SER HG   H  N N 288 
SER HXT  H  N N 289 
THR N    N  N N 290 
THR CA   C  N S 291 
THR C    C  N N 292 
THR O    O  N N 293 
THR CB   C  N R 294 
THR OG1  O  N N 295 
THR CG2  C  N N 296 
THR OXT  O  N N 297 
THR H    H  N N 298 
THR H2   H  N N 299 
THR HA   H  N N 300 
THR HB   H  N N 301 
THR HG1  H  N N 302 
THR HG21 H  N N 303 
THR HG22 H  N N 304 
THR HG23 H  N N 305 
THR HXT  H  N N 306 
TYR N    N  N N 307 
TYR CA   C  N S 308 
TYR C    C  N N 309 
TYR O    O  N N 310 
TYR CB   C  N N 311 
TYR CG   C  Y N 312 
TYR CD1  C  Y N 313 
TYR CD2  C  Y N 314 
TYR CE1  C  Y N 315 
TYR CE2  C  Y N 316 
TYR CZ   C  Y N 317 
TYR OH   O  N N 318 
TYR OXT  O  N N 319 
TYR H    H  N N 320 
TYR H2   H  N N 321 
TYR HA   H  N N 322 
TYR HB2  H  N N 323 
TYR HB3  H  N N 324 
TYR HD1  H  N N 325 
TYR HD2  H  N N 326 
TYR HE1  H  N N 327 
TYR HE2  H  N N 328 
TYR HH   H  N N 329 
TYR HXT  H  N N 330 
VAL N    N  N N 331 
VAL CA   C  N S 332 
VAL C    C  N N 333 
VAL O    O  N N 334 
VAL CB   C  N N 335 
VAL CG1  C  N N 336 
VAL CG2  C  N N 337 
VAL OXT  O  N N 338 
VAL H    H  N N 339 
VAL H2   H  N N 340 
VAL HA   H  N N 341 
VAL HB   H  N N 342 
VAL HG11 H  N N 343 
VAL HG12 H  N N 344 
VAL HG13 H  N N 345 
VAL HG21 H  N N 346 
VAL HG22 H  N N 347 
VAL HG23 H  N N 348 
VAL HXT  H  N N 349 
# 
loop_
_chem_comp_bond.comp_id 
_chem_comp_bond.atom_id_1 
_chem_comp_bond.atom_id_2 
_chem_comp_bond.value_order 
_chem_comp_bond.pdbx_aromatic_flag 
_chem_comp_bond.pdbx_stereo_config 
_chem_comp_bond.pdbx_ordinal 
ALA N   CA   sing N N 1   
ALA N   H    sing N N 2   
ALA N   H2   sing N N 3   
ALA CA  C    sing N N 4   
ALA CA  CB   sing N N 5   
ALA CA  HA   sing N N 6   
ALA C   O    doub N N 7   
ALA C   OXT  sing N N 8   
ALA CB  HB1  sing N N 9   
ALA CB  HB2  sing N N 10  
ALA CB  HB3  sing N N 11  
ALA OXT HXT  sing N N 12  
ARG N   CA   sing N N 13  
ARG N   H    sing N N 14  
ARG N   H2   sing N N 15  
ARG CA  C    sing N N 16  
ARG CA  CB   sing N N 17  
ARG CA  HA   sing N N 18  
ARG C   O    doub N N 19  
ARG C   OXT  sing N N 20  
ARG CB  CG   sing N N 21  
ARG CB  HB2  sing N N 22  
ARG CB  HB3  sing N N 23  
ARG CG  CD   sing N N 24  
ARG CG  HG2  sing N N 25  
ARG CG  HG3  sing N N 26  
ARG CD  NE   sing N N 27  
ARG CD  HD2  sing N N 28  
ARG CD  HD3  sing N N 29  
ARG NE  CZ   sing N N 30  
ARG NE  HE   sing N N 31  
ARG CZ  NH1  sing N N 32  
ARG CZ  NH2  doub N N 33  
ARG NH1 HH11 sing N N 34  
ARG NH1 HH12 sing N N 35  
ARG NH2 HH21 sing N N 36  
ARG NH2 HH22 sing N N 37  
ARG OXT HXT  sing N N 38  
ASN N   CA   sing N N 39  
ASN N   H    sing N N 40  
ASN N   H2   sing N N 41  
ASN CA  C    sing N N 42  
ASN CA  CB   sing N N 43  
ASN CA  HA   sing N N 44  
ASN C   O    doub N N 45  
ASN C   OXT  sing N N 46  
ASN CB  CG   sing N N 47  
ASN CB  HB2  sing N N 48  
ASN CB  HB3  sing N N 49  
ASN CG  OD1  doub N N 50  
ASN CG  ND2  sing N N 51  
ASN ND2 HD21 sing N N 52  
ASN ND2 HD22 sing N N 53  
ASN OXT HXT  sing N N 54  
ASP N   CA   sing N N 55  
ASP N   H    sing N N 56  
ASP N   H2   sing N N 57  
ASP CA  C    sing N N 58  
ASP CA  CB   sing N N 59  
ASP CA  HA   sing N N 60  
ASP C   O    doub N N 61  
ASP C   OXT  sing N N 62  
ASP CB  CG   sing N N 63  
ASP CB  HB2  sing N N 64  
ASP CB  HB3  sing N N 65  
ASP CG  OD1  doub N N 66  
ASP CG  OD2  sing N N 67  
ASP OD2 HD2  sing N N 68  
ASP OXT HXT  sing N N 69  
GLN N   CA   sing N N 70  
GLN N   H    sing N N 71  
GLN N   H2   sing N N 72  
GLN CA  C    sing N N 73  
GLN CA  CB   sing N N 74  
GLN CA  HA   sing N N 75  
GLN C   O    doub N N 76  
GLN C   OXT  sing N N 77  
GLN CB  CG   sing N N 78  
GLN CB  HB2  sing N N 79  
GLN CB  HB3  sing N N 80  
GLN CG  CD   sing N N 81  
GLN CG  HG2  sing N N 82  
GLN CG  HG3  sing N N 83  
GLN CD  OE1  doub N N 84  
GLN CD  NE2  sing N N 85  
GLN NE2 HE21 sing N N 86  
GLN NE2 HE22 sing N N 87  
GLN OXT HXT  sing N N 88  
GLU N   CA   sing N N 89  
GLU N   H    sing N N 90  
GLU N   H2   sing N N 91  
GLU CA  C    sing N N 92  
GLU CA  CB   sing N N 93  
GLU CA  HA   sing N N 94  
GLU C   O    doub N N 95  
GLU C   OXT  sing N N 96  
GLU CB  CG   sing N N 97  
GLU CB  HB2  sing N N 98  
GLU CB  HB3  sing N N 99  
GLU CG  CD   sing N N 100 
GLU CG  HG2  sing N N 101 
GLU CG  HG3  sing N N 102 
GLU CD  OE1  doub N N 103 
GLU CD  OE2  sing N N 104 
GLU OE2 HE2  sing N N 105 
GLU OXT HXT  sing N N 106 
GLY N   CA   sing N N 107 
GLY N   H    sing N N 108 
GLY N   H2   sing N N 109 
GLY CA  C    sing N N 110 
GLY CA  HA2  sing N N 111 
GLY CA  HA3  sing N N 112 
GLY C   O    doub N N 113 
GLY C   OXT  sing N N 114 
GLY OXT HXT  sing N N 115 
HIS N   CA   sing N N 116 
HIS N   H    sing N N 117 
HIS N   H2   sing N N 118 
HIS CA  C    sing N N 119 
HIS CA  CB   sing N N 120 
HIS CA  HA   sing N N 121 
HIS C   O    doub N N 122 
HIS C   OXT  sing N N 123 
HIS CB  CG   sing N N 124 
HIS CB  HB2  sing N N 125 
HIS CB  HB3  sing N N 126 
HIS CG  ND1  sing Y N 127 
HIS CG  CD2  doub Y N 128 
HIS ND1 CE1  doub Y N 129 
HIS ND1 HD1  sing N N 130 
HIS CD2 NE2  sing Y N 131 
HIS CD2 HD2  sing N N 132 
HIS CE1 NE2  sing Y N 133 
HIS CE1 HE1  sing N N 134 
HIS NE2 HE2  sing N N 135 
HIS OXT HXT  sing N N 136 
HOH O   H1   sing N N 137 
HOH O   H2   sing N N 138 
ILE N   CA   sing N N 139 
ILE N   H    sing N N 140 
ILE N   H2   sing N N 141 
ILE CA  C    sing N N 142 
ILE CA  CB   sing N N 143 
ILE CA  HA   sing N N 144 
ILE C   O    doub N N 145 
ILE C   OXT  sing N N 146 
ILE CB  CG1  sing N N 147 
ILE CB  CG2  sing N N 148 
ILE CB  HB   sing N N 149 
ILE CG1 CD1  sing N N 150 
ILE CG1 HG12 sing N N 151 
ILE CG1 HG13 sing N N 152 
ILE CG2 HG21 sing N N 153 
ILE CG2 HG22 sing N N 154 
ILE CG2 HG23 sing N N 155 
ILE CD1 HD11 sing N N 156 
ILE CD1 HD12 sing N N 157 
ILE CD1 HD13 sing N N 158 
ILE OXT HXT  sing N N 159 
LEU N   CA   sing N N 160 
LEU N   H    sing N N 161 
LEU N   H2   sing N N 162 
LEU CA  C    sing N N 163 
LEU CA  CB   sing N N 164 
LEU CA  HA   sing N N 165 
LEU C   O    doub N N 166 
LEU C   OXT  sing N N 167 
LEU CB  CG   sing N N 168 
LEU CB  HB2  sing N N 169 
LEU CB  HB3  sing N N 170 
LEU CG  CD1  sing N N 171 
LEU CG  CD2  sing N N 172 
LEU CG  HG   sing N N 173 
LEU CD1 HD11 sing N N 174 
LEU CD1 HD12 sing N N 175 
LEU CD1 HD13 sing N N 176 
LEU CD2 HD21 sing N N 177 
LEU CD2 HD22 sing N N 178 
LEU CD2 HD23 sing N N 179 
LEU OXT HXT  sing N N 180 
LYS N   CA   sing N N 181 
LYS N   H    sing N N 182 
LYS N   H2   sing N N 183 
LYS CA  C    sing N N 184 
LYS CA  CB   sing N N 185 
LYS CA  HA   sing N N 186 
LYS C   O    doub N N 187 
LYS C   OXT  sing N N 188 
LYS CB  CG   sing N N 189 
LYS CB  HB2  sing N N 190 
LYS CB  HB3  sing N N 191 
LYS CG  CD   sing N N 192 
LYS CG  HG2  sing N N 193 
LYS CG  HG3  sing N N 194 
LYS CD  CE   sing N N 195 
LYS CD  HD2  sing N N 196 
LYS CD  HD3  sing N N 197 
LYS CE  NZ   sing N N 198 
LYS CE  HE2  sing N N 199 
LYS CE  HE3  sing N N 200 
LYS NZ  HZ1  sing N N 201 
LYS NZ  HZ2  sing N N 202 
LYS NZ  HZ3  sing N N 203 
LYS OXT HXT  sing N N 204 
MSE N   CA   sing N N 205 
MSE N   H    sing N N 206 
MSE N   H2   sing N N 207 
MSE CA  C    sing N N 208 
MSE CA  CB   sing N N 209 
MSE CA  HA   sing N N 210 
MSE C   O    doub N N 211 
MSE C   OXT  sing N N 212 
MSE OXT HXT  sing N N 213 
MSE CB  CG   sing N N 214 
MSE CB  HB2  sing N N 215 
MSE CB  HB3  sing N N 216 
MSE CG  SE   sing N N 217 
MSE CG  HG2  sing N N 218 
MSE CG  HG3  sing N N 219 
MSE SE  CE   sing N N 220 
MSE CE  HE1  sing N N 221 
MSE CE  HE2  sing N N 222 
MSE CE  HE3  sing N N 223 
PHE N   CA   sing N N 224 
PHE N   H    sing N N 225 
PHE N   H2   sing N N 226 
PHE CA  C    sing N N 227 
PHE CA  CB   sing N N 228 
PHE CA  HA   sing N N 229 
PHE C   O    doub N N 230 
PHE C   OXT  sing N N 231 
PHE CB  CG   sing N N 232 
PHE CB  HB2  sing N N 233 
PHE CB  HB3  sing N N 234 
PHE CG  CD1  doub Y N 235 
PHE CG  CD2  sing Y N 236 
PHE CD1 CE1  sing Y N 237 
PHE CD1 HD1  sing N N 238 
PHE CD2 CE2  doub Y N 239 
PHE CD2 HD2  sing N N 240 
PHE CE1 CZ   doub Y N 241 
PHE CE1 HE1  sing N N 242 
PHE CE2 CZ   sing Y N 243 
PHE CE2 HE2  sing N N 244 
PHE CZ  HZ   sing N N 245 
PHE OXT HXT  sing N N 246 
PRO N   CA   sing N N 247 
PRO N   CD   sing N N 248 
PRO N   H    sing N N 249 
PRO CA  C    sing N N 250 
PRO CA  CB   sing N N 251 
PRO CA  HA   sing N N 252 
PRO C   O    doub N N 253 
PRO C   OXT  sing N N 254 
PRO CB  CG   sing N N 255 
PRO CB  HB2  sing N N 256 
PRO CB  HB3  sing N N 257 
PRO CG  CD   sing N N 258 
PRO CG  HG2  sing N N 259 
PRO CG  HG3  sing N N 260 
PRO CD  HD2  sing N N 261 
PRO CD  HD3  sing N N 262 
PRO OXT HXT  sing N N 263 
SER N   CA   sing N N 264 
SER N   H    sing N N 265 
SER N   H2   sing N N 266 
SER CA  C    sing N N 267 
SER CA  CB   sing N N 268 
SER CA  HA   sing N N 269 
SER C   O    doub N N 270 
SER C   OXT  sing N N 271 
SER CB  OG   sing N N 272 
SER CB  HB2  sing N N 273 
SER CB  HB3  sing N N 274 
SER OG  HG   sing N N 275 
SER OXT HXT  sing N N 276 
THR N   CA   sing N N 277 
THR N   H    sing N N 278 
THR N   H2   sing N N 279 
THR CA  C    sing N N 280 
THR CA  CB   sing N N 281 
THR CA  HA   sing N N 282 
THR C   O    doub N N 283 
THR C   OXT  sing N N 284 
THR CB  OG1  sing N N 285 
THR CB  CG2  sing N N 286 
THR CB  HB   sing N N 287 
THR OG1 HG1  sing N N 288 
THR CG2 HG21 sing N N 289 
THR CG2 HG22 sing N N 290 
THR CG2 HG23 sing N N 291 
THR OXT HXT  sing N N 292 
TYR N   CA   sing N N 293 
TYR N   H    sing N N 294 
TYR N   H2   sing N N 295 
TYR CA  C    sing N N 296 
TYR CA  CB   sing N N 297 
TYR CA  HA   sing N N 298 
TYR C   O    doub N N 299 
TYR C   OXT  sing N N 300 
TYR CB  CG   sing N N 301 
TYR CB  HB2  sing N N 302 
TYR CB  HB3  sing N N 303 
TYR CG  CD1  doub Y N 304 
TYR CG  CD2  sing Y N 305 
TYR CD1 CE1  sing Y N 306 
TYR CD1 HD1  sing N N 307 
TYR CD2 CE2  doub Y N 308 
TYR CD2 HD2  sing N N 309 
TYR CE1 CZ   doub Y N 310 
TYR CE1 HE1  sing N N 311 
TYR CE2 CZ   sing Y N 312 
TYR CE2 HE2  sing N N 313 
TYR CZ  OH   sing N N 314 
TYR OH  HH   sing N N 315 
TYR OXT HXT  sing N N 316 
VAL N   CA   sing N N 317 
VAL N   H    sing N N 318 
VAL N   H2   sing N N 319 
VAL CA  C    sing N N 320 
VAL CA  CB   sing N N 321 
VAL CA  HA   sing N N 322 
VAL C   O    doub N N 323 
VAL C   OXT  sing N N 324 
VAL CB  CG1  sing N N 325 
VAL CB  CG2  sing N N 326 
VAL CB  HB   sing N N 327 
VAL CG1 HG11 sing N N 328 
VAL CG1 HG12 sing N N 329 
VAL CG1 HG13 sing N N 330 
VAL CG2 HG21 sing N N 331 
VAL CG2 HG22 sing N N 332 
VAL CG2 HG23 sing N N 333 
VAL OXT HXT  sing N N 334 
# 
_atom_sites.entry_id                    3FC7 
_atom_sites.fract_transf_matrix[1][1]   -0.01456601 
_atom_sites.fract_transf_matrix[1][2]   -0.01227249 
_atom_sites.fract_transf_matrix[1][3]   -0.00866474 
_atom_sites.fract_transf_matrix[2][1]   -0.01988709 
_atom_sites.fract_transf_matrix[2][2]   0.00125700 
_atom_sites.fract_transf_matrix[2][3]   0.00638585 
_atom_sites.fract_transf_matrix[3][1]   -0.00071197 
_atom_sites.fract_transf_matrix[3][2]   0.00279955 
_atom_sites.fract_transf_matrix[3][3]   -0.00276832 
_atom_sites.fract_transf_vector[1]      0.198576 
_atom_sites.fract_transf_vector[2]      0.331415 
_atom_sites.fract_transf_vector[3]      0.443036 
# 
loop_
_atom_type.symbol 
C  
N  
O  
SE 
# 
loop_
_atom_site.group_PDB 
_atom_site.id 
_atom_site.type_symbol 
_atom_site.label_atom_id 
_atom_site.label_alt_id 
_atom_site.label_comp_id 
_atom_site.label_asym_id 
_atom_site.label_entity_id 
_atom_site.label_seq_id 
_atom_site.pdbx_PDB_ins_code 
_atom_site.Cartn_x 
_atom_site.Cartn_y 
_atom_site.Cartn_z 
_atom_site.occupancy 
_atom_site.B_iso_or_equiv 
_atom_site.pdbx_formal_charge 
_atom_site.auth_seq_id 
_atom_site.auth_comp_id 
_atom_site.auth_asym_id 
_atom_site.auth_atom_id 
_atom_site.pdbx_PDB_model_num 
ATOM   1    N  N   . SER A 1 26  ? 16.724  -6.499  0.847   1.00 77.58 ? 142 SER A N   1 
ATOM   2    C  CA  . SER A 1 26  ? 17.231  -7.754  1.502   1.00 77.33 ? 142 SER A CA  1 
ATOM   3    C  C   . SER A 1 26  ? 16.592  -9.052  0.948   1.00 76.83 ? 142 SER A C   1 
ATOM   4    O  O   . SER A 1 26  ? 15.918  -9.033  -0.102  1.00 77.11 ? 142 SER A O   1 
ATOM   5    C  CB  . SER A 1 26  ? 17.151  -7.666  3.046   1.00 77.49 ? 142 SER A CB  1 
ATOM   6    O  OG  . SER A 1 26  ? 18.384  -7.212  3.617   1.00 77.37 ? 142 SER A OG  1 
ATOM   7    N  N   . ASP A 1 27  ? 16.827  -10.165 1.657   1.00 75.54 ? 143 ASP A N   1 
ATOM   8    C  CA  . ASP A 1 27  ? 16.452  -11.523 1.220   1.00 73.69 ? 143 ASP A CA  1 
ATOM   9    C  C   . ASP A 1 27  ? 14.951  -11.759 1.373   1.00 72.22 ? 143 ASP A C   1 
ATOM   10   O  O   . ASP A 1 27  ? 14.317  -12.381 0.502   1.00 72.20 ? 143 ASP A O   1 
ATOM   11   C  CB  . ASP A 1 27  ? 17.247  -12.582 2.004   1.00 73.59 ? 143 ASP A CB  1 
ATOM   12   C  CG  . ASP A 1 27  ? 18.764  -12.343 1.954   1.00 73.65 ? 143 ASP A CG  1 
ATOM   13   O  OD1 . ASP A 1 27  ? 19.485  -13.198 1.401   1.00 73.62 ? 143 ASP A OD1 1 
ATOM   14   O  OD2 . ASP A 1 27  ? 19.245  -11.300 2.456   1.00 73.66 ? 143 ASP A OD2 1 
ATOM   15   N  N   . SER A 1 28  ? 14.405  -11.266 2.490   1.00 69.58 ? 144 SER A N   1 
ATOM   16   C  CA  . SER A 1 28  ? 12.958  -11.218 2.707   1.00 67.01 ? 144 SER A CA  1 
ATOM   17   C  C   . SER A 1 28  ? 12.448  -9.919  2.103   1.00 63.82 ? 144 SER A C   1 
ATOM   18   O  O   . SER A 1 28  ? 12.826  -8.840  2.563   1.00 63.52 ? 144 SER A O   1 
ATOM   19   C  CB  . SER A 1 28  ? 12.579  -11.259 4.207   1.00 67.74 ? 144 SER A CB  1 
ATOM   20   O  OG  . SER A 1 28  ? 13.503  -12.003 5.001   1.00 68.55 ? 144 SER A OG  1 
ATOM   21   N  N   . PRO A 1 29  ? 11.604  -10.013 1.060   1.00 60.79 ? 145 PRO A N   1 
ATOM   22   C  CA  . PRO A 1 29  ? 10.800  -8.846  0.743   1.00 58.39 ? 145 PRO A CA  1 
ATOM   23   C  C   . PRO A 1 29  ? 10.209  -8.316  2.051   1.00 56.26 ? 145 PRO A C   1 
ATOM   24   O  O   . PRO A 1 29  ? 10.266  -9.014  3.073   1.00 56.56 ? 145 PRO A O   1 
ATOM   25   C  CB  . PRO A 1 29  ? 9.685   -9.415  -0.143  1.00 58.57 ? 145 PRO A CB  1 
ATOM   26   C  CG  . PRO A 1 29  ? 9.844   -10.915 -0.090  1.00 58.92 ? 145 PRO A CG  1 
ATOM   27   C  CD  . PRO A 1 29  ? 11.276  -11.152 0.191   1.00 59.54 ? 145 PRO A CD  1 
ATOM   28   N  N   . ASP A 1 30  ? 9.660   -7.102  2.028   1.00 53.48 ? 146 ASP A N   1 
ATOM   29   C  CA  . ASP A 1 30  ? 9.063   -6.486  3.219   1.00 50.41 ? 146 ASP A CA  1 
ATOM   30   C  C   . ASP A 1 30  ? 7.890   -7.321  3.678   1.00 47.83 ? 146 ASP A C   1 
ATOM   31   O  O   . ASP A 1 30  ? 7.289   -8.017  2.874   1.00 46.51 ? 146 ASP A O   1 
ATOM   32   C  CB  . ASP A 1 30  ? 8.555   -5.077  2.897   1.00 51.25 ? 146 ASP A CB  1 
ATOM   33   C  CG  . ASP A 1 30  ? 9.560   -4.255  2.094   1.00 52.49 ? 146 ASP A CG  1 
ATOM   34   O  OD1 . ASP A 1 30  ? 10.517  -3.726  2.724   1.00 53.24 ? 146 ASP A OD1 1 
ATOM   35   O  OD2 . ASP A 1 30  ? 9.395   -4.133  0.848   1.00 51.82 ? 146 ASP A OD2 1 
ATOM   36   N  N   . GLY A 1 31  ? 7.557   -7.238  4.958   1.00 45.40 ? 147 GLY A N   1 
ATOM   37   C  CA  . GLY A 1 31  ? 6.313   -7.804  5.442   1.00 43.58 ? 147 GLY A CA  1 
ATOM   38   C  C   . GLY A 1 31  ? 5.138   -6.894  5.103   1.00 42.68 ? 147 GLY A C   1 
ATOM   39   O  O   . GLY A 1 31  ? 5.183   -5.674  5.340   1.00 43.02 ? 147 GLY A O   1 
ATOM   40   N  N   . ILE A 1 32  ? 4.092   -7.492  4.548   1.00 40.91 ? 148 ILE A N   1 
ATOM   41   C  CA  . ILE A 1 32  ? 2.874   -6.783  4.195   1.00 39.99 ? 148 ILE A CA  1 
ATOM   42   C  C   . ILE A 1 32  ? 1.688   -7.443  4.872   1.00 40.34 ? 148 ILE A C   1 
ATOM   43   O  O   . ILE A 1 32  ? 1.559   -8.665  4.847   1.00 40.75 ? 148 ILE A O   1 
ATOM   44   C  CB  . ILE A 1 32  ? 2.594   -6.862  2.692   1.00 38.77 ? 148 ILE A CB  1 
ATOM   45   C  CG1 . ILE A 1 32  ? 3.790   -6.355  1.882   1.00 38.14 ? 148 ILE A CG1 1 
ATOM   46   C  CG2 . ILE A 1 32  ? 1.299   -6.121  2.353   1.00 36.95 ? 148 ILE A CG2 1 
ATOM   47   C  CD1 . ILE A 1 32  ? 3.654   -6.657  0.409   1.00 36.83 ? 148 ILE A CD1 1 
ATOM   48   N  N   . VAL A 1 33  ? 0.818   -6.641  5.464   1.00 39.94 ? 149 VAL A N   1 
ATOM   49   C  CA  . VAL A 1 33  ? -0.368  -7.177  6.070   1.00 40.32 ? 149 VAL A CA  1 
ATOM   50   C  C   . VAL A 1 33  ? -1.532  -6.253  5.781   1.00 41.88 ? 149 VAL A C   1 
ATOM   51   O  O   . VAL A 1 33  ? -1.419  -5.053  5.998   1.00 43.99 ? 149 VAL A O   1 
ATOM   52   C  CB  . VAL A 1 33  ? -0.170  -7.427  7.590   1.00 39.05 ? 149 VAL A CB  1 
ATOM   53   C  CG1 . VAL A 1 33  ? 0.498   -6.295  8.235   1.00 38.22 ? 149 VAL A CG1 1 
ATOM   54   C  CG2 . VAL A 1 33  ? -1.488  -7.704  8.264   1.00 38.80 ? 149 VAL A CG2 1 
ATOM   55   N  N   . HIS A 1 34  ? -2.616  -6.803  5.230   1.00 42.58 ? 150 HIS A N   1 
ATOM   56   C  CA  . HIS A 1 34  ? -3.879  -6.071  5.053   1.00 42.21 ? 150 HIS A CA  1 
ATOM   57   C  C   . HIS A 1 34  ? -4.703  -6.102  6.340   1.00 40.70 ? 150 HIS A C   1 
ATOM   58   O  O   . HIS A 1 34  ? -5.059  -7.188  6.883   1.00 40.42 ? 150 HIS A O   1 
ATOM   59   C  CB  . HIS A 1 34  ? -4.701  -6.631  3.883   1.00 44.71 ? 150 HIS A CB  1 
ATOM   60   C  CG  . HIS A 1 34  ? -4.009  -6.536  2.556   1.00 47.37 ? 150 HIS A CG  1 
ATOM   61   N  ND1 . HIS A 1 34  ? -2.912  -7.312  2.224   1.00 48.73 ? 150 HIS A ND1 1 
ATOM   62   C  CD2 . HIS A 1 34  ? -4.254  -5.753  1.476   1.00 47.50 ? 150 HIS A CD2 1 
ATOM   63   C  CE1 . HIS A 1 34  ? -2.520  -7.015  0.995   1.00 48.27 ? 150 HIS A CE1 1 
ATOM   64   N  NE2 . HIS A 1 34  ? -3.314  -6.070  0.519   1.00 47.74 ? 150 HIS A NE2 1 
ATOM   65   N  N   . LEU A 1 35  ? -5.015  -4.902  6.812   1.00 37.07 ? 151 LEU A N   1 
ATOM   66   C  CA  . LEU A 1 35  ? -5.638  -4.770  8.083   1.00 35.28 ? 151 LEU A CA  1 
ATOM   67   C  C   . LEU A 1 35  ? -6.926  -4.026  8.080   1.00 35.44 ? 151 LEU A C   1 
ATOM   68   O  O   . LEU A 1 35  ? -7.205  -3.179  7.258   1.00 36.40 ? 151 LEU A O   1 
ATOM   69   C  CB  . LEU A 1 35  ? -4.703  -4.052  9.023   1.00 34.08 ? 151 LEU A CB  1 
ATOM   70   C  CG  . LEU A 1 35  ? -3.574  -4.919  9.536   1.00 33.61 ? 151 LEU A CG  1 
ATOM   71   C  CD1 . LEU A 1 35  ? -2.416  -4.036  9.926   1.00 34.43 ? 151 LEU A CD1 1 
ATOM   72   C  CD2 . LEU A 1 35  ? -4.019  -5.746  10.705  1.00 33.38 ? 151 LEU A CD2 1 
ATOM   73   N  N   . THR A 1 36  ? -7.695  -4.318  9.089   1.00 35.60 ? 152 THR A N   1 
ATOM   74   C  CA  . THR A 1 36  ? -8.797  -3.487  9.434   1.00 36.39 ? 152 THR A CA  1 
ATOM   75   C  C   . THR A 1 36  ? -8.351  -2.490  10.465  1.00 38.49 ? 152 THR A C   1 
ATOM   76   O  O   . THR A 1 36  ? -7.449  -2.755  11.276  1.00 38.83 ? 152 THR A O   1 
ATOM   77   C  CB  . THR A 1 36  ? -9.864  -4.343  10.028  1.00 35.40 ? 152 THR A CB  1 
ATOM   78   O  OG1 . THR A 1 36  ? -10.761 -4.647  8.973   1.00 34.90 ? 152 THR A OG1 1 
ATOM   79   C  CG2 . THR A 1 36  ? -10.599 -3.638  11.111  1.00 34.79 ? 152 THR A CG2 1 
ATOM   80   N  N   . THR A 1 37  ? -9.025  -1.349  10.440  1.00 40.24 ? 153 THR A N   1 
ATOM   81   C  CA  . THR A 1 37  ? -8.833  -0.274  11.401  1.00 40.65 ? 153 THR A CA  1 
ATOM   82   C  C   . THR A 1 37  ? -9.165  -0.673  12.853  1.00 40.67 ? 153 THR A C   1 
ATOM   83   O  O   . THR A 1 37  ? -8.648  -0.056  13.789  1.00 41.51 ? 153 THR A O   1 
ATOM   84   C  CB  . THR A 1 37  ? -9.579  1.007   10.982  1.00 41.23 ? 153 THR A CB  1 
ATOM   85   O  OG1 . THR A 1 37  ? -9.631  1.863   12.109  1.00 43.51 ? 153 THR A OG1 1 
ATOM   86   C  CG2 . THR A 1 37  ? -11.042 0.740   10.561  1.00 41.62 ? 153 THR A CG2 1 
ATOM   87   N  N   . ASN A 1 38  ? -10.000 -1.701  13.038  1.00 40.85 ? 154 ASN A N   1 
ATOM   88   C  CA  . ASN A 1 38  ? -10.217 -2.322  14.356  1.00 40.17 ? 154 ASN A CA  1 
ATOM   89   C  C   . ASN A 1 38  ? -9.245  -3.432  14.659  1.00 39.94 ? 154 ASN A C   1 
ATOM   90   O  O   . ASN A 1 38  ? -9.357  -4.066  15.702  1.00 40.19 ? 154 ASN A O   1 
ATOM   91   C  CB  . ASN A 1 38  ? -11.609 -2.908  14.482  1.00 40.62 ? 154 ASN A CB  1 
ATOM   92   C  CG  . ASN A 1 38  ? -12.672 -1.865  14.485  1.00 41.22 ? 154 ASN A CG  1 
ATOM   93   O  OD1 . ASN A 1 38  ? -12.544 -0.811  15.117  1.00 41.43 ? 154 ASN A OD1 1 
ATOM   94   N  ND2 . ASN A 1 38  ? -13.754 -2.148  13.779  1.00 41.98 ? 154 ASN A ND2 1 
ATOM   95   N  N   . GLY A 1 39  ? -8.323  -3.695  13.733  1.00 39.66 ? 155 GLY A N   1 
ATOM   96   C  CA  . GLY A 1 39  ? -7.181  -4.570  13.997  1.00 37.88 ? 155 GLY A CA  1 
ATOM   97   C  C   . GLY A 1 39  ? -7.180  -5.948  13.365  1.00 37.43 ? 155 GLY A C   1 
ATOM   98   O  O   . GLY A 1 39  ? -6.238  -6.698  13.574  1.00 38.24 ? 155 GLY A O   1 
ATOM   99   N  N   . THR A 1 40  ? -8.213  -6.290  12.593  1.00 37.02 ? 156 THR A N   1 
ATOM   100  C  CA  . THR A 1 40  ? -8.316  -7.634  11.994  1.00 35.89 ? 156 THR A CA  1 
ATOM   101  C  C   . THR A 1 40  ? -7.362  -7.850  10.820  1.00 35.87 ? 156 THR A C   1 
ATOM   102  O  O   . THR A 1 40  ? -7.334  -7.058  9.866   1.00 36.77 ? 156 THR A O   1 
ATOM   103  C  CB  . THR A 1 40  ? -9.734  -7.927  11.516  1.00 35.79 ? 156 THR A CB  1 
ATOM   104  O  OG1 . THR A 1 40  ? -10.640 -7.835  12.627  1.00 36.33 ? 156 THR A OG1 1 
ATOM   105  C  CG2 . THR A 1 40  ? -9.832  -9.341  10.890  1.00 35.81 ? 156 THR A CG2 1 
ATOM   106  N  N   . ILE A 1 41  ? -6.582  -8.923  10.880  1.00 34.35 ? 157 ILE A N   1 
ATOM   107  C  CA  . ILE A 1 41  ? -5.775  -9.280  9.745   1.00 33.53 ? 157 ILE A CA  1 
ATOM   108  C  C   . ILE A 1 41  ? -6.674  -9.814  8.629   1.00 34.84 ? 157 ILE A C   1 
ATOM   109  O  O   . ILE A 1 41  ? -7.254  -10.884 8.763   1.00 33.59 ? 157 ILE A O   1 
ATOM   110  C  CB  . ILE A 1 41  ? -4.801  -10.353 10.106  1.00 32.93 ? 157 ILE A CB  1 
ATOM   111  C  CG1 . ILE A 1 41  ? -3.872  -9.851  11.207  1.00 32.67 ? 157 ILE A CG1 1 
ATOM   112  C  CG2 . ILE A 1 41  ? -4.055  -10.815 8.840   1.00 32.17 ? 157 ILE A CG2 1 
ATOM   113  C  CD1 . ILE A 1 41  ? -3.326  -10.973 12.098  1.00 33.93 ? 157 ILE A CD1 1 
ATOM   114  N  N   . LEU A 1 42  ? -6.799  -9.064  7.529   1.00 35.67 ? 158 LEU A N   1 
ATOM   115  C  CA  . LEU A 1 42  ? -7.402  -9.598  6.297   1.00 33.65 ? 158 LEU A CA  1 
ATOM   116  C  C   . LEU A 1 42  ? -6.408  -10.473 5.542   1.00 34.59 ? 158 LEU A C   1 
ATOM   117  O  O   . LEU A 1 42  ? -6.794  -11.419 4.844   1.00 33.98 ? 158 LEU A O   1 
ATOM   118  C  CB  . LEU A 1 42  ? -7.793  -8.459  5.389   1.00 32.75 ? 158 LEU A CB  1 
ATOM   119  C  CG  . LEU A 1 42  ? -9.174  -7.860  5.610   1.00 32.38 ? 158 LEU A CG  1 
ATOM   120  C  CD1 . LEU A 1 42  ? -9.935  -8.513  6.782   1.00 31.49 ? 158 LEU A CD1 1 
ATOM   121  C  CD2 . LEU A 1 42  ? -9.025  -6.354  5.771   1.00 32.21 ? 158 LEU A CD2 1 
ATOM   122  N  N   . SER A 1 43  ? -5.117  -10.136 5.664   1.00 34.52 ? 159 SER A N   1 
ATOM   123  C  CA  . SER A 1 43  ? -4.152  -10.763 4.810   1.00 33.45 ? 159 SER A CA  1 
ATOM   124  C  C   . SER A 1 43  ? -2.787  -10.623 5.355   1.00 33.91 ? 159 SER A C   1 
ATOM   125  O  O   . SER A 1 43  ? -2.470  -9.668  6.084   1.00 33.51 ? 159 SER A O   1 
ATOM   126  C  CB  . SER A 1 43  ? -4.162  -10.104 3.452   1.00 33.59 ? 159 SER A CB  1 
ATOM   127  O  OG  . SER A 1 43  ? -4.032  -11.106 2.491   1.00 32.93 ? 159 SER A OG  1 
ATOM   128  N  N   . VAL A 1 44  ? -1.977  -11.605 4.979   1.00 32.45 ? 160 VAL A N   1 
ATOM   129  C  CA  . VAL A 1 44  ? -0.591  -11.595 5.306   1.00 31.18 ? 160 VAL A CA  1 
ATOM   130  C  C   . VAL A 1 44  ? 0.272   -12.261 4.204   1.00 31.25 ? 160 VAL A C   1 
ATOM   131  O  O   . VAL A 1 44  ? 0.001   -13.354 3.700   1.00 32.83 ? 160 VAL A O   1 
ATOM   132  C  CB  . VAL A 1 44  ? -0.369  -12.114 6.757   1.00 30.99 ? 160 VAL A CB  1 
ATOM   133  C  CG1 . VAL A 1 44  ? -0.620  -13.611 6.861   1.00 28.70 ? 160 VAL A CG1 1 
ATOM   134  C  CG2 . VAL A 1 44  ? 1.032   -11.742 7.240   1.00 30.30 ? 160 VAL A CG2 1 
ATOM   135  N  N   . ASN A 1 45  ? 1.210   -11.471 3.736   1.00 31.87 ? 161 ASN A N   1 
ATOM   136  C  CA  . ASN A 1 45  ? 2.458   -11.834 3.108   1.00 32.14 ? 161 ASN A CA  1 
ATOM   137  C  C   . ASN A 1 45  ? 3.076   -13.148 3.558   1.00 31.05 ? 161 ASN A C   1 
ATOM   138  O  O   . ASN A 1 45  ? 3.025   -13.469 4.744   1.00 29.84 ? 161 ASN A O   1 
ATOM   139  C  CB  . ASN A 1 45  ? 3.407   -10.807 3.729   1.00 35.24 ? 161 ASN A CB  1 
ATOM   140  C  CG  . ASN A 1 45  ? 4.314   -10.218 2.779   1.00 36.84 ? 161 ASN A CG  1 
ATOM   141  O  OD1 . ASN A 1 45  ? 5.078   -9.390  3.172   1.00 40.27 ? 161 ASN A OD1 1 
ATOM   142  N  ND2 . ASN A 1 45  ? 4.243   -10.592 1.512   1.00 37.12 ? 161 ASN A ND2 1 
ATOM   143  N  N   . PRO A 1 46  ? 3.775   -13.860 2.664   1.00 30.60 ? 162 PRO A N   1 
ATOM   144  C  CA  . PRO A 1 46  ? 4.645   -14.920 3.195   1.00 30.53 ? 162 PRO A CA  1 
ATOM   145  C  C   . PRO A 1 46  ? 5.791   -14.427 4.098   1.00 30.92 ? 162 PRO A C   1 
ATOM   146  O  O   . PRO A 1 46  ? 6.142   -15.108 5.052   1.00 30.86 ? 162 PRO A O   1 
ATOM   147  C  CB  . PRO A 1 46  ? 5.170   -15.597 1.930   1.00 29.82 ? 162 PRO A CB  1 
ATOM   148  C  CG  . PRO A 1 46  ? 4.055   -15.447 0.977   1.00 29.06 ? 162 PRO A CG  1 
ATOM   149  C  CD  . PRO A 1 46  ? 3.606   -14.005 1.211   1.00 30.22 ? 162 PRO A CD  1 
ATOM   150  N  N   . SER A 1 47  ? 6.349   -13.249 3.835   1.00 32.87 ? 163 SER A N   1 
ATOM   151  C  CA  . SER A 1 47  ? 7.367   -12.681 4.742   1.00 34.07 ? 163 SER A CA  1 
ATOM   152  C  C   . SER A 1 47  ? 6.801   -12.353 6.086   1.00 34.73 ? 163 SER A C   1 
ATOM   153  O  O   . SER A 1 47  ? 7.463   -12.591 7.084   1.00 35.87 ? 163 SER A O   1 
ATOM   154  C  CB  . SER A 1 47  ? 8.013   -11.416 4.201   1.00 34.29 ? 163 SER A CB  1 
ATOM   155  O  OG  . SER A 1 47  ? 8.930   -11.760 3.182   1.00 37.18 ? 163 SER A OG  1 
HETATM 156  N  N   . MSE A 1 48  ? 5.598   -11.787 6.129   1.00 34.60 ? 164 MSE A N   1 
HETATM 157  C  CA  . MSE A 1 48  ? 5.108   -11.337 7.400   1.00 34.31 ? 164 MSE A CA  1 
HETATM 158  C  C   . MSE A 1 48  ? 4.770   -12.581 8.211   1.00 34.79 ? 164 MSE A C   1 
HETATM 159  O  O   . MSE A 1 48  ? 5.143   -12.670 9.396   1.00 37.04 ? 164 MSE A O   1 
HETATM 160  C  CB  . MSE A 1 48  ? 3.933   -10.398 7.242   1.00 35.54 ? 164 MSE A CB  1 
HETATM 161  C  CG  . MSE A 1 48  ? 3.388   -9.908  8.536   1.00 37.39 ? 164 MSE A CG  1 
HETATM 162  SE SE  . MSE A 1 48  ? 4.693   -8.811  9.442   0.60 42.66 ? 164 MSE A SE  1 
HETATM 163  C  CE  . MSE A 1 48  ? 4.059   -7.116  8.684   1.00 43.11 ? 164 MSE A CE  1 
ATOM   164  N  N   . ALA A 1 49  ? 4.109   -13.546 7.572   1.00 32.50 ? 165 ALA A N   1 
ATOM   165  C  CA  . ALA A 1 49  ? 3.757   -14.798 8.206   1.00 31.70 ? 165 ALA A CA  1 
ATOM   166  C  C   . ALA A 1 49  ? 4.995   -15.486 8.868   1.00 32.48 ? 165 ALA A C   1 
ATOM   167  O  O   . ALA A 1 49  ? 4.985   -15.793 10.072  1.00 31.80 ? 165 ALA A O   1 
ATOM   168  C  CB  . ALA A 1 49  ? 3.032   -15.748 7.195   1.00 28.98 ? 165 ALA A CB  1 
ATOM   169  N  N   . GLY A 1 50  ? 6.053   -15.725 8.091   1.00 32.92 ? 166 GLY A N   1 
ATOM   170  C  CA  . GLY A 1 50  ? 7.283   -16.349 8.624   1.00 34.01 ? 166 GLY A CA  1 
ATOM   171  C  C   . GLY A 1 50  ? 7.954   -15.603 9.778   1.00 33.85 ? 166 GLY A C   1 
ATOM   172  O  O   . GLY A 1 50  ? 8.359   -16.210 10.761  1.00 32.82 ? 166 GLY A O   1 
ATOM   173  N  N   . ARG A 1 51  ? 8.065   -14.285 9.644   1.00 35.27 ? 167 ARG A N   1 
ATOM   174  C  CA  . ARG A 1 51  ? 8.439   -13.394 10.754  1.00 37.19 ? 167 ARG A CA  1 
ATOM   175  C  C   . ARG A 1 51  ? 7.593   -13.707 11.996  1.00 36.20 ? 167 ARG A C   1 
ATOM   176  O  O   . ARG A 1 51  ? 8.137   -14.077 13.033  1.00 35.54 ? 167 ARG A O   1 
ATOM   177  C  CB  . ARG A 1 51  ? 8.248   -11.934 10.344  1.00 39.77 ? 167 ARG A CB  1 
ATOM   178  C  CG  . ARG A 1 51  ? 8.831   -10.936 11.330  1.00 43.60 ? 167 ARG A CG  1 
ATOM   179  C  CD  . ARG A 1 51  ? 8.143   -9.566  11.260  1.00 45.60 ? 167 ARG A CD  1 
ATOM   180  N  NE  . ARG A 1 51  ? 8.370   -8.943  9.957   1.00 48.81 ? 167 ARG A NE  1 
ATOM   181  C  CZ  . ARG A 1 51  ? 8.171   -7.653  9.660   1.00 50.18 ? 167 ARG A CZ  1 
ATOM   182  N  NH1 . ARG A 1 51  ? 7.731   -6.780  10.596  1.00 50.31 ? 167 ARG A NH1 1 
ATOM   183  N  NH2 . ARG A 1 51  ? 8.433   -7.240  8.411   1.00 49.88 ? 167 ARG A NH2 1 
ATOM   184  N  N   . LEU A 1 52  ? 6.266   -13.605 11.865  1.00 35.19 ? 168 LEU A N   1 
ATOM   185  C  CA  . LEU A 1 52  ? 5.326   -13.988 12.935  1.00 34.21 ? 168 LEU A CA  1 
ATOM   186  C  C   . LEU A 1 52  ? 5.365   -15.475 13.344  1.00 35.40 ? 168 LEU A C   1 
ATOM   187  O  O   . LEU A 1 52  ? 4.735   -15.869 14.337  1.00 34.65 ? 168 LEU A O   1 
ATOM   188  C  CB  . LEU A 1 52  ? 3.917   -13.612 12.549  1.00 32.23 ? 168 LEU A CB  1 
ATOM   189  C  CG  . LEU A 1 52  ? 3.306   -12.275 12.935  1.00 31.37 ? 168 LEU A CG  1 
ATOM   190  C  CD1 . LEU A 1 52  ? 4.286   -11.257 13.308  1.00 29.93 ? 168 LEU A CD1 1 
ATOM   191  C  CD2 . LEU A 1 52  ? 2.457   -11.816 11.752  1.00 31.63 ? 168 LEU A CD2 1 
ATOM   192  N  N   . GLY A 1 53  ? 6.111   -16.283 12.583  1.00 36.97 ? 169 GLY A N   1 
ATOM   193  C  CA  . GLY A 1 53  ? 6.309   -17.698 12.874  1.00 37.01 ? 169 GLY A CA  1 
ATOM   194  C  C   . GLY A 1 53  ? 5.009   -18.460 12.869  1.00 38.76 ? 169 GLY A C   1 
ATOM   195  O  O   . GLY A 1 53  ? 4.799   -19.316 13.714  1.00 40.39 ? 169 GLY A O   1 
ATOM   196  N  N   . ALA A 1 54  ? 4.115   -18.125 11.945  1.00 39.52 ? 170 ALA A N   1 
ATOM   197  C  CA  . ALA A 1 54  ? 2.892   -18.885 11.720  1.00 40.80 ? 170 ALA A CA  1 
ATOM   198  C  C   . ALA A 1 54  ? 2.618   -18.869 10.240  1.00 42.75 ? 170 ALA A C   1 
ATOM   199  O  O   . ALA A 1 54  ? 3.282   -18.172 9.485   1.00 42.93 ? 170 ALA A O   1 
ATOM   200  C  CB  . ALA A 1 54  ? 1.725   -18.291 12.472  1.00 40.19 ? 170 ALA A CB  1 
ATOM   201  N  N   . ASP A 1 55  ? 1.648   -19.650 9.803   1.00 45.44 ? 171 ASP A N   1 
ATOM   202  C  CA  . ASP A 1 55  ? 1.286   -19.597 8.406   1.00 47.74 ? 171 ASP A CA  1 
ATOM   203  C  C   . ASP A 1 55  ? -0.005  -18.777 8.254   1.00 49.34 ? 171 ASP A C   1 
ATOM   204  O  O   . ASP A 1 55  ? -0.792  -18.653 9.219   1.00 50.04 ? 171 ASP A O   1 
ATOM   205  C  CB  . ASP A 1 55  ? 1.220   -21.004 7.804   1.00 48.38 ? 171 ASP A CB  1 
ATOM   206  C  CG  . ASP A 1 55  ? -0.154  -21.635 7.908   1.00 49.33 ? 171 ASP A CG  1 
ATOM   207  O  OD1 . ASP A 1 55  ? -1.051  -21.114 8.613   1.00 49.93 ? 171 ASP A OD1 1 
ATOM   208  O  OD2 . ASP A 1 55  ? -0.338  -22.683 7.268   1.00 49.80 ? 171 ASP A OD2 1 
ATOM   209  N  N   . PRO A 1 56  ? -0.222  -18.188 7.055   1.00 49.86 ? 172 PRO A N   1 
ATOM   210  C  CA  . PRO A 1 56  ? -1.328  -17.241 6.878   1.00 49.13 ? 172 PRO A CA  1 
ATOM   211  C  C   . PRO A 1 56  ? -2.684  -17.771 7.255   1.00 48.69 ? 172 PRO A C   1 
ATOM   212  O  O   . PRO A 1 56  ? -3.582  -16.997 7.536   1.00 50.45 ? 172 PRO A O   1 
ATOM   213  C  CB  . PRO A 1 56  ? -1.272  -16.941 5.389   1.00 49.74 ? 172 PRO A CB  1 
ATOM   214  C  CG  . PRO A 1 56  ? 0.236   -16.969 5.110   1.00 50.05 ? 172 PRO A CG  1 
ATOM   215  C  CD  . PRO A 1 56  ? 0.678   -18.197 5.880   1.00 49.64 ? 172 PRO A CD  1 
ATOM   216  N  N   . ASP A 1 57  ? -2.854  -19.074 7.276   1.00 47.19 ? 173 ASP A N   1 
ATOM   217  C  CA  . ASP A 1 57  ? -4.169  -19.573 7.538   1.00 47.15 ? 173 ASP A CA  1 
ATOM   218  C  C   . ASP A 1 57  ? -4.545  -19.425 9.005   1.00 45.99 ? 173 ASP A C   1 
ATOM   219  O  O   . ASP A 1 57  ? -5.720  -19.268 9.342   1.00 47.00 ? 173 ASP A O   1 
ATOM   220  C  CB  . ASP A 1 57  ? -4.295  -21.018 7.048   1.00 49.00 ? 173 ASP A CB  1 
ATOM   221  C  CG  . ASP A 1 57  ? -4.261  -21.127 5.509   1.00 49.86 ? 173 ASP A CG  1 
ATOM   222  O  OD1 . ASP A 1 57  ? -3.509  -20.371 4.840   1.00 49.60 ? 173 ASP A OD1 1 
ATOM   223  O  OD2 . ASP A 1 57  ? -4.991  -21.987 4.971   1.00 50.02 ? 173 ASP A OD2 1 
ATOM   224  N  N   . THR A 1 58  ? -3.545  -19.490 9.874   1.00 44.06 ? 174 THR A N   1 
ATOM   225  C  CA  . THR A 1 58  ? -3.763  -19.326 11.310  1.00 41.97 ? 174 THR A CA  1 
ATOM   226  C  C   . THR A 1 58  ? -3.835  -17.828 11.581  1.00 40.49 ? 174 THR A C   1 
ATOM   227  O  O   . THR A 1 58  ? -4.518  -17.388 12.499  1.00 40.75 ? 174 THR A O   1 
ATOM   228  C  CB  . THR A 1 58  ? -2.630  -20.001 12.182  1.00 41.38 ? 174 THR A CB  1 
ATOM   229  O  OG1 . THR A 1 58  ? -1.498  -20.292 11.368  1.00 40.86 ? 174 THR A OG1 1 
ATOM   230  C  CG2 . THR A 1 58  ? -3.098  -21.320 12.793  1.00 41.20 ? 174 THR A CG2 1 
ATOM   231  N  N   . LEU A 1 59  ? -3.141  -17.055 10.750  1.00 37.89 ? 175 LEU A N   1 
ATOM   232  C  CA  . LEU A 1 59  ? -3.054  -15.615 10.896  1.00 35.66 ? 175 LEU A CA  1 
ATOM   233  C  C   . LEU A 1 59  ? -4.332  -14.812 10.510  1.00 36.58 ? 175 LEU A C   1 
ATOM   234  O  O   . LEU A 1 59  ? -4.715  -13.885 11.216  1.00 35.44 ? 175 LEU A O   1 
ATOM   235  C  CB  . LEU A 1 59  ? -1.798  -15.132 10.144  1.00 33.75 ? 175 LEU A CB  1 
ATOM   236  C  CG  . LEU A 1 59  ? -0.438  -15.544 10.794  1.00 32.58 ? 175 LEU A CG  1 
ATOM   237  C  CD1 . LEU A 1 59  ? 0.803   -14.897 10.176  1.00 31.44 ? 175 LEU A CD1 1 
ATOM   238  C  CD2 . LEU A 1 59  ? -0.431  -15.269 12.279  1.00 30.05 ? 175 LEU A CD2 1 
ATOM   239  N  N   . VAL A 1 60  ? -5.020  -15.197 9.432   1.00 38.46 ? 176 VAL A N   1 
ATOM   240  C  CA  . VAL A 1 60  ? -6.005  -14.293 8.796   1.00 40.03 ? 176 VAL A CA  1 
ATOM   241  C  C   . VAL A 1 60  ? -7.274  -13.986 9.589   1.00 40.21 ? 176 VAL A C   1 
ATOM   242  O  O   . VAL A 1 60  ? -7.887  -12.955 9.386   1.00 41.67 ? 176 VAL A O   1 
ATOM   243  C  CB  . VAL A 1 60  ? -6.404  -14.695 7.313   1.00 39.81 ? 176 VAL A CB  1 
ATOM   244  C  CG1 . VAL A 1 60  ? -5.267  -14.438 6.328   1.00 40.00 ? 176 VAL A CG1 1 
ATOM   245  C  CG2 . VAL A 1 60  ? -6.767  -16.090 7.259   1.00 40.14 ? 176 VAL A CG2 1 
ATOM   246  N  N   . GLY A 1 61  ? -7.718  -14.837 10.482  1.00 39.10 ? 177 GLY A N   1 
ATOM   247  C  CA  . GLY A 1 61  ? -8.858  -14.375 11.272  1.00 39.21 ? 177 GLY A CA  1 
ATOM   248  C  C   . GLY A 1 61  ? -8.478  -13.321 12.298  1.00 38.89 ? 177 GLY A C   1 
ATOM   249  O  O   . GLY A 1 61  ? -9.301  -12.521 12.733  1.00 38.11 ? 177 GLY A O   1 
ATOM   250  N  N   . GLN A 1 62  ? -7.205  -13.313 12.664  1.00 39.35 ? 178 GLN A N   1 
ATOM   251  C  CA  . GLN A 1 62  ? -6.804  -12.776 13.942  1.00 39.28 ? 178 GLN A CA  1 
ATOM   252  C  C   . GLN A 1 62  ? -6.687  -11.294 14.081  1.00 39.08 ? 178 GLN A C   1 
ATOM   253  O  O   . GLN A 1 62  ? -6.456  -10.567 13.111  1.00 38.94 ? 178 GLN A O   1 
ATOM   254  C  CB  . GLN A 1 62  ? -5.525  -13.426 14.392  1.00 40.34 ? 178 GLN A CB  1 
ATOM   255  C  CG  . GLN A 1 62  ? -5.821  -14.416 15.479  1.00 42.45 ? 178 GLN A CG  1 
ATOM   256  C  CD  . GLN A 1 62  ? -5.249  -15.773 15.168  1.00 43.24 ? 178 GLN A CD  1 
ATOM   257  O  OE1 . GLN A 1 62  ? -4.026  -15.959 15.071  1.00 41.99 ? 178 GLN A OE1 1 
ATOM   258  N  NE2 . GLN A 1 62  ? -6.146  -16.749 14.998  1.00 44.93 ? 178 GLN A NE2 1 
ATOM   259  N  N   . GLN A 1 63  ? -6.877  -10.876 15.324  1.00 39.35 ? 179 GLN A N   1 
ATOM   260  C  CA  . GLN A 1 63  ? -6.509  -9.567  15.816  1.00 40.64 ? 179 GLN A CA  1 
ATOM   261  C  C   . GLN A 1 63  ? -4.975  -9.381  15.732  1.00 39.98 ? 179 GLN A C   1 
ATOM   262  O  O   . GLN A 1 63  ? -4.211  -10.287 16.104  1.00 38.75 ? 179 GLN A O   1 
ATOM   263  C  CB  . GLN A 1 63  ? -6.962  -9.495  17.279  1.00 43.40 ? 179 GLN A CB  1 
ATOM   264  C  CG  . GLN A 1 63  ? -7.106  -8.094  17.844  1.00 46.30 ? 179 GLN A CG  1 
ATOM   265  C  CD  . GLN A 1 63  ? -8.138  -7.268  17.081  1.00 48.02 ? 179 GLN A CD  1 
ATOM   266  O  OE1 . GLN A 1 63  ? -9.232  -7.757  16.747  1.00 48.34 ? 179 GLN A OE1 1 
ATOM   267  N  NE2 . GLN A 1 63  ? -7.793  -6.009  16.798  1.00 48.64 ? 179 GLN A NE2 1 
ATOM   268  N  N   . LEU A 1 64  ? -4.508  -8.221  15.271  1.00 39.49 ? 180 LEU A N   1 
ATOM   269  C  CA  . LEU A 1 64  ? -3.059  -8.060  15.116  1.00 39.73 ? 180 LEU A CA  1 
ATOM   270  C  C   . LEU A 1 64  ? -2.325  -8.261  16.450  1.00 40.19 ? 180 LEU A C   1 
ATOM   271  O  O   . LEU A 1 64  ? -1.199  -8.774  16.486  1.00 40.89 ? 180 LEU A O   1 
ATOM   272  C  CB  . LEU A 1 64  ? -2.688  -6.716  14.497  1.00 38.66 ? 180 LEU A CB  1 
ATOM   273  C  CG  . LEU A 1 64  ? -1.191  -6.339  14.337  1.00 38.47 ? 180 LEU A CG  1 
ATOM   274  C  CD1 . LEU A 1 64  ? -0.469  -7.169  13.264  1.00 37.39 ? 180 LEU A CD1 1 
ATOM   275  C  CD2 . LEU A 1 64  ? -0.997  -4.839  14.044  1.00 36.91 ? 180 LEU A CD2 1 
ATOM   276  N  N   . SER A 1 65  ? -2.965  -7.877  17.543  1.00 39.68 ? 181 SER A N   1 
ATOM   277  C  CA  . SER A 1 65  ? -2.292  -7.944  18.827  1.00 40.22 ? 181 SER A CA  1 
ATOM   278  C  C   . SER A 1 65  ? -2.423  -9.323  19.448  1.00 39.53 ? 181 SER A C   1 
ATOM   279  O  O   . SER A 1 65  ? -1.894  -9.572  20.531  1.00 39.65 ? 181 SER A O   1 
ATOM   280  C  CB  . SER A 1 65  ? -2.824  -6.878  19.776  1.00 40.71 ? 181 SER A CB  1 
ATOM   281  O  OG  . SER A 1 65  ? -4.224  -6.788  19.654  1.00 41.84 ? 181 SER A OG  1 
ATOM   282  N  N   . ALA A 1 66  ? -3.132  -10.210 18.756  1.00 39.06 ? 182 ALA A N   1 
ATOM   283  C  CA  . ALA A 1 66  ? -3.259  -11.607 19.175  1.00 37.87 ? 182 ALA A CA  1 
ATOM   284  C  C   . ALA A 1 66  ? -2.012  -12.358 18.722  1.00 37.25 ? 182 ALA A C   1 
ATOM   285  O  O   . ALA A 1 66  ? -1.820  -13.532 19.031  1.00 38.38 ? 182 ALA A O   1 
ATOM   286  C  CB  . ALA A 1 66  ? -4.530  -12.244 18.575  1.00 35.95 ? 182 ALA A CB  1 
ATOM   287  N  N   . VAL A 1 67  ? -1.133  -11.648 18.038  1.00 36.51 ? 183 VAL A N   1 
ATOM   288  C  CA  . VAL A 1 67  ? -0.247  -12.277 17.087  1.00 36.41 ? 183 VAL A CA  1 
ATOM   289  C  C   . VAL A 1 67  ? 1.226   -11.795 17.160  1.00 36.67 ? 183 VAL A C   1 
ATOM   290  O  O   . VAL A 1 67  ? 2.111   -12.364 16.529  1.00 36.49 ? 183 VAL A O   1 
ATOM   291  C  CB  . VAL A 1 67  ? -0.916  -12.111 15.696  1.00 35.99 ? 183 VAL A CB  1 
ATOM   292  C  CG1 . VAL A 1 67  ? 0.006   -11.534 14.656  1.00 35.95 ? 183 VAL A CG1 1 
ATOM   293  C  CG2 . VAL A 1 67  ? -1.549  -13.403 15.278  1.00 36.03 ? 183 VAL A CG2 1 
HETATM 294  N  N   . MSE A 1 68  ? 1.461   -10.762 17.963  1.00 36.94 ? 184 MSE A N   1 
HETATM 295  C  CA  . MSE A 1 68  ? 2.750   -10.102 18.097  1.00 38.33 ? 184 MSE A CA  1 
HETATM 296  C  C   . MSE A 1 68  ? 2.619   -9.242  19.339  1.00 39.25 ? 184 MSE A C   1 
HETATM 297  O  O   . MSE A 1 68  ? 1.514   -9.190  19.944  1.00 39.17 ? 184 MSE A O   1 
HETATM 298  C  CB  . MSE A 1 68  ? 3.001   -9.173  16.923  1.00 39.22 ? 184 MSE A CB  1 
HETATM 299  C  CG  . MSE A 1 68  ? 2.175   -7.913  16.991  1.00 40.49 ? 184 MSE A CG  1 
HETATM 300  SE SE  . MSE A 1 68  ? 2.615   -6.620  15.597  0.70 44.47 ? 184 MSE A SE  1 
HETATM 301  C  CE  . MSE A 1 68  ? 4.164   -5.731  16.480  1.00 43.96 ? 184 MSE A CE  1 
ATOM   302  N  N   . ASP A 1 69  ? 3.711   -8.551  19.715  1.00 39.27 ? 185 ASP A N   1 
ATOM   303  C  CA  . ASP A 1 69  ? 3.654   -7.643  20.871  1.00 39.05 ? 185 ASP A CA  1 
ATOM   304  C  C   . ASP A 1 69  ? 2.391   -6.781  20.818  1.00 38.45 ? 185 ASP A C   1 
ATOM   305  O  O   . ASP A 1 69  ? 2.139   -6.034  19.846  1.00 37.87 ? 185 ASP A O   1 
ATOM   306  C  CB  . ASP A 1 69  ? 4.903   -6.767  21.031  1.00 39.81 ? 185 ASP A CB  1 
ATOM   307  C  CG  . ASP A 1 69  ? 4.885   -5.967  22.351  1.00 41.86 ? 185 ASP A CG  1 
ATOM   308  O  OD1 . ASP A 1 69  ? 5.037   -6.556  23.463  1.00 42.00 ? 185 ASP A OD1 1 
ATOM   309  O  OD2 . ASP A 1 69  ? 4.704   -4.728  22.283  1.00 43.08 ? 185 ASP A OD2 1 
ATOM   310  N  N   . SER A 1 70  ? 1.587   -6.928  21.859  1.00 37.87 ? 186 SER A N   1 
ATOM   311  C  CA  . SER A 1 70  ? 0.310   -6.257  21.922  1.00 38.16 ? 186 SER A CA  1 
ATOM   312  C  C   . SER A 1 70  ? 0.473   -4.723  21.921  1.00 38.60 ? 186 SER A C   1 
ATOM   313  O  O   . SER A 1 70  ? -0.116  -4.025  21.105  1.00 38.71 ? 186 SER A O   1 
ATOM   314  C  CB  . SER A 1 70  ? -0.479  -6.792  23.106  1.00 36.61 ? 186 SER A CB  1 
ATOM   315  O  OG  . SER A 1 70  ? -0.381  -8.200  23.078  1.00 36.69 ? 186 SER A OG  1 
ATOM   316  N  N   . GLU A 1 71  ? 1.316   -4.212  22.790  1.00 40.11 ? 187 GLU A N   1 
ATOM   317  C  CA  . GLU A 1 71  ? 1.556   -2.794  22.870  1.00 42.33 ? 187 GLU A CA  1 
ATOM   318  C  C   . GLU A 1 71  ? 1.918   -2.158  21.507  1.00 42.60 ? 187 GLU A C   1 
ATOM   319  O  O   . GLU A 1 71  ? 1.407   -1.083  21.134  1.00 42.00 ? 187 GLU A O   1 
ATOM   320  C  CB  . GLU A 1 71  ? 2.674   -2.598  23.873  1.00 45.12 ? 187 GLU A CB  1 
ATOM   321  C  CG  . GLU A 1 71  ? 2.396   -1.508  24.862  1.00 48.82 ? 187 GLU A CG  1 
ATOM   322  C  CD  . GLU A 1 71  ? 2.681   -0.148  24.261  1.00 51.01 ? 187 GLU A CD  1 
ATOM   323  O  OE1 . GLU A 1 71  ? 2.982   -0.096  23.037  1.00 51.48 ? 187 GLU A OE1 1 
ATOM   324  O  OE2 . GLU A 1 71  ? 2.622   0.861   25.018  1.00 52.61 ? 187 GLU A OE2 1 
ATOM   325  N  N   . ALA A 1 72  ? 2.786   -2.855  20.761  1.00 42.73 ? 188 ALA A N   1 
ATOM   326  C  CA  . ALA A 1 72  ? 3.258   -2.436  19.439  1.00 41.07 ? 188 ALA A CA  1 
ATOM   327  C  C   . ALA A 1 72  ? 2.185   -2.568  18.392  1.00 41.00 ? 188 ALA A C   1 
ATOM   328  O  O   . ALA A 1 72  ? 2.044   -1.660  17.573  1.00 42.44 ? 188 ALA A O   1 
ATOM   329  C  CB  . ALA A 1 72  ? 4.462   -3.222  19.037  1.00 40.48 ? 188 ALA A CB  1 
ATOM   330  N  N   . ALA A 1 73  ? 1.454   -3.690  18.395  1.00 39.72 ? 189 ALA A N   1 
ATOM   331  C  CA  . ALA A 1 73  ? 0.274   -3.840  17.544  1.00 40.03 ? 189 ALA A CA  1 
ATOM   332  C  C   . ALA A 1 73  ? -0.634  -2.630  17.695  1.00 40.05 ? 189 ALA A C   1 
ATOM   333  O  O   . ALA A 1 73  ? -0.962  -2.000  16.700  1.00 41.02 ? 189 ALA A O   1 
ATOM   334  C  CB  . ALA A 1 73  ? -0.480  -5.113  17.853  1.00 40.04 ? 189 ALA A CB  1 
ATOM   335  N  N   . ASN A 1 74  ? -0.992  -2.302  18.936  1.00 39.95 ? 190 ASN A N   1 
ATOM   336  C  CA  . ASN A 1 74  ? -1.724  -1.071  19.283  1.00 42.00 ? 190 ASN A CA  1 
ATOM   337  C  C   . ASN A 1 74  ? -1.251  0.203   18.572  1.00 42.07 ? 190 ASN A C   1 
ATOM   338  O  O   . ASN A 1 74  ? -2.042  0.872   17.894  1.00 42.17 ? 190 ASN A O   1 
ATOM   339  C  CB  . ASN A 1 74  ? -1.737  -0.816  20.819  1.00 42.87 ? 190 ASN A CB  1 
ATOM   340  C  CG  . ASN A 1 74  ? -2.650  -1.791  21.579  1.00 44.35 ? 190 ASN A CG  1 
ATOM   341  O  OD1 . ASN A 1 74  ? -3.482  -2.497  20.975  1.00 45.38 ? 190 ASN A OD1 1 
ATOM   342  N  ND2 . ASN A 1 74  ? -2.503  -1.834  22.911  1.00 44.57 ? 190 ASN A ND2 1 
ATOM   343  N  N   . GLN A 1 75  ? 0.021   0.553   18.734  1.00 41.75 ? 191 GLN A N   1 
ATOM   344  C  CA  . GLN A 1 75  ? 0.505   1.774   18.109  1.00 41.97 ? 191 GLN A CA  1 
ATOM   345  C  C   . GLN A 1 75  ? 0.468   1.743   16.605  1.00 40.70 ? 191 GLN A C   1 
ATOM   346  O  O   . GLN A 1 75  ? 0.098   2.736   15.967  1.00 40.96 ? 191 GLN A O   1 
ATOM   347  C  CB  . GLN A 1 75  ? 1.889   2.092   18.581  1.00 43.75 ? 191 GLN A CB  1 
ATOM   348  C  CG  . GLN A 1 75  ? 1.825   2.944   19.813  1.00 46.90 ? 191 GLN A CG  1 
ATOM   349  C  CD  . GLN A 1 75  ? 3.014   2.727   20.682  1.00 49.05 ? 191 GLN A CD  1 
ATOM   350  O  OE1 . GLN A 1 75  ? 3.964   2.012   20.287  1.00 50.46 ? 191 GLN A OE1 1 
ATOM   351  N  NE2 . GLN A 1 75  ? 2.997   3.333   21.886  1.00 49.67 ? 191 GLN A NE2 1 
ATOM   352  N  N   . ARG A 1 76  ? 0.831   0.590   16.055  1.00 39.01 ? 192 ARG A N   1 
ATOM   353  C  CA  . ARG A 1 76  ? 0.816   0.361   14.633  1.00 38.85 ? 192 ARG A CA  1 
ATOM   354  C  C   . ARG A 1 76  ? -0.591  0.625   14.107  1.00 39.97 ? 192 ARG A C   1 
ATOM   355  O  O   . ARG A 1 76  ? -0.782  1.266   13.043  1.00 39.43 ? 192 ARG A O   1 
ATOM   356  C  CB  . ARG A 1 76  ? 1.235   -1.076  14.336  1.00 38.41 ? 192 ARG A CB  1 
ATOM   357  C  CG  . ARG A 1 76  ? 2.716   -1.263  14.304  1.00 37.35 ? 192 ARG A CG  1 
ATOM   358  C  CD  . ARG A 1 76  ? 3.082   -2.654  13.859  1.00 37.49 ? 192 ARG A CD  1 
ATOM   359  N  NE  . ARG A 1 76  ? 4.527   -2.790  13.985  1.00 37.49 ? 192 ARG A NE  1 
ATOM   360  C  CZ  . ARG A 1 76  ? 5.276   -3.766  13.476  1.00 37.83 ? 192 ARG A CZ  1 
ATOM   361  N  NH1 . ARG A 1 76  ? 6.585   -3.735  13.708  1.00 38.60 ? 192 ARG A NH1 1 
ATOM   362  N  NH2 . ARG A 1 76  ? 4.753   -4.771  12.771  1.00 36.91 ? 192 ARG A NH2 1 
ATOM   363  N  N   . LEU A 1 77  ? -1.572  0.143   14.870  1.00 39.08 ? 193 LEU A N   1 
ATOM   364  C  CA  . LEU A 1 77  ? -2.959  0.320   14.525  1.00 39.56 ? 193 LEU A CA  1 
ATOM   365  C  C   . LEU A 1 77  ? -3.412  1.758   14.676  1.00 39.46 ? 193 LEU A C   1 
ATOM   366  O  O   . LEU A 1 77  ? -4.291  2.221   13.956  1.00 38.66 ? 193 LEU A O   1 
ATOM   367  C  CB  . LEU A 1 77  ? -3.812  -0.541  15.427  1.00 40.33 ? 193 LEU A CB  1 
ATOM   368  C  CG  . LEU A 1 77  ? -4.870  -1.227  14.605  1.00 41.00 ? 193 LEU A CG  1 
ATOM   369  C  CD1 . LEU A 1 77  ? -4.259  -2.531  14.096  1.00 40.55 ? 193 LEU A CD1 1 
ATOM   370  C  CD2 . LEU A 1 77  ? -6.117  -1.413  15.484  1.00 41.84 ? 193 LEU A CD2 1 
ATOM   371  N  N   . GLU A 1 78  ? -2.845  2.467   15.637  1.00 40.06 ? 194 GLU A N   1 
ATOM   372  C  CA  . GLU A 1 78  ? -3.201  3.858   15.777  1.00 41.04 ? 194 GLU A CA  1 
ATOM   373  C  C   . GLU A 1 78  ? -2.737  4.585   14.517  1.00 40.47 ? 194 GLU A C   1 
ATOM   374  O  O   . GLU A 1 78  ? -3.524  5.325   13.898  1.00 39.63 ? 194 GLU A O   1 
ATOM   375  C  CB  . GLU A 1 78  ? -2.604  4.444   17.046  1.00 42.80 ? 194 GLU A CB  1 
ATOM   376  C  CG  . GLU A 1 78  ? -3.346  4.015   18.326  1.00 45.17 ? 194 GLU A CG  1 
ATOM   377  C  CD  . GLU A 1 78  ? -4.582  4.861   18.628  1.00 46.37 ? 194 GLU A CD  1 
ATOM   378  O  OE1 . GLU A 1 78  ? -4.415  6.065   18.923  1.00 47.77 ? 194 GLU A OE1 1 
ATOM   379  O  OE2 . GLU A 1 78  ? -5.719  4.326   18.589  1.00 46.39 ? 194 GLU A OE2 1 
ATOM   380  N  N   . ALA A 1 79  ? -1.487  4.315   14.121  1.00 39.01 ? 195 ALA A N   1 
ATOM   381  C  CA  . ALA A 1 79  ? -0.921  4.825   12.864  1.00 38.75 ? 195 ALA A CA  1 
ATOM   382  C  C   . ALA A 1 79  ? -1.819  4.602   11.615  1.00 38.48 ? 195 ALA A C   1 
ATOM   383  O  O   . ALA A 1 79  ? -2.135  5.553   10.897  1.00 39.91 ? 195 ALA A O   1 
ATOM   384  C  CB  . ALA A 1 79  ? 0.516   4.275   12.641  1.00 37.36 ? 195 ALA A CB  1 
ATOM   385  N  N   . GLY A 1 80  ? -2.231  3.365   11.358  1.00 38.15 ? 196 GLY A N   1 
ATOM   386  C  CA  . GLY A 1 80  ? -3.111  3.064   10.224  1.00 37.82 ? 196 GLY A CA  1 
ATOM   387  C  C   . GLY A 1 80  ? -4.481  3.722   10.352  1.00 38.93 ? 196 GLY A C   1 
ATOM   388  O  O   . GLY A 1 80  ? -5.129  4.031   9.342   1.00 39.13 ? 196 GLY A O   1 
ATOM   389  N  N   . LYS A 1 81  ? -4.933  3.950   11.590  1.00 38.17 ? 197 LYS A N   1 
ATOM   390  C  CA  . LYS A 1 81  ? -6.196  4.623   11.794  1.00 37.36 ? 197 LYS A CA  1 
ATOM   391  C  C   . LYS A 1 81  ? -6.051  6.024   11.252  1.00 36.32 ? 197 LYS A C   1 
ATOM   392  O  O   . LYS A 1 81  ? -6.830  6.471   10.400  1.00 36.95 ? 197 LYS A O   1 
ATOM   393  C  CB  . LYS A 1 81  ? -6.566  4.643   13.274  1.00 38.84 ? 197 LYS A CB  1 
ATOM   394  C  CG  . LYS A 1 81  ? -7.036  3.288   13.779  1.00 40.10 ? 197 LYS A CG  1 
ATOM   395  C  CD  . LYS A 1 81  ? -7.150  3.226   15.288  1.00 40.65 ? 197 LYS A CD  1 
ATOM   396  C  CE  . LYS A 1 81  ? -8.535  3.565   15.715  1.00 41.08 ? 197 LYS A CE  1 
ATOM   397  N  NZ  . LYS A 1 81  ? -8.529  3.841   17.167  1.00 42.58 ? 197 LYS A NZ  1 
ATOM   398  N  N   . SER A 1 82  ? -5.027  6.702   11.735  1.00 34.35 ? 198 SER A N   1 
ATOM   399  C  CA  . SER A 1 82  ? -4.718  8.020   11.279  1.00 33.50 ? 198 SER A CA  1 
ATOM   400  C  C   . SER A 1 82  ? -4.581  8.096   9.740   1.00 33.93 ? 198 SER A C   1 
ATOM   401  O  O   . SER A 1 82  ? -5.275  8.904   9.091   1.00 32.51 ? 198 SER A O   1 
ATOM   402  C  CB  . SER A 1 82  ? -3.454  8.465   11.964  1.00 33.76 ? 198 SER A CB  1 
ATOM   403  O  OG  . SER A 1 82  ? -3.258  9.839   11.722  1.00 35.89 ? 198 SER A OG  1 
ATOM   404  N  N   . ALA A 1 83  ? -3.715  7.246   9.161   1.00 33.56 ? 199 ALA A N   1 
ATOM   405  C  CA  . ALA A 1 83  ? -3.547  7.166   7.691   1.00 33.64 ? 199 ALA A CA  1 
ATOM   406  C  C   . ALA A 1 83  ? -4.889  7.168   6.958   1.00 33.71 ? 199 ALA A C   1 
ATOM   407  O  O   . ALA A 1 83  ? -5.134  7.968   6.047   1.00 32.72 ? 199 ALA A O   1 
ATOM   408  C  CB  . ALA A 1 83  ? -2.765  5.921   7.317   1.00 34.30 ? 199 ALA A CB  1 
ATOM   409  N  N   . VAL A 1 84  ? -5.748  6.250   7.393   1.00 34.59 ? 200 VAL A N   1 
ATOM   410  C  CA  . VAL A 1 84  ? -7.089  6.068   6.848   1.00 35.00 ? 200 VAL A CA  1 
ATOM   411  C  C   . VAL A 1 84  ? -7.893  7.349   7.034   1.00 35.82 ? 200 VAL A C   1 
ATOM   412  O  O   . VAL A 1 84  ? -8.583  7.766   6.106   1.00 36.33 ? 200 VAL A O   1 
ATOM   413  C  CB  . VAL A 1 84  ? -7.844  4.833   7.490   1.00 34.42 ? 200 VAL A CB  1 
ATOM   414  C  CG1 . VAL A 1 84  ? -9.255  4.854   7.124   1.00 34.10 ? 200 VAL A CG1 1 
ATOM   415  C  CG2 . VAL A 1 84  ? -7.258  3.477   7.040   1.00 34.28 ? 200 VAL A CG2 1 
ATOM   416  N  N   . GLU A 1 85  ? -7.802  7.977   8.210   1.00 36.47 ? 201 GLU A N   1 
ATOM   417  C  CA  . GLU A 1 85  ? -8.638  9.153   8.492   1.00 37.45 ? 201 GLU A CA  1 
ATOM   418  C  C   . GLU A 1 85  ? -8.295  10.262  7.527   1.00 37.03 ? 201 GLU A C   1 
ATOM   419  O  O   . GLU A 1 85  ? -9.163  10.832  6.883   1.00 36.89 ? 201 GLU A O   1 
ATOM   420  C  CB  . GLU A 1 85  ? -8.429  9.667   9.913   1.00 39.31 ? 201 GLU A CB  1 
ATOM   421  C  CG  . GLU A 1 85  ? -9.209  8.947   11.009  1.00 42.20 ? 201 GLU A CG  1 
ATOM   422  C  CD  . GLU A 1 85  ? -8.739  9.352   12.422  1.00 44.04 ? 201 GLU A CD  1 
ATOM   423  O  OE1 . GLU A 1 85  ? -8.077  8.512   13.092  1.00 45.12 ? 201 GLU A OE1 1 
ATOM   424  O  OE2 . GLU A 1 85  ? -9.004  10.509  12.853  1.00 44.15 ? 201 GLU A OE2 1 
ATOM   425  N  N   . ASN A 1 86  ? -7.004  10.535  7.414   1.00 37.44 ? 202 ASN A N   1 
ATOM   426  C  CA  . ASN A 1 86  ? -6.499  11.668  6.655   1.00 37.32 ? 202 ASN A CA  1 
ATOM   427  C  C   . ASN A 1 86  ? -6.251  11.362  5.192   1.00 36.99 ? 202 ASN A C   1 
ATOM   428  O  O   . ASN A 1 86  ? -5.773  12.206  4.452   1.00 37.24 ? 202 ASN A O   1 
ATOM   429  C  CB  . ASN A 1 86  ? -5.230  12.182  7.317   1.00 37.79 ? 202 ASN A CB  1 
ATOM   430  C  CG  . ASN A 1 86  ? -5.463  12.574  8.745   1.00 38.05 ? 202 ASN A CG  1 
ATOM   431  O  OD1 . ASN A 1 86  ? -6.178  13.526  9.022   1.00 38.94 ? 202 ASN A OD1 1 
ATOM   432  N  ND2 . ASN A 1 86  ? -4.890  11.826  9.665   1.00 38.83 ? 202 ASN A ND2 1 
ATOM   433  N  N   . GLY A 1 87  ? -6.565  10.145  4.784   1.00 37.01 ? 203 GLY A N   1 
ATOM   434  C  CA  . GLY A 1 87  ? -6.519  9.777   3.384   1.00 36.87 ? 203 GLY A CA  1 
ATOM   435  C  C   . GLY A 1 87  ? -5.113  9.735   2.861   1.00 36.71 ? 203 GLY A C   1 
ATOM   436  O  O   . GLY A 1 87  ? -4.880  9.915   1.677   1.00 35.77 ? 203 GLY A O   1 
ATOM   437  N  N   . THR A 1 88  ? -4.172  9.474   3.754   1.00 37.97 ? 204 THR A N   1 
ATOM   438  C  CA  . THR A 1 88  ? -2.772  9.657   3.414   1.00 38.96 ? 204 THR A CA  1 
ATOM   439  C  C   . THR A 1 88  ? -1.842  8.531   3.906   1.00 38.10 ? 204 THR A C   1 
ATOM   440  O  O   . THR A 1 88  ? -2.063  7.942   4.967   1.00 39.15 ? 204 THR A O   1 
ATOM   441  C  CB  . THR A 1 88  ? -2.310  11.073  3.856   1.00 40.55 ? 204 THR A CB  1 
ATOM   442  O  OG1 . THR A 1 88  ? -0.892  11.224  3.632   1.00 42.72 ? 204 THR A OG1 1 
ATOM   443  C  CG2 . THR A 1 88  ? -2.667  11.333  5.328   1.00 40.76 ? 204 THR A CG2 1 
ATOM   444  N  N   . ALA A 1 89  ? -0.841  8.197   3.094   1.00 37.40 ? 205 ALA A N   1 
ATOM   445  C  CA  . ALA A 1 89  ? 0.274   7.324   3.521   1.00 37.15 ? 205 ALA A CA  1 
ATOM   446  C  C   . ALA A 1 89  ? 1.053   7.938   4.709   1.00 37.39 ? 205 ALA A C   1 
ATOM   447  O  O   . ALA A 1 89  ? 1.097   9.154   4.870   1.00 38.64 ? 205 ALA A O   1 
ATOM   448  C  CB  . ALA A 1 89  ? 1.196   7.058   2.365   1.00 35.05 ? 205 ALA A CB  1 
ATOM   449  N  N   . THR A 1 90  ? 1.688   7.098   5.515   1.00 37.90 ? 206 THR A N   1 
ATOM   450  C  CA  . THR A 1 90  ? 2.081   7.427   6.889   1.00 37.70 ? 206 THR A CA  1 
ATOM   451  C  C   . THR A 1 90  ? 3.207   6.479   7.245   1.00 38.07 ? 206 THR A C   1 
ATOM   452  O  O   . THR A 1 90  ? 3.220   5.342   6.786   1.00 38.90 ? 206 THR A O   1 
ATOM   453  C  CB  . THR A 1 90  ? 0.822   7.198   7.788   1.00 38.11 ? 206 THR A CB  1 
ATOM   454  O  OG1 . THR A 1 90  ? 0.083   8.406   7.860   1.00 37.06 ? 206 THR A OG1 1 
ATOM   455  C  CG2 . THR A 1 90  ? 1.119   6.738   9.183   1.00 38.76 ? 206 THR A CG2 1 
ATOM   456  N  N   . ARG A 1 91  ? 4.164   6.928   8.041   1.00 39.35 ? 207 ARG A N   1 
ATOM   457  C  CA  . ARG A 1 91  ? 5.290   6.060   8.445   1.00 40.33 ? 207 ARG A CA  1 
ATOM   458  C  C   . ARG A 1 91  ? 5.500   6.119   9.948   1.00 41.52 ? 207 ARG A C   1 
ATOM   459  O  O   . ARG A 1 91  ? 5.208   7.145   10.570  1.00 42.34 ? 207 ARG A O   1 
ATOM   460  C  CB  . ARG A 1 91  ? 6.584   6.480   7.766   1.00 39.38 ? 207 ARG A CB  1 
ATOM   461  C  CG  . ARG A 1 91  ? 6.438   6.891   6.328   1.00 39.48 ? 207 ARG A CG  1 
ATOM   462  C  CD  . ARG A 1 91  ? 7.677   7.682   5.876   1.00 39.69 ? 207 ARG A CD  1 
ATOM   463  N  NE  . ARG A 1 91  ? 7.846   7.633   4.424   1.00 39.43 ? 207 ARG A NE  1 
ATOM   464  C  CZ  . ARG A 1 91  ? 8.154   6.533   3.734   1.00 39.41 ? 207 ARG A CZ  1 
ATOM   465  N  NH1 . ARG A 1 91  ? 8.328   5.375   4.347   1.00 39.64 ? 207 ARG A NH1 1 
ATOM   466  N  NH2 . ARG A 1 91  ? 8.281   6.581   2.416   1.00 39.50 ? 207 ARG A NH2 1 
ATOM   467  N  N   . SER A 1 92  ? 6.006   5.033   10.527  1.00 41.56 ? 208 SER A N   1 
ATOM   468  C  CA  . SER A 1 92  ? 6.367   5.005   11.942  1.00 41.71 ? 208 SER A CA  1 
ATOM   469  C  C   . SER A 1 92  ? 7.506   4.010   12.041  1.00 42.67 ? 208 SER A C   1 
ATOM   470  O  O   . SER A 1 92  ? 7.633   3.102   11.207  1.00 42.91 ? 208 SER A O   1 
ATOM   471  C  CB  . SER A 1 92  ? 5.170   4.567   12.825  1.00 41.91 ? 208 SER A CB  1 
ATOM   472  O  OG  . SER A 1 92  ? 4.931   3.127   12.778  1.00 42.89 ? 208 SER A OG  1 
ATOM   473  N  N   . GLU A 1 93  ? 8.354   4.172   13.042  1.00 43.08 ? 209 GLU A N   1 
ATOM   474  C  CA  . GLU A 1 93  ? 9.344   3.149   13.347  1.00 43.73 ? 209 GLU A CA  1 
ATOM   475  C  C   . GLU A 1 93  ? 8.914   2.626   14.688  1.00 43.15 ? 209 GLU A C   1 
ATOM   476  O  O   . GLU A 1 93  ? 8.518   3.409   15.550  1.00 43.52 ? 209 GLU A O   1 
ATOM   477  C  CB  . GLU A 1 93  ? 10.764  3.739   13.477  1.00 45.23 ? 209 GLU A CB  1 
ATOM   478  C  CG  . GLU A 1 93  ? 11.624  3.908   12.186  1.00 48.05 ? 209 GLU A CG  1 
ATOM   479  C  CD  . GLU A 1 93  ? 11.123  5.009   11.199  1.00 50.48 ? 209 GLU A CD  1 
ATOM   480  O  OE1 . GLU A 1 93  ? 11.827  6.046   10.945  1.00 49.45 ? 209 GLU A OE1 1 
ATOM   481  O  OE2 . GLU A 1 93  ? 9.999   4.811   10.646  1.00 52.18 ? 209 GLU A OE2 1 
ATOM   482  N  N   . ASP A 1 94  ? 8.966   1.314   14.862  1.00 42.91 ? 210 ASP A N   1 
ATOM   483  C  CA  . ASP A 1 94  ? 8.927   0.718   16.189  1.00 43.06 ? 210 ASP A CA  1 
ATOM   484  C  C   . ASP A 1 94  ? 10.095  -0.252  16.421  1.00 43.62 ? 210 ASP A C   1 
ATOM   485  O  O   . ASP A 1 94  ? 10.738  -0.707  15.479  1.00 43.27 ? 210 ASP A O   1 
ATOM   486  C  CB  . ASP A 1 94  ? 7.571   0.062   16.485  1.00 43.48 ? 210 ASP A CB  1 
ATOM   487  C  CG  . ASP A 1 94  ? 7.142   -0.933  15.443  1.00 44.83 ? 210 ASP A CG  1 
ATOM   488  O  OD1 . ASP A 1 94  ? 5.982   -1.385  15.525  1.00 45.87 ? 210 ASP A OD1 1 
ATOM   489  O  OD2 . ASP A 1 94  ? 7.929   -1.279  14.539  1.00 46.19 ? 210 ASP A OD2 1 
ATOM   490  N  N   . ALA A 1 95  ? 10.405  -0.514  17.688  1.00 44.64 ? 211 ALA A N   1 
ATOM   491  C  CA  . ALA A 1 95  ? 11.331  -1.591  18.044  1.00 43.88 ? 211 ALA A CA  1 
ATOM   492  C  C   . ALA A 1 95  ? 10.488  -2.711  18.650  1.00 43.77 ? 211 ALA A C   1 
ATOM   493  O  O   . ALA A 1 95  ? 9.943   -2.546  19.737  1.00 44.19 ? 211 ALA A O   1 
ATOM   494  C  CB  . ALA A 1 95  ? 12.380  -1.114  19.008  1.00 42.05 ? 211 ALA A CB  1 
ATOM   495  N  N   . VAL A 1 96  ? 10.344  -3.818  17.928  1.00 43.02 ? 212 VAL A N   1 
ATOM   496  C  CA  . VAL A 1 96  ? 9.692   -5.012  18.472  1.00 43.75 ? 212 VAL A CA  1 
ATOM   497  C  C   . VAL A 1 96  ? 10.641  -6.213  18.374  1.00 44.10 ? 212 VAL A C   1 
ATOM   498  O  O   . VAL A 1 96  ? 11.353  -6.359  17.370  1.00 44.75 ? 212 VAL A O   1 
ATOM   499  C  CB  . VAL A 1 96  ? 8.347   -5.347  17.715  1.00 43.30 ? 212 VAL A CB  1 
ATOM   500  C  CG1 . VAL A 1 96  ? 7.679   -6.613  18.262  1.00 42.00 ? 212 VAL A CG1 1 
ATOM   501  C  CG2 . VAL A 1 96  ? 7.384   -4.165  17.746  1.00 42.90 ? 212 VAL A CG2 1 
ATOM   502  N  N   . GLY A 1 97  ? 10.609  -7.090  19.388  1.00 43.75 ? 213 GLY A N   1 
ATOM   503  C  CA  . GLY A 1 97  ? 11.462  -8.290  19.423  1.00 42.33 ? 213 GLY A CA  1 
ATOM   504  C  C   . GLY A 1 97  ? 12.820  -7.727  19.737  1.00 42.45 ? 213 GLY A C   1 
ATOM   505  O  O   . GLY A 1 97  ? 12.935  -6.797  20.572  1.00 43.68 ? 213 GLY A O   1 
ATOM   506  N  N   . GLY A 1 98  ? 13.862  -8.216  19.072  1.00 41.02 ? 214 GLY A N   1 
ATOM   507  C  CA  . GLY A 1 98  ? 15.158  -7.499  19.203  1.00 38.88 ? 214 GLY A CA  1 
ATOM   508  C  C   . GLY A 1 98  ? 15.363  -6.478  18.090  1.00 36.73 ? 214 GLY A C   1 
ATOM   509  O  O   . GLY A 1 98  ? 16.436  -5.894  17.970  1.00 34.74 ? 214 GLY A O   1 
ATOM   510  N  N   . ARG A 1 99  ? 14.310  -6.263  17.295  1.00 35.28 ? 215 ARG A N   1 
ATOM   511  C  CA  . ARG A 1 99  ? 14.449  -5.740  15.944  1.00 35.67 ? 215 ARG A CA  1 
ATOM   512  C  C   . ARG A 1 99  ? 13.838  -4.365  15.750  1.00 35.91 ? 215 ARG A C   1 
ATOM   513  O  O   . ARG A 1 99  ? 13.019  -3.935  16.552  1.00 36.46 ? 215 ARG A O   1 
ATOM   514  C  CB  . ARG A 1 99  ? 13.837  -6.712  14.936  1.00 35.86 ? 215 ARG A CB  1 
ATOM   515  C  CG  . ARG A 1 99  ? 14.130  -8.173  15.231  1.00 35.52 ? 215 ARG A CG  1 
ATOM   516  C  CD  . ARG A 1 99  ? 13.662  -9.052  14.063  1.00 34.86 ? 215 ARG A CD  1 
ATOM   517  N  NE  . ARG A 1 99  ? 14.778  -9.334  13.158  1.00 33.79 ? 215 ARG A NE  1 
ATOM   518  C  CZ  . ARG A 1 99  ? 15.272  -10.543 12.974  1.00 32.46 ? 215 ARG A CZ  1 
ATOM   519  N  NH1 . ARG A 1 99  ? 16.298  -10.739 12.159  1.00 31.78 ? 215 ARG A NH1 1 
ATOM   520  N  NH2 . ARG A 1 99  ? 14.707  -11.553 13.614  1.00 33.05 ? 215 ARG A NH2 1 
ATOM   521  N  N   . HIS A 1 100 ? 14.254  -3.675  14.690  1.00 35.74 ? 216 HIS A N   1 
ATOM   522  C  CA  . HIS A 1 100 ? 13.663  -2.395  14.336  1.00 35.71 ? 216 HIS A CA  1 
ATOM   523  C  C   . HIS A 1 100 ? 12.928  -2.522  13.038  1.00 35.24 ? 216 HIS A C   1 
ATOM   524  O  O   . HIS A 1 100 ? 13.320  -3.295  12.181  1.00 34.80 ? 216 HIS A O   1 
ATOM   525  C  CB  . HIS A 1 100 ? 14.729  -1.350  14.183  1.00 36.06 ? 216 HIS A CB  1 
ATOM   526  C  CG  . HIS A 1 100 ? 15.409  -1.019  15.463  1.00 37.88 ? 216 HIS A CG  1 
ATOM   527  N  ND1 . HIS A 1 100 ? 15.007  0.023   16.272  1.00 38.74 ? 216 HIS A ND1 1 
ATOM   528  C  CD2 . HIS A 1 100 ? 16.477  -1.581  16.080  1.00 38.46 ? 216 HIS A CD2 1 
ATOM   529  C  CE1 . HIS A 1 100 ? 15.794  0.085   17.336  1.00 38.00 ? 216 HIS A CE1 1 
ATOM   530  N  NE2 . HIS A 1 100 ? 16.705  -0.866  17.235  1.00 38.01 ? 216 HIS A NE2 1 
ATOM   531  N  N   . TYR A 1 101 ? 11.854  -1.755  12.903  1.00 35.56 ? 217 TYR A N   1 
ATOM   532  C  CA  . TYR A 1 101 ? 11.038  -1.756  11.701  1.00 35.61 ? 217 TYR A CA  1 
ATOM   533  C  C   . TYR A 1 101 ? 10.694  -0.360  11.345  1.00 35.52 ? 217 TYR A C   1 
ATOM   534  O  O   . TYR A 1 101 ? 10.440  0.491   12.204  1.00 35.62 ? 217 TYR A O   1 
ATOM   535  C  CB  . TYR A 1 101 ? 9.733   -2.529  11.905  1.00 36.01 ? 217 TYR A CB  1 
ATOM   536  C  CG  . TYR A 1 101 ? 9.983   -3.940  12.308  1.00 36.08 ? 217 TYR A CG  1 
ATOM   537  C  CD1 . TYR A 1 101 ? 10.393  -4.879  11.366  1.00 36.65 ? 217 TYR A CD1 1 
ATOM   538  C  CD2 . TYR A 1 101 ? 9.854   -4.345  13.635  1.00 36.73 ? 217 TYR A CD2 1 
ATOM   539  C  CE1 . TYR A 1 101 ? 10.647  -6.211  11.723  1.00 36.81 ? 217 TYR A CE1 1 
ATOM   540  C  CE2 . TYR A 1 101 ? 10.115  -5.696  14.005  1.00 37.62 ? 217 TYR A CE2 1 
ATOM   541  C  CZ  . TYR A 1 101 ? 10.501  -6.611  13.029  1.00 36.47 ? 217 TYR A CZ  1 
ATOM   542  O  OH  . TYR A 1 101 ? 10.769  -7.912  13.341  1.00 37.33 ? 217 TYR A OH  1 
ATOM   543  N  N   . HIS A 1 102 ? 10.666  -0.127  10.053  1.00 34.80 ? 218 HIS A N   1 
ATOM   544  C  CA  . HIS A 1 102 ? 10.091  1.085   9.562   1.00 33.52 ? 218 HIS A CA  1 
ATOM   545  C  C   . HIS A 1 102 ? 8.830   0.657   8.855   1.00 33.76 ? 218 HIS A C   1 
ATOM   546  O  O   . HIS A 1 102 ? 8.898   -0.073  7.856   1.00 33.39 ? 218 HIS A O   1 
ATOM   547  C  CB  . HIS A 1 102 ? 11.031  1.776   8.605   1.00 31.25 ? 218 HIS A CB  1 
ATOM   548  C  CG  . HIS A 1 102 ? 10.415  2.925   7.876   1.00 30.90 ? 218 HIS A CG  1 
ATOM   549  N  ND1 . HIS A 1 102 ? 10.532  4.230   8.312   1.00 30.53 ? 218 HIS A ND1 1 
ATOM   550  C  CD2 . HIS A 1 102 ? 9.708   2.977   6.720   1.00 30.81 ? 218 HIS A CD2 1 
ATOM   551  C  CE1 . HIS A 1 102 ? 9.921   5.038   7.459   1.00 30.73 ? 218 HIS A CE1 1 
ATOM   552  N  NE2 . HIS A 1 102 ? 9.418   4.304   6.481   1.00 31.41 ? 218 HIS A NE2 1 
ATOM   553  N  N   . ASN A 1 103 ? 7.699   1.133   9.392   1.00 33.82 ? 219 ASN A N   1 
ATOM   554  C  CA  . ASN A 1 103 ? 6.344   0.855   8.892   1.00 33.11 ? 219 ASN A CA  1 
ATOM   555  C  C   . ASN A 1 103 ? 5.701   1.986   8.083   1.00 33.43 ? 219 ASN A C   1 
ATOM   556  O  O   . ASN A 1 103 ? 5.848   3.199   8.375   1.00 32.84 ? 219 ASN A O   1 
ATOM   557  C  CB  . ASN A 1 103 ? 5.468   0.420   10.046  1.00 32.97 ? 219 ASN A CB  1 
ATOM   558  C  CG  . ASN A 1 103 ? 6.184   -0.545  10.948  1.00 35.00 ? 219 ASN A CG  1 
ATOM   559  O  OD1 . ASN A 1 103 ? 6.652   -0.166  12.028  1.00 37.66 ? 219 ASN A OD1 1 
ATOM   560  N  ND2 . ASN A 1 103 ? 6.351   -1.777  10.495  1.00 34.74 ? 219 ASN A ND2 1 
ATOM   561  N  N   . GLN A 1 104 ? 5.065   1.549   7.011   1.00 33.97 ? 220 GLN A N   1 
ATOM   562  C  CA  . GLN A 1 104 ? 4.248   2.381   6.155   1.00 35.92 ? 220 GLN A CA  1 
ATOM   563  C  C   . GLN A 1 104 ? 2.778   1.923   6.243   1.00 36.74 ? 220 GLN A C   1 
ATOM   564  O  O   . GLN A 1 104 ? 2.481   0.707   6.284   1.00 36.52 ? 220 GLN A O   1 
ATOM   565  C  CB  . GLN A 1 104 ? 4.721   2.259   4.733   1.00 36.86 ? 220 GLN A CB  1 
ATOM   566  C  CG  . GLN A 1 104 ? 5.698   3.318   4.382   1.00 39.86 ? 220 GLN A CG  1 
ATOM   567  C  CD  . GLN A 1 104 ? 6.240   3.146   2.976   1.00 41.66 ? 220 GLN A CD  1 
ATOM   568  O  OE1 . GLN A 1 104 ? 6.877   2.122   2.667   1.00 42.91 ? 220 GLN A OE1 1 
ATOM   569  N  NE2 . GLN A 1 104 ? 6.003   4.146   2.106   1.00 42.15 ? 220 GLN A NE2 1 
ATOM   570  N  N   . TYR A 1 105 ? 1.874   2.895   6.300   1.00 36.22 ? 221 TYR A N   1 
ATOM   571  C  CA  . TYR A 1 105 ? 0.458   2.611   6.444   1.00 36.31 ? 221 TYR A CA  1 
ATOM   572  C  C   . TYR A 1 105 ? -0.256  3.267   5.266   1.00 36.44 ? 221 TYR A C   1 
ATOM   573  O  O   . TYR A 1 105 ? -0.210  4.493   5.084   1.00 37.32 ? 221 TYR A O   1 
ATOM   574  C  CB  . TYR A 1 105 ? -0.036  3.102   7.808   1.00 37.01 ? 221 TYR A CB  1 
ATOM   575  C  CG  . TYR A 1 105 ? 0.795   2.573   8.990   1.00 37.06 ? 221 TYR A CG  1 
ATOM   576  C  CD1 . TYR A 1 105 ? 0.399   1.421   9.692   1.00 37.75 ? 221 TYR A CD1 1 
ATOM   577  C  CD2 . TYR A 1 105 ? 1.978   3.210   9.391   1.00 36.63 ? 221 TYR A CD2 1 
ATOM   578  C  CE1 . TYR A 1 105 ? 1.168   0.930   10.767  1.00 37.71 ? 221 TYR A CE1 1 
ATOM   579  C  CE2 . TYR A 1 105 ? 2.747   2.722   10.464  1.00 36.67 ? 221 TYR A CE2 1 
ATOM   580  C  CZ  . TYR A 1 105 ? 2.327   1.599   11.136  1.00 37.23 ? 221 TYR A CZ  1 
ATOM   581  O  OH  . TYR A 1 105 ? 3.059   1.120   12.167  1.00 38.56 ? 221 TYR A OH  1 
ATOM   582  N  N   . ILE A 1 106 ? -0.849  2.425   4.430   1.00 35.24 ? 222 ILE A N   1 
ATOM   583  C  CA  . ILE A 1 106 ? -1.363  2.857   3.154   1.00 35.05 ? 222 ILE A CA  1 
ATOM   584  C  C   . ILE A 1 106 ? -2.809  2.485   3.079   1.00 36.27 ? 222 ILE A C   1 
ATOM   585  O  O   . ILE A 1 106 ? -3.161  1.307   2.829   1.00 36.79 ? 222 ILE A O   1 
ATOM   586  C  CB  . ILE A 1 106 ? -0.615  2.218   1.976   1.00 34.10 ? 222 ILE A CB  1 
ATOM   587  C  CG1 . ILE A 1 106 ? 0.854   2.604   2.049   1.00 33.42 ? 222 ILE A CG1 1 
ATOM   588  C  CG2 . ILE A 1 106 ? -1.205  2.671   0.665   1.00 31.80 ? 222 ILE A CG2 1 
ATOM   589  C  CD1 . ILE A 1 106 ? 1.706   1.441   1.867   1.00 34.23 ? 222 ILE A CD1 1 
ATOM   590  N  N   . PRO A 1 107 ? -3.661  3.491   3.304   1.00 36.31 ? 223 PRO A N   1 
ATOM   591  C  CA  . PRO A 1 107 ? -5.097  3.341   3.162   1.00 36.32 ? 223 PRO A CA  1 
ATOM   592  C  C   . PRO A 1 107 ? -5.408  2.710   1.812   1.00 36.92 ? 223 PRO A C   1 
ATOM   593  O  O   . PRO A 1 107 ? -4.853  3.134   0.805   1.00 35.93 ? 223 PRO A O   1 
ATOM   594  C  CB  . PRO A 1 107 ? -5.620  4.782   3.231   1.00 35.28 ? 223 PRO A CB  1 
ATOM   595  C  CG  . PRO A 1 107 ? -4.396  5.670   3.143   1.00 36.01 ? 223 PRO A CG  1 
ATOM   596  C  CD  . PRO A 1 107 ? -3.265  4.863   3.674   1.00 36.18 ? 223 PRO A CD  1 
ATOM   597  N  N   . VAL A 1 108 ? -6.241  1.664   1.809   1.00 38.76 ? 224 VAL A N   1 
ATOM   598  C  CA  . VAL A 1 108 ? -6.811  1.160   0.565   1.00 39.84 ? 224 VAL A CA  1 
ATOM   599  C  C   . VAL A 1 108 ? -8.126  1.839   0.374   1.00 41.98 ? 224 VAL A C   1 
ATOM   600  O  O   . VAL A 1 108 ? -8.840  2.118   1.347   1.00 42.49 ? 224 VAL A O   1 
ATOM   601  C  CB  . VAL A 1 108 ? -7.016  -0.344  0.529   1.00 38.58 ? 224 VAL A CB  1 
ATOM   602  C  CG1 . VAL A 1 108 ? -7.195  -0.783  -0.912  1.00 37.88 ? 224 VAL A CG1 1 
ATOM   603  C  CG2 . VAL A 1 108 ? -5.823  -1.030  1.085   1.00 38.51 ? 224 VAL A CG2 1 
ATOM   604  N  N   . ASP A 1 109 ? -8.420  2.132   -0.884  1.00 45.18 ? 225 ASP A N   1 
ATOM   605  C  CA  . ASP A 1 109 ? -9.659  2.803   -1.276  1.00 49.40 ? 225 ASP A CA  1 
ATOM   606  C  C   . ASP A 1 109 ? -10.053 4.023   -0.402  1.00 52.16 ? 225 ASP A C   1 
ATOM   607  O  O   . ASP A 1 109 ? -11.194 4.120   0.085   1.00 53.07 ? 225 ASP A O   1 
ATOM   608  C  CB  . ASP A 1 109 ? -10.803 1.788   -1.387  1.00 48.91 ? 225 ASP A CB  1 
ATOM   609  C  CG  . ASP A 1 109 ? -10.525 0.700   -2.408  1.00 48.84 ? 225 ASP A CG  1 
ATOM   610  O  OD1 . ASP A 1 109 ? -9.755  0.967   -3.348  1.00 48.24 ? 225 ASP A OD1 1 
ATOM   611  O  OD2 . ASP A 1 109 ? -11.077 -0.424  -2.271  1.00 49.11 ? 225 ASP A OD2 1 
ATOM   612  N  N   . SER A 1 110 ? -9.093  4.937   -0.239  1.00 54.63 ? 226 SER A N   1 
ATOM   613  C  CA  . SER A 1 110 ? -9.218  6.203   0.512   1.00 57.35 ? 226 SER A CA  1 
ATOM   614  C  C   . SER A 1 110 ? -10.635 6.730   0.864   1.00 58.97 ? 226 SER A C   1 
ATOM   615  O  O   . SER A 1 110 ? -10.968 6.880   2.044   1.00 59.75 ? 226 SER A O   1 
ATOM   616  C  CB  . SER A 1 110 ? -8.438  7.293   -0.226  1.00 57.55 ? 226 SER A CB  1 
ATOM   617  O  OG  . SER A 1 110 ? -7.875  8.167   0.718   1.00 58.12 ? 226 SER A OG  1 
ATOM   618  N  N   . HIS A 1 111 ? -11.448 7.026   -0.148  1.00 60.26 ? 227 HIS A N   1 
ATOM   619  C  CA  . HIS A 1 111 ? -12.825 7.497   0.070   1.00 62.05 ? 227 HIS A CA  1 
ATOM   620  C  C   . HIS A 1 111 ? -13.848 6.403   0.540   1.00 61.91 ? 227 HIS A C   1 
ATOM   621  O  O   . HIS A 1 111 ? -14.328 6.429   1.685   1.00 61.36 ? 227 HIS A O   1 
ATOM   622  C  CB  . HIS A 1 111 ? -13.317 8.254   -1.182  1.00 63.57 ? 227 HIS A CB  1 
ATOM   623  C  CG  . HIS A 1 111 ? -12.767 7.723   -2.479  1.00 64.81 ? 227 HIS A CG  1 
ATOM   624  N  ND1 . HIS A 1 111 ? -13.511 6.949   -3.347  1.00 65.12 ? 227 HIS A ND1 1 
ATOM   625  C  CD2 . HIS A 1 111 ? -11.549 7.866   -3.057  1.00 64.90 ? 227 HIS A CD2 1 
ATOM   626  C  CE1 . HIS A 1 111 ? -12.778 6.637   -4.401  1.00 64.99 ? 227 HIS A CE1 1 
ATOM   627  N  NE2 . HIS A 1 111 ? -11.584 7.178   -4.249  1.00 65.28 ? 227 HIS A NE2 1 
ATOM   628  N  N   . ARG A 1 112 ? -14.148 5.456   -0.352  1.00 61.53 ? 228 ARG A N   1 
ATOM   629  C  CA  . ARG A 1 112 ? -15.075 4.331   -0.123  1.00 60.90 ? 228 ARG A CA  1 
ATOM   630  C  C   . ARG A 1 112 ? -14.737 3.322   1.026   1.00 60.41 ? 228 ARG A C   1 
ATOM   631  O  O   . ARG A 1 112 ? -15.597 3.062   1.885   1.00 60.32 ? 228 ARG A O   1 
ATOM   632  C  CB  . ARG A 1 112 ? -15.307 3.578   -1.456  1.00 61.75 ? 228 ARG A CB  1 
ATOM   633  C  CG  . ARG A 1 112 ? -14.168 3.733   -2.500  1.00 62.82 ? 228 ARG A CG  1 
ATOM   634  C  CD  . ARG A 1 112 ? -13.758 2.407   -3.201  1.00 63.58 ? 228 ARG A CD  1 
ATOM   635  N  NE  . ARG A 1 112 ? -14.156 2.332   -4.618  1.00 63.89 ? 228 ARG A NE  1 
ATOM   636  C  CZ  . ARG A 1 112 ? -13.939 1.286   -5.426  1.00 63.75 ? 228 ARG A CZ  1 
ATOM   637  N  NH1 . ARG A 1 112 ? -13.319 0.193   -4.983  1.00 63.40 ? 228 ARG A NH1 1 
ATOM   638  N  NH2 . ARG A 1 112 ? -14.350 1.329   -6.691  1.00 63.15 ? 228 ARG A NH2 1 
ATOM   639  N  N   . LYS A 1 113 ? -13.496 2.780   1.032   1.00 59.25 ? 229 LYS A N   1 
ATOM   640  C  CA  . LYS A 1 113 ? -13.026 1.597   1.862   1.00 56.10 ? 229 LYS A CA  1 
ATOM   641  C  C   . LYS A 1 113 ? -12.305 1.982   3.185   1.00 55.28 ? 229 LYS A C   1 
ATOM   642  O  O   . LYS A 1 113 ? -11.544 1.164   3.748   1.00 54.56 ? 229 LYS A O   1 
ATOM   643  C  CB  . LYS A 1 113 ? -12.110 0.666   0.991   1.00 54.57 ? 229 LYS A CB  1 
ATOM   644  C  CG  . LYS A 1 113 ? -11.614 -0.712  1.584   1.00 52.71 ? 229 LYS A CG  1 
ATOM   645  C  CD  . LYS A 1 113 ? -11.024 -1.689  0.516   1.00 50.39 ? 229 LYS A CD  1 
ATOM   646  C  CE  . LYS A 1 113 ? -10.753 -3.132  1.058   1.00 48.74 ? 229 LYS A CE  1 
ATOM   647  N  NZ  . LYS A 1 113 ? -10.674 -4.217  0.012   1.00 45.57 ? 229 LYS A NZ  1 
ATOM   648  N  N   . SER A 1 114 ? -12.571 3.209   3.676   1.00 53.97 ? 230 SER A N   1 
ATOM   649  C  CA  . SER A 1 114 ? -11.825 3.836   4.809   1.00 52.02 ? 230 SER A CA  1 
ATOM   650  C  C   . SER A 1 114 ? -11.981 3.088   6.155   1.00 49.33 ? 230 SER A C   1 
ATOM   651  O  O   . SER A 1 114 ? -12.514 3.594   7.154   1.00 48.55 ? 230 SER A O   1 
ATOM   652  C  CB  . SER A 1 114 ? -12.069 5.367   4.909   1.00 53.16 ? 230 SER A CB  1 
ATOM   653  O  OG  . SER A 1 114 ? -13.431 5.717   5.160   1.00 54.29 ? 230 SER A OG  1 
ATOM   654  N  N   . ASP A 1 115 ? -11.423 1.883   6.145   1.00 46.48 ? 231 ASP A N   1 
ATOM   655  C  CA  . ASP A 1 115 ? -11.693 0.848   7.097   1.00 43.28 ? 231 ASP A CA  1 
ATOM   656  C  C   . ASP A 1 115 ? -10.429 0.027   7.086   1.00 40.84 ? 231 ASP A C   1 
ATOM   657  O  O   . ASP A 1 115 ? -10.108 -0.650  8.052   1.00 41.93 ? 231 ASP A O   1 
ATOM   658  C  CB  . ASP A 1 115 ? -12.815 -0.017  6.532   1.00 42.73 ? 231 ASP A CB  1 
ATOM   659  C  CG  . ASP A 1 115 ? -13.792 -0.452  7.564   1.00 42.46 ? 231 ASP A CG  1 
ATOM   660  O  OD1 . ASP A 1 115 ? -15.008 -0.344  7.294   1.00 44.63 ? 231 ASP A OD1 1 
ATOM   661  O  OD2 . ASP A 1 115 ? -13.375 -0.908  8.636   1.00 41.67 ? 231 ASP A OD2 1 
ATOM   662  N  N   . THR A 1 116 ? -9.727  0.065   5.959   1.00 38.03 ? 232 THR A N   1 
ATOM   663  C  CA  . THR A 1 116 ? -8.592  -0.835  5.720   1.00 36.05 ? 232 THR A CA  1 
ATOM   664  C  C   . THR A 1 116 ? -7.324  -0.161  5.183   1.00 35.22 ? 232 THR A C   1 
ATOM   665  O  O   . THR A 1 116 ? -7.341  0.906   4.548   1.00 33.06 ? 232 THR A O   1 
ATOM   666  C  CB  . THR A 1 116 ? -8.964  -1.902  4.710   1.00 35.40 ? 232 THR A CB  1 
ATOM   667  O  OG1 . THR A 1 116 ? -9.236  -1.250  3.463   1.00 36.28 ? 232 THR A OG1 1 
ATOM   668  C  CG2 . THR A 1 116 ? -10.194 -2.727  5.184   1.00 34.52 ? 232 THR A CG2 1 
ATOM   669  N  N   . PHE A 1 117 ? -6.210  -0.810  5.447   1.00 35.18 ? 233 PHE A N   1 
ATOM   670  C  CA  . PHE A 1 117 ? -4.969  -0.313  4.929   1.00 36.51 ? 233 PHE A CA  1 
ATOM   671  C  C   . PHE A 1 117 ? -3.986  -1.466  4.754   1.00 36.19 ? 233 PHE A C   1 
ATOM   672  O  O   . PHE A 1 117 ? -4.168  -2.542  5.322   1.00 36.42 ? 233 PHE A O   1 
ATOM   673  C  CB  . PHE A 1 117 ? -4.415  0.793   5.858   1.00 37.14 ? 233 PHE A CB  1 
ATOM   674  C  CG  . PHE A 1 117 ? -4.161  0.336   7.262   1.00 38.01 ? 233 PHE A CG  1 
ATOM   675  C  CD1 . PHE A 1 117 ? -2.866  0.000   7.679   1.00 39.37 ? 233 PHE A CD1 1 
ATOM   676  C  CD2 . PHE A 1 117 ? -5.209  0.236   8.182   1.00 39.22 ? 233 PHE A CD2 1 
ATOM   677  C  CE1 . PHE A 1 117 ? -2.615  -0.437  9.015   1.00 38.45 ? 233 PHE A CE1 1 
ATOM   678  C  CE2 . PHE A 1 117 ? -4.977  -0.204  9.508   1.00 38.55 ? 233 PHE A CE2 1 
ATOM   679  C  CZ  . PHE A 1 117 ? -3.675  -0.535  9.918   1.00 38.48 ? 233 PHE A CZ  1 
ATOM   680  N  N   . GLN A 1 118 ? -2.973  -1.244  3.932   1.00 35.51 ? 234 GLN A N   1 
ATOM   681  C  CA  . GLN A 1 118 ? -1.826  -2.117  3.916   1.00 35.50 ? 234 GLN A CA  1 
ATOM   682  C  C   . GLN A 1 118 ? -0.809  -1.557  4.914   1.00 36.14 ? 234 GLN A C   1 
ATOM   683  O  O   . GLN A 1 118 ? -0.600  -0.350  4.956   1.00 36.40 ? 234 GLN A O   1 
ATOM   684  C  CB  . GLN A 1 118 ? -1.248  -2.154  2.505   1.00 34.80 ? 234 GLN A CB  1 
ATOM   685  C  CG  . GLN A 1 118 ? -2.237  -2.654  1.474   1.00 33.93 ? 234 GLN A CG  1 
ATOM   686  C  CD  . GLN A 1 118 ? -1.816  -2.407  0.037   1.00 34.85 ? 234 GLN A CD  1 
ATOM   687  O  OE1 . GLN A 1 118 ? -1.618  -1.255  -0.380  1.00 35.30 ? 234 GLN A OE1 1 
ATOM   688  N  NE2 . GLN A 1 118 ? -1.709  -3.492  -0.755  1.00 34.79 ? 234 GLN A NE2 1 
ATOM   689  N  N   . LEU A 1 119 ? -0.243  -2.417  5.760   1.00 35.71 ? 235 LEU A N   1 
ATOM   690  C  CA  . LEU A 1 119 ? 0.909   -2.051  6.534   1.00 35.13 ? 235 LEU A CA  1 
ATOM   691  C  C   . LEU A 1 119 ? 2.108   -2.718  5.883   1.00 36.44 ? 235 LEU A C   1 
ATOM   692  O  O   . LEU A 1 119 ? 2.238   -3.954  5.901   1.00 38.02 ? 235 LEU A O   1 
ATOM   693  C  CB  . LEU A 1 119 ? 0.791   -2.517  7.975   1.00 35.26 ? 235 LEU A CB  1 
ATOM   694  C  CG  . LEU A 1 119 ? 2.114   -2.793  8.733   1.00 35.95 ? 235 LEU A CG  1 
ATOM   695  C  CD1 . LEU A 1 119 ? 3.104   -1.599  8.787   1.00 36.29 ? 235 LEU A CD1 1 
ATOM   696  C  CD2 . LEU A 1 119 ? 1.807   -3.225  10.133  1.00 36.20 ? 235 LEU A CD2 1 
ATOM   697  N  N   . VAL A 1 120 ? 2.981   -1.912  5.303   1.00 35.35 ? 236 VAL A N   1 
ATOM   698  C  CA  . VAL A 1 120 ? 4.236   -2.431  4.783   1.00 36.32 ? 236 VAL A CA  1 
ATOM   699  C  C   . VAL A 1 120 ? 5.299   -2.298  5.898   1.00 37.85 ? 236 VAL A C   1 
ATOM   700  O  O   . VAL A 1 120 ? 5.483   -1.210  6.457   1.00 40.03 ? 236 VAL A O   1 
ATOM   701  C  CB  . VAL A 1 120 ? 4.642   -1.694  3.495   1.00 34.78 ? 236 VAL A CB  1 
ATOM   702  C  CG1 . VAL A 1 120 ? 5.973   -2.205  2.995   1.00 33.90 ? 236 VAL A CG1 1 
ATOM   703  C  CG2 . VAL A 1 120 ? 3.570   -1.877  2.432   1.00 32.80 ? 236 VAL A CG2 1 
ATOM   704  N  N   . SER A 1 121 ? 5.958   -3.397  6.258   1.00 37.49 ? 237 SER A N   1 
ATOM   705  C  CA  . SER A 1 121 ? 6.882   -3.386  7.396   1.00 36.83 ? 237 SER A CA  1 
ATOM   706  C  C   . SER A 1 121 ? 8.297   -3.875  6.987   1.00 37.57 ? 237 SER A C   1 
ATOM   707  O  O   . SER A 1 121 ? 8.501   -5.027  6.563   1.00 38.28 ? 237 SER A O   1 
ATOM   708  C  CB  . SER A 1 121 ? 6.301   -4.221  8.519   1.00 37.22 ? 237 SER A CB  1 
ATOM   709  O  OG  . SER A 1 121 ? 7.092   -4.129  9.692   1.00 39.21 ? 237 SER A OG  1 
ATOM   710  N  N   . ARG A 1 122 ? 9.252   -2.958  7.073   1.00 37.37 ? 238 ARG A N   1 
ATOM   711  C  CA  . ARG A 1 122 ? 10.628  -3.136  6.641   1.00 36.03 ? 238 ARG A CA  1 
ATOM   712  C  C   . ARG A 1 122 ? 11.470  -3.378  7.878   1.00 33.10 ? 238 ARG A C   1 
ATOM   713  O  O   . ARG A 1 122 ? 11.414  -2.600  8.822   1.00 31.66 ? 238 ARG A O   1 
ATOM   714  C  CB  . ARG A 1 122 ? 11.055  -1.831  6.005   1.00 38.79 ? 238 ARG A CB  1 
ATOM   715  C  CG  . ARG A 1 122 ? 12.196  -1.931  5.017   1.00 43.93 ? 238 ARG A CG  1 
ATOM   716  C  CD  . ARG A 1 122 ? 12.291  -0.636  4.130   1.00 47.26 ? 238 ARG A CD  1 
ATOM   717  N  NE  . ARG A 1 122 ? 10.979  -0.087  3.690   1.00 49.03 ? 238 ARG A NE  1 
ATOM   718  C  CZ  . ARG A 1 122 ? 10.849  0.856   2.745   1.00 50.58 ? 238 ARG A CZ  1 
ATOM   719  N  NH1 . ARG A 1 122 ? 9.651   1.325   2.387   1.00 50.56 ? 238 ARG A NH1 1 
ATOM   720  N  NH2 . ARG A 1 122 ? 11.942  1.334   2.140   1.00 52.31 ? 238 ARG A NH2 1 
ATOM   721  N  N   . ASP A 1 123 ? 12.228  -4.464  7.899   1.00 31.71 ? 239 ASP A N   1 
ATOM   722  C  CA  . ASP A 1 123 ? 13.122  -4.732  9.036   1.00 30.60 ? 239 ASP A CA  1 
ATOM   723  C  C   . ASP A 1 123 ? 14.385  -3.898  8.825   1.00 30.17 ? 239 ASP A C   1 
ATOM   724  O  O   . ASP A 1 123 ? 15.069  -4.061  7.834   1.00 30.77 ? 239 ASP A O   1 
ATOM   725  C  CB  . ASP A 1 123 ? 13.413  -6.246  9.189   1.00 29.82 ? 239 ASP A CB  1 
ATOM   726  C  CG  . ASP A 1 123 ? 14.406  -6.572  10.342  1.00 29.53 ? 239 ASP A CG  1 
ATOM   727  O  OD1 . ASP A 1 123 ? 15.120  -5.678  10.792  1.00 28.64 ? 239 ASP A OD1 1 
ATOM   728  O  OD2 . ASP A 1 123 ? 14.502  -7.742  10.802  1.00 29.38 ? 239 ASP A OD2 1 
ATOM   729  N  N   . ILE A 1 124 ? 14.686  -2.986  9.746   1.00 29.57 ? 240 ILE A N   1 
ATOM   730  C  CA  . ILE A 1 124 ? 15.820  -2.112  9.582   1.00 29.45 ? 240 ILE A CA  1 
ATOM   731  C  C   . ILE A 1 124 ? 16.837  -2.279  10.709  1.00 30.25 ? 240 ILE A C   1 
ATOM   732  O  O   . ILE A 1 124 ? 17.683  -1.402  10.975  1.00 31.36 ? 240 ILE A O   1 
ATOM   733  C  CB  . ILE A 1 124 ? 15.366  -0.648  9.432   1.00 30.41 ? 240 ILE A CB  1 
ATOM   734  C  CG1 . ILE A 1 124 ? 14.493  -0.249  10.629  1.00 30.66 ? 240 ILE A CG1 1 
ATOM   735  C  CG2 . ILE A 1 124 ? 14.624  -0.455  8.093   1.00 30.38 ? 240 ILE A CG2 1 
ATOM   736  C  CD1 . ILE A 1 124 ? 14.103  1.198   10.650  1.00 30.09 ? 240 ILE A CD1 1 
ATOM   737  N  N   . THR A 1 125 ? 16.791  -3.429  11.351  1.00 30.59 ? 241 THR A N   1 
ATOM   738  C  CA  . THR A 1 125 ? 17.858  -3.844  12.241  1.00 31.85 ? 241 THR A CA  1 
ATOM   739  C  C   . THR A 1 125 ? 19.232  -3.929  11.495  1.00 33.89 ? 241 THR A C   1 
ATOM   740  O  O   . THR A 1 125 ? 19.361  -4.668  10.495  1.00 35.41 ? 241 THR A O   1 
ATOM   741  C  CB  . THR A 1 125 ? 17.533  -5.197  12.861  1.00 30.87 ? 241 THR A CB  1 
ATOM   742  O  OG1 . THR A 1 125 ? 16.123  -5.282  13.094  1.00 30.87 ? 241 THR A OG1 1 
ATOM   743  C  CG2 . THR A 1 125 ? 18.283  -5.367  14.183  1.00 30.49 ? 241 THR A CG2 1 
ATOM   744  O  OXT . THR A 1 125 ? 20.246  -3.278  11.834  1.00 33.34 ? 241 THR A OXT 1 
ATOM   745  N  N   . SER B 1 28  ? 1.376   12.991  1.833   1.00 51.98 ? 144 SER B N   1 
ATOM   746  C  CA  . SER B 1 28  ? 0.855   14.233  1.203   1.00 51.40 ? 144 SER B CA  1 
ATOM   747  C  C   . SER B 1 28  ? 1.590   14.499  -0.121  1.00 51.22 ? 144 SER B C   1 
ATOM   748  O  O   . SER B 1 28  ? 0.930   14.522  -1.179  1.00 51.27 ? 144 SER B O   1 
ATOM   749  C  CB  . SER B 1 28  ? 0.903   15.419  2.175   1.00 51.51 ? 144 SER B CB  1 
ATOM   750  O  OG  . SER B 1 28  ? 0.174   16.524  1.667   1.00 51.18 ? 144 SER B OG  1 
ATOM   751  N  N   . PRO B 1 29  ? 2.952   14.680  -0.084  1.00 50.77 ? 145 PRO B N   1 
ATOM   752  C  CA  . PRO B 1 29  ? 3.790   14.380  -1.297  1.00 49.26 ? 145 PRO B CA  1 
ATOM   753  C  C   . PRO B 1 29  ? 3.499   12.989  -1.909  1.00 48.47 ? 145 PRO B C   1 
ATOM   754  O  O   . PRO B 1 29  ? 4.044   12.681  -2.985  1.00 48.05 ? 145 PRO B O   1 
ATOM   755  C  CB  . PRO B 1 29  ? 5.235   14.399  -0.767  1.00 48.89 ? 145 PRO B CB  1 
ATOM   756  C  CG  . PRO B 1 29  ? 5.179   14.957  0.641   1.00 49.79 ? 145 PRO B CG  1 
ATOM   757  C  CD  . PRO B 1 29  ? 3.742   15.387  0.949   1.00 50.45 ? 145 PRO B CD  1 
ATOM   758  N  N   . ASP B 1 30  ? 2.655   12.186  -1.210  1.00 46.48 ? 146 ASP B N   1 
ATOM   759  C  CA  . ASP B 1 30  ? 2.264   10.812  -1.583  1.00 43.81 ? 146 ASP B CA  1 
ATOM   760  C  C   . ASP B 1 30  ? 0.927   10.721  -2.239  1.00 41.51 ? 146 ASP B C   1 
ATOM   761  O  O   . ASP B 1 30  ? -0.086  10.848  -1.591  1.00 40.42 ? 146 ASP B O   1 
ATOM   762  C  CB  . ASP B 1 30  ? 2.152   9.924   -0.362  1.00 44.82 ? 146 ASP B CB  1 
ATOM   763  C  CG  . ASP B 1 30  ? 3.414   9.854   0.402   1.00 45.49 ? 146 ASP B CG  1 
ATOM   764  O  OD1 . ASP B 1 30  ? 4.443   9.521   -0.202  1.00 46.57 ? 146 ASP B OD1 1 
ATOM   765  O  OD2 . ASP B 1 30  ? 3.386   10.138  1.615   1.00 46.34 ? 146 ASP B OD2 1 
ATOM   766  N  N   . GLY B 1 31  ? 0.942   10.479  -3.532  1.00 40.48 ? 147 GLY B N   1 
ATOM   767  C  CA  . GLY B 1 31  ? -0.260  10.187  -4.256  1.00 38.42 ? 147 GLY B CA  1 
ATOM   768  C  C   . GLY B 1 31  ? -0.398  8.706   -4.090  1.00 37.84 ? 147 GLY B C   1 
ATOM   769  O  O   . GLY B 1 31  ? 0.608   7.966   -4.174  1.00 38.10 ? 147 GLY B O   1 
ATOM   770  N  N   . ILE B 1 32  ? -1.619  8.290   -3.778  1.00 36.44 ? 148 ILE B N   1 
ATOM   771  C  CA  . ILE B 1 32  ? -1.955  6.891   -3.673  1.00 34.74 ? 148 ILE B CA  1 
ATOM   772  C  C   . ILE B 1 32  ? -3.010  6.670   -4.729  1.00 35.60 ? 148 ILE B C   1 
ATOM   773  O  O   . ILE B 1 32  ? -3.941  7.468   -4.909  1.00 35.22 ? 148 ILE B O   1 
ATOM   774  C  CB  . ILE B 1 32  ? -2.488  6.493   -2.261  1.00 33.31 ? 148 ILE B CB  1 
ATOM   775  C  CG1 . ILE B 1 32  ? -1.593  7.035   -1.129  1.00 31.36 ? 148 ILE B CG1 1 
ATOM   776  C  CG2 . ILE B 1 32  ? -2.676  4.963   -2.163  1.00 31.86 ? 148 ILE B CG2 1 
ATOM   777  C  CD1 . ILE B 1 32  ? -2.192  6.852   0.282   1.00 29.84 ? 148 ILE B CD1 1 
ATOM   778  N  N   . VAL B 1 33  ? -2.828  5.609   -5.482  1.00 36.39 ? 149 VAL B N   1 
ATOM   779  C  CA  . VAL B 1 33  ? -3.786  5.258   -6.503  1.00 36.96 ? 149 VAL B CA  1 
ATOM   780  C  C   . VAL B 1 33  ? -3.821  3.750   -6.545  1.00 37.95 ? 149 VAL B C   1 
ATOM   781  O  O   . VAL B 1 33  ? -2.773  3.086   -6.443  1.00 37.95 ? 149 VAL B O   1 
ATOM   782  C  CB  . VAL B 1 33  ? -3.413  5.824   -7.863  1.00 37.30 ? 149 VAL B CB  1 
ATOM   783  C  CG1 . VAL B 1 33  ? -1.922  5.919   -7.992  1.00 38.23 ? 149 VAL B CG1 1 
ATOM   784  C  CG2 . VAL B 1 33  ? -3.979  4.964   -8.998  1.00 37.82 ? 149 VAL B CG2 1 
ATOM   785  N  N   . HIS B 1 34  ? -5.044  3.236   -6.671  1.00 38.54 ? 150 HIS B N   1 
ATOM   786  C  CA  . HIS B 1 34  ? -5.333  1.835   -6.668  1.00 38.23 ? 150 HIS B CA  1 
ATOM   787  C  C   . HIS B 1 34  ? -5.727  1.428   -8.057  1.00 37.97 ? 150 HIS B C   1 
ATOM   788  O  O   . HIS B 1 34  ? -6.707  1.941   -8.591  1.00 37.86 ? 150 HIS B O   1 
ATOM   789  C  CB  . HIS B 1 34  ? -6.487  1.555   -5.705  1.00 39.55 ? 150 HIS B CB  1 
ATOM   790  C  CG  . HIS B 1 34  ? -6.712  0.094   -5.473  1.00 40.55 ? 150 HIS B CG  1 
ATOM   791  N  ND1 . HIS B 1 34  ? -7.843  -0.403  -4.860  1.00 39.98 ? 150 HIS B ND1 1 
ATOM   792  C  CD2 . HIS B 1 34  ? -5.946  -0.987  -5.784  1.00 40.73 ? 150 HIS B CD2 1 
ATOM   793  C  CE1 . HIS B 1 34  ? -7.764  -1.722  -4.803  1.00 40.24 ? 150 HIS B CE1 1 
ATOM   794  N  NE2 . HIS B 1 34  ? -6.622  -2.102  -5.351  1.00 40.73 ? 150 HIS B NE2 1 
ATOM   795  N  N   . LEU B 1 35  ? -4.982  0.481   -8.618  1.00 37.81 ? 151 LEU B N   1 
ATOM   796  C  CA  . LEU B 1 35  ? -5.118  0.104   -10.026 1.00 38.20 ? 151 LEU B CA  1 
ATOM   797  C  C   . LEU B 1 35  ? -5.434  -1.366  -10.349 1.00 38.20 ? 151 LEU B C   1 
ATOM   798  O  O   . LEU B 1 35  ? -4.946  -2.294  -9.686  1.00 37.59 ? 151 LEU B O   1 
ATOM   799  C  CB  . LEU B 1 35  ? -3.808  0.440   -10.711 1.00 40.12 ? 151 LEU B CB  1 
ATOM   800  C  CG  . LEU B 1 35  ? -3.615  1.879   -11.153 1.00 41.25 ? 151 LEU B CG  1 
ATOM   801  C  CD1 . LEU B 1 35  ? -2.875  1.769   -12.455 1.00 42.13 ? 151 LEU B CD1 1 
ATOM   802  C  CD2 . LEU B 1 35  ? -4.966  2.590   -11.394 1.00 41.31 ? 151 LEU B CD2 1 
ATOM   803  N  N   . THR B 1 36  ? -6.227  -1.594  -11.393 1.00 37.90 ? 152 THR B N   1 
ATOM   804  C  CA  . THR B 1 36  ? -6.280  -2.938  -11.958 1.00 37.18 ? 152 THR B CA  1 
ATOM   805  C  C   . THR B 1 36  ? -5.001  -3.074  -12.761 1.00 37.55 ? 152 THR B C   1 
ATOM   806  O  O   . THR B 1 36  ? -4.349  -2.074  -13.053 1.00 37.19 ? 152 THR B O   1 
ATOM   807  C  CB  . THR B 1 36  ? -7.523  -3.192  -12.825 1.00 36.48 ? 152 THR B CB  1 
ATOM   808  O  OG1 . THR B 1 36  ? -7.372  -2.601  -14.123 1.00 36.24 ? 152 THR B OG1 1 
ATOM   809  C  CG2 . THR B 1 36  ? -8.757  -2.644  -12.143 1.00 35.51 ? 152 THR B CG2 1 
ATOM   810  N  N   . THR B 1 37  ? -4.621  -4.299  -13.098 1.00 38.37 ? 153 THR B N   1 
ATOM   811  C  CA  . THR B 1 37  ? -3.394  -4.522  -13.877 1.00 38.35 ? 153 THR B CA  1 
ATOM   812  C  C   . THR B 1 37  ? -3.605  -4.208  -15.366 1.00 39.43 ? 153 THR B C   1 
ATOM   813  O  O   . THR B 1 37  ? -2.668  -4.207  -16.171 1.00 39.74 ? 153 THR B O   1 
ATOM   814  C  CB  . THR B 1 37  ? -2.805  -5.947  -13.663 1.00 37.79 ? 153 THR B CB  1 
ATOM   815  O  OG1 . THR B 1 37  ? -3.746  -6.945  -14.069 1.00 37.38 ? 153 THR B OG1 1 
ATOM   816  C  CG2 . THR B 1 37  ? -2.414  -6.165  -12.199 1.00 37.66 ? 153 THR B CG2 1 
ATOM   817  N  N   . ASN B 1 38  ? -4.851  -3.944  -15.725 1.00 40.45 ? 154 ASN B N   1 
ATOM   818  C  CA  . ASN B 1 38  ? -5.167  -3.328  -17.000 1.00 40.80 ? 154 ASN B CA  1 
ATOM   819  C  C   . ASN B 1 38  ? -5.169  -1.805  -16.862 1.00 40.50 ? 154 ASN B C   1 
ATOM   820  O  O   . ASN B 1 38  ? -5.474  -1.073  -17.808 1.00 40.45 ? 154 ASN B O   1 
ATOM   821  C  CB  . ASN B 1 38  ? -6.503  -3.849  -17.486 1.00 42.20 ? 154 ASN B CB  1 
ATOM   822  C  CG  . ASN B 1 38  ? -6.451  -5.332  -17.796 1.00 43.71 ? 154 ASN B CG  1 
ATOM   823  O  OD1 . ASN B 1 38  ? -5.606  -5.779  -18.576 1.00 44.42 ? 154 ASN B OD1 1 
ATOM   824  N  ND2 . ASN B 1 38  ? -7.337  -6.107  -17.176 1.00 44.44 ? 154 ASN B ND2 1 
ATOM   825  N  N   . GLY B 1 39  ? -4.819  -1.338  -15.669 1.00 39.15 ? 155 GLY B N   1 
ATOM   826  C  CA  . GLY B 1 39  ? -4.556  0.067   -15.453 1.00 38.85 ? 155 GLY B CA  1 
ATOM   827  C  C   . GLY B 1 39  ? -5.792  0.901   -15.299 1.00 38.84 ? 155 GLY B C   1 
ATOM   828  O  O   . GLY B 1 39  ? -5.774  2.103   -15.568 1.00 39.06 ? 155 GLY B O   1 
ATOM   829  N  N   . THR B 1 40  ? -6.874  0.261   -14.872 1.00 38.76 ? 156 THR B N   1 
ATOM   830  C  CA  . THR B 1 40  ? -8.097  0.982   -14.602 1.00 38.10 ? 156 THR B CA  1 
ATOM   831  C  C   . THR B 1 40  ? -7.990  1.547   -13.193 1.00 37.38 ? 156 THR B C   1 
ATOM   832  O  O   . THR B 1 40  ? -7.709  0.820   -12.250 1.00 38.44 ? 156 THR B O   1 
ATOM   833  C  CB  . THR B 1 40  ? -9.321  0.073   -14.771 1.00 38.20 ? 156 THR B CB  1 
ATOM   834  O  OG1 . THR B 1 40  ? -9.279  -0.502  -16.086 1.00 38.63 ? 156 THR B OG1 1 
ATOM   835  C  CG2 . THR B 1 40  ? -10.616 0.855   -14.581 1.00 37.26 ? 156 THR B CG2 1 
ATOM   836  N  N   . ILE B 1 41  ? -8.166  2.857   -13.075 1.00 36.29 ? 157 ILE B N   1 
ATOM   837  C  CA  . ILE B 1 41  ? -8.215  3.516   -11.780 1.00 34.94 ? 157 ILE B CA  1 
ATOM   838  C  C   . ILE B 1 41  ? -9.409  2.992   -11.031 1.00 35.62 ? 157 ILE B C   1 
ATOM   839  O  O   . ILE B 1 41  ? -10.532 2.932   -11.565 1.00 35.47 ? 157 ILE B O   1 
ATOM   840  C  CB  . ILE B 1 41  ? -8.302  5.069   -11.899 1.00 34.11 ? 157 ILE B CB  1 
ATOM   841  C  CG1 . ILE B 1 41  ? -7.086  5.584   -12.712 1.00 33.68 ? 157 ILE B CG1 1 
ATOM   842  C  CG2 . ILE B 1 41  ? -8.410  5.699   -10.488 1.00 32.08 ? 157 ILE B CG2 1 
ATOM   843  C  CD1 . ILE B 1 41  ? -7.195  6.964   -13.370 1.00 33.05 ? 157 ILE B CD1 1 
ATOM   844  N  N   . LEU B 1 42  ? -9.156  2.609   -9.791  1.00 35.46 ? 158 LEU B N   1 
ATOM   845  C  CA  . LEU B 1 42  ? -10.212 2.159   -8.897  1.00 35.59 ? 158 LEU B CA  1 
ATOM   846  C  C   . LEU B 1 42  ? -10.451 3.189   -7.787  1.00 35.37 ? 158 LEU B C   1 
ATOM   847  O  O   . LEU B 1 42  ? -11.570 3.442   -7.379  1.00 34.64 ? 158 LEU B O   1 
ATOM   848  C  CB  . LEU B 1 42  ? -9.810  0.804   -8.306  1.00 35.63 ? 158 LEU B CB  1 
ATOM   849  C  CG  . LEU B 1 42  ? -10.337 -0.518  -8.885  1.00 36.08 ? 158 LEU B CG  1 
ATOM   850  C  CD1 . LEU B 1 42  ? -10.960 -0.421  -10.292 1.00 36.17 ? 158 LEU B CD1 1 
ATOM   851  C  CD2 . LEU B 1 42  ? -9.247  -1.595  -8.809  1.00 35.84 ? 158 LEU B CD2 1 
ATOM   852  N  N   . SER B 1 43  ? -9.366  3.769   -7.293  1.00 36.65 ? 159 SER B N   1 
ATOM   853  C  CA  . SER B 1 43  ? -9.425  4.667   -6.165  1.00 36.04 ? 159 SER B CA  1 
ATOM   854  C  C   . SER B 1 43  ? -8.260  5.611   -6.283  1.00 35.90 ? 159 SER B C   1 
ATOM   855  O  O   . SER B 1 43  ? -7.201  5.274   -6.858  1.00 35.35 ? 159 SER B O   1 
ATOM   856  C  CB  . SER B 1 43  ? -9.279  3.888   -4.862  1.00 37.18 ? 159 SER B CB  1 
ATOM   857  O  OG  . SER B 1 43  ? -9.716  4.661   -3.761  1.00 38.27 ? 159 SER B OG  1 
ATOM   858  N  N   . VAL B 1 44  ? -8.460  6.791   -5.708  1.00 35.15 ? 160 VAL B N   1 
ATOM   859  C  CA  . VAL B 1 44  ? -7.421  7.798   -5.620  1.00 35.03 ? 160 VAL B CA  1 
ATOM   860  C  C   . VAL B 1 44  ? -7.537  8.671   -4.329  1.00 35.40 ? 160 VAL B C   1 
ATOM   861  O  O   . VAL B 1 44  ? -8.590  9.154   -3.939  1.00 36.32 ? 160 VAL B O   1 
ATOM   862  C  CB  . VAL B 1 44  ? -7.229  8.566   -7.015  1.00 34.21 ? 160 VAL B CB  1 
ATOM   863  C  CG1 . VAL B 1 44  ? -8.509  9.240   -7.489  1.00 33.54 ? 160 VAL B CG1 1 
ATOM   864  C  CG2 . VAL B 1 44  ? -6.096  9.535   -6.970  1.00 33.63 ? 160 VAL B CG2 1 
ATOM   865  N  N   . ASN B 1 45  ? -6.443  8.680   -3.604  1.00 36.18 ? 161 ASN B N   1 
ATOM   866  C  CA  . ASN B 1 45  ? -6.013  9.679   -2.669  1.00 37.61 ? 161 ASN B CA  1 
ATOM   867  C  C   . ASN B 1 45  ? -6.433  11.131  -3.011  1.00 37.69 ? 161 ASN B C   1 
ATOM   868  O  O   . ASN B 1 45  ? -6.408  11.525  -4.193  1.00 36.51 ? 161 ASN B O   1 
ATOM   869  C  CB  . ASN B 1 45  ? -4.490  9.562   -2.822  1.00 40.38 ? 161 ASN B CB  1 
ATOM   870  C  CG  . ASN B 1 45  ? -3.739  10.344  -1.847  1.00 42.07 ? 161 ASN B CG  1 
ATOM   871  O  OD1 . ASN B 1 45  ? -4.292  10.902  -0.905  1.00 44.22 ? 161 ASN B OD1 1 
ATOM   872  N  ND2 . ASN B 1 45  ? -2.456  10.396  -2.045  1.00 42.88 ? 161 ASN B ND2 1 
ATOM   873  N  N   . PRO B 1 46  ? -6.800  11.953  -1.996  1.00 37.80 ? 162 PRO B N   1 
ATOM   874  C  CA  . PRO B 1 46  ? -6.848  13.379  -2.361  1.00 38.15 ? 162 PRO B CA  1 
ATOM   875  C  C   . PRO B 1 46  ? -5.585  13.919  -3.066  1.00 39.31 ? 162 PRO B C   1 
ATOM   876  O  O   . PRO B 1 46  ? -5.718  14.527  -4.128  1.00 39.47 ? 162 PRO B O   1 
ATOM   877  C  CB  . PRO B 1 46  ? -7.134  14.070  -1.027  1.00 37.39 ? 162 PRO B CB  1 
ATOM   878  C  CG  . PRO B 1 46  ? -8.004  13.081  -0.309  1.00 36.24 ? 162 PRO B CG  1 
ATOM   879  C  CD  . PRO B 1 46  ? -7.565  11.692  -0.758  1.00 37.23 ? 162 PRO B CD  1 
ATOM   880  N  N   . SER B 1 47  ? -4.380  13.666  -2.538  1.00 40.99 ? 163 SER B N   1 
ATOM   881  C  CA  . SER B 1 47  ? -3.121  14.124  -3.209  1.00 41.97 ? 163 SER B CA  1 
ATOM   882  C  C   . SER B 1 47  ? -2.979  13.679  -4.641  1.00 41.87 ? 163 SER B C   1 
ATOM   883  O  O   . SER B 1 47  ? -2.649  14.484  -5.505  1.00 41.55 ? 163 SER B O   1 
ATOM   884  C  CB  . SER B 1 47  ? -1.850  13.633  -2.507  1.00 43.41 ? 163 SER B CB  1 
ATOM   885  O  OG  . SER B 1 47  ? -1.903  13.823  -1.107  1.00 45.55 ? 163 SER B OG  1 
HETATM 886  N  N   . MSE B 1 48  ? -3.174  12.384  -4.880  1.00 42.47 ? 164 MSE B N   1 
HETATM 887  C  CA  . MSE B 1 48  ? -2.988  11.841  -6.219  1.00 43.46 ? 164 MSE B CA  1 
HETATM 888  C  C   . MSE B 1 48  ? -3.859  12.575  -7.234  1.00 44.49 ? 164 MSE B C   1 
HETATM 889  O  O   . MSE B 1 48  ? -3.352  12.948  -8.304  1.00 45.76 ? 164 MSE B O   1 
HETATM 890  C  CB  . MSE B 1 48  ? -3.244  10.327  -6.265  1.00 44.23 ? 164 MSE B CB  1 
HETATM 891  C  CG  . MSE B 1 48  ? -2.990  9.666   -7.644  1.00 44.43 ? 164 MSE B CG  1 
HETATM 892  SE SE  . MSE B 1 48  ? -1.316  10.296  -8.405  0.60 45.39 ? 164 MSE B SE  1 
HETATM 893  C  CE  . MSE B 1 48  ? -1.019  9.071   -9.903  1.00 43.84 ? 164 MSE B CE  1 
ATOM   894  N  N   . ALA B 1 49  ? -5.134  12.811  -6.885  1.00 43.53 ? 165 ALA B N   1 
ATOM   895  C  CA  . ALA B 1 49  ? -6.119  13.422  -7.798  1.00 44.20 ? 165 ALA B CA  1 
ATOM   896  C  C   . ALA B 1 49  ? -5.752  14.855  -8.211  1.00 44.50 ? 165 ALA B C   1 
ATOM   897  O  O   . ALA B 1 49  ? -5.806  15.200  -9.397  1.00 43.81 ? 165 ALA B O   1 
ATOM   898  C  CB  . ALA B 1 49  ? -7.556  13.368  -7.200  1.00 43.84 ? 165 ALA B CB  1 
ATOM   899  N  N   . GLY B 1 50  ? -5.374  15.667  -7.222  1.00 45.18 ? 166 GLY B N   1 
ATOM   900  C  CA  . GLY B 1 50  ? -4.821  17.006  -7.444  1.00 45.75 ? 166 GLY B CA  1 
ATOM   901  C  C   . GLY B 1 50  ? -3.615  17.075  -8.368  1.00 46.59 ? 166 GLY B C   1 
ATOM   902  O  O   . GLY B 1 50  ? -3.418  18.091  -9.022  1.00 47.40 ? 166 GLY B O   1 
ATOM   903  N  N   . ARG B 1 51  ? -2.794  16.026  -8.426  1.00 47.15 ? 167 ARG B N   1 
ATOM   904  C  CA  . ARG B 1 51  ? -1.777  15.960  -9.491  1.00 48.01 ? 167 ARG B CA  1 
ATOM   905  C  C   . ARG B 1 51  ? -2.388  15.572  -10.839 1.00 47.75 ? 167 ARG B C   1 
ATOM   906  O  O   . ARG B 1 51  ? -2.008  16.142  -11.858 1.00 47.67 ? 167 ARG B O   1 
ATOM   907  C  CB  . ARG B 1 51  ? -0.615  15.009  -9.183  1.00 47.96 ? 167 ARG B CB  1 
ATOM   908  C  CG  . ARG B 1 51  ? 0.248   15.393  -8.015  1.00 48.53 ? 167 ARG B CG  1 
ATOM   909  C  CD  . ARG B 1 51  ? 1.628   14.702  -8.046  1.00 48.44 ? 167 ARG B CD  1 
ATOM   910  N  NE  . ARG B 1 51  ? 1.715   13.399  -8.728  1.00 47.87 ? 167 ARG B NE  1 
ATOM   911  C  CZ  . ARG B 1 51  ? 2.003   12.235  -8.127  1.00 48.34 ? 167 ARG B CZ  1 
ATOM   912  N  NH1 . ARG B 1 51  ? 2.183   12.195  -6.794  1.00 46.98 ? 167 ARG B NH1 1 
ATOM   913  N  NH2 . ARG B 1 51  ? 2.113   11.105  -8.865  1.00 47.62 ? 167 ARG B NH2 1 
ATOM   914  N  N   . LEU B 1 52  ? -3.297  14.592  -10.855 1.00 47.77 ? 168 LEU B N   1 
ATOM   915  C  CA  . LEU B 1 52  ? -3.943  14.182  -12.114 1.00 47.82 ? 168 LEU B CA  1 
ATOM   916  C  C   . LEU B 1 52  ? -4.848  15.270  -12.695 1.00 48.46 ? 168 LEU B C   1 
ATOM   917  O  O   . LEU B 1 52  ? -5.096  15.279  -13.900 1.00 48.76 ? 168 LEU B O   1 
ATOM   918  C  CB  . LEU B 1 52  ? -4.703  12.852  -12.001 1.00 47.24 ? 168 LEU B CB  1 
ATOM   919  C  CG  . LEU B 1 52  ? -4.014  11.492  -12.260 1.00 46.47 ? 168 LEU B CG  1 
ATOM   920  C  CD1 . LEU B 1 52  ? -2.625  11.615  -12.870 1.00 45.66 ? 168 LEU B CD1 1 
ATOM   921  C  CD2 . LEU B 1 52  ? -3.975  10.636  -10.993 1.00 45.47 ? 168 LEU B CD2 1 
ATOM   922  N  N   . GLY B 1 53  ? -5.324  16.185  -11.847 1.00 49.21 ? 169 GLY B N   1 
ATOM   923  C  CA  . GLY B 1 53  ? -6.062  17.365  -12.300 1.00 49.28 ? 169 GLY B CA  1 
ATOM   924  C  C   . GLY B 1 53  ? -7.580  17.296  -12.225 1.00 50.36 ? 169 GLY B C   1 
ATOM   925  O  O   . GLY B 1 53  ? -8.240  18.336  -12.258 1.00 51.50 ? 169 GLY B O   1 
ATOM   926  N  N   . ALA B 1 54  ? -8.157  16.098  -12.149 1.00 50.72 ? 170 ALA B N   1 
ATOM   927  C  CA  . ALA B 1 54  ? -9.604  15.993  -11.967 1.00 51.65 ? 170 ALA B CA  1 
ATOM   928  C  C   . ALA B 1 54  ? -9.956  15.640  -10.519 1.00 52.41 ? 170 ALA B C   1 
ATOM   929  O  O   . ALA B 1 54  ? -9.130  15.821  -9.627  1.00 52.26 ? 170 ALA B O   1 
ATOM   930  C  CB  . ALA B 1 54  ? -10.203 15.006  -12.952 1.00 51.72 ? 170 ALA B CB  1 
ATOM   931  N  N   . ASP B 1 55  ? -11.183 15.166  -10.288 1.00 53.49 ? 171 ASP B N   1 
ATOM   932  C  CA  . ASP B 1 55  ? -11.635 14.747  -8.945  1.00 54.01 ? 171 ASP B CA  1 
ATOM   933  C  C   . ASP B 1 55  ? -11.763 13.234  -8.774  1.00 53.64 ? 171 ASP B C   1 
ATOM   934  O  O   . ASP B 1 55  ? -12.169 12.556  -9.720  1.00 54.41 ? 171 ASP B O   1 
ATOM   935  C  CB  . ASP B 1 55  ? -12.963 15.413  -8.582  1.00 55.12 ? 171 ASP B CB  1 
ATOM   936  C  CG  . ASP B 1 55  ? -12.776 16.612  -7.668  1.00 55.85 ? 171 ASP B CG  1 
ATOM   937  O  OD1 . ASP B 1 55  ? -13.773 17.346  -7.434  1.00 55.60 ? 171 ASP B OD1 1 
ATOM   938  O  OD2 . ASP B 1 55  ? -11.627 16.808  -7.188  1.00 55.68 ? 171 ASP B OD2 1 
ATOM   939  N  N   . PRO B 1 56  ? -11.444 12.707  -7.560  1.00 52.48 ? 172 PRO B N   1 
ATOM   940  C  CA  . PRO B 1 56  ? -11.515 11.286  -7.248  1.00 51.47 ? 172 PRO B CA  1 
ATOM   941  C  C   . PRO B 1 56  ? -12.628 10.567  -7.986  1.00 51.23 ? 172 PRO B C   1 
ATOM   942  O  O   . PRO B 1 56  ? -12.367 9.613   -8.716  1.00 51.42 ? 172 PRO B O   1 
ATOM   943  C  CB  . PRO B 1 56  ? -11.815 11.276  -5.742  1.00 51.69 ? 172 PRO B CB  1 
ATOM   944  C  CG  . PRO B 1 56  ? -11.893 12.727  -5.317  1.00 51.98 ? 172 PRO B CG  1 
ATOM   945  C  CD  . PRO B 1 56  ? -11.125 13.468  -6.342  1.00 52.07 ? 172 PRO B CD  1 
ATOM   946  N  N   . ASP B 1 57  ? -13.857 11.059  -7.816  1.00 50.56 ? 173 ASP B N   1 
ATOM   947  C  CA  . ASP B 1 57  ? -15.058 10.403  -8.334  1.00 49.76 ? 173 ASP B CA  1 
ATOM   948  C  C   . ASP B 1 57  ? -15.057 10.435  -9.860  1.00 47.89 ? 173 ASP B C   1 
ATOM   949  O  O   . ASP B 1 57  ? -15.449 9.463   -10.522 1.00 47.49 ? 173 ASP B O   1 
ATOM   950  C  CB  . ASP B 1 57  ? -16.338 11.052  -7.759  1.00 50.88 ? 173 ASP B CB  1 
ATOM   951  C  CG  . ASP B 1 57  ? -16.158 11.571  -6.311  1.00 51.59 ? 173 ASP B CG  1 
ATOM   952  O  OD1 . ASP B 1 57  ? -15.174 12.324  -6.040  1.00 51.82 ? 173 ASP B OD1 1 
ATOM   953  O  OD2 . ASP B 1 57  ? -17.014 11.240  -5.454  1.00 51.55 ? 173 ASP B OD2 1 
ATOM   954  N  N   . THR B 1 58  ? -14.586 11.549  -10.405 1.00 45.61 ? 174 THR B N   1 
ATOM   955  C  CA  . THR B 1 58  ? -14.488 11.706  -11.844 1.00 44.33 ? 174 THR B CA  1 
ATOM   956  C  C   . THR B 1 58  ? -13.181 11.090  -12.439 1.00 43.44 ? 174 THR B C   1 
ATOM   957  O  O   . THR B 1 58  ? -12.977 11.136  -13.651 1.00 43.59 ? 174 THR B O   1 
ATOM   958  C  CB  . THR B 1 58  ? -14.727 13.201  -12.269 1.00 44.44 ? 174 THR B CB  1 
ATOM   959  O  OG1 . THR B 1 58  ? -13.889 14.060  -11.495 1.00 44.84 ? 174 THR B OG1 1 
ATOM   960  C  CG2 . THR B 1 58  ? -16.211 13.629  -12.056 1.00 44.20 ? 174 THR B CG2 1 
ATOM   961  N  N   . LEU B 1 59  ? -12.329 10.486  -11.599 1.00 41.59 ? 175 LEU B N   1 
ATOM   962  C  CA  . LEU B 1 59  ? -11.077 9.842   -12.047 1.00 40.77 ? 175 LEU B CA  1 
ATOM   963  C  C   . LEU B 1 59  ? -11.179 8.322   -12.045 1.00 40.32 ? 175 LEU B C   1 
ATOM   964  O  O   . LEU B 1 59  ? -10.588 7.626   -12.887 1.00 39.46 ? 175 LEU B O   1 
ATOM   965  C  CB  . LEU B 1 59  ? -9.896  10.262  -11.146 1.00 40.33 ? 175 LEU B CB  1 
ATOM   966  C  CG  . LEU B 1 59  ? -8.715  11.115  -11.624 1.00 39.21 ? 175 LEU B CG  1 
ATOM   967  C  CD1 . LEU B 1 59  ? -9.079  12.020  -12.744 1.00 39.09 ? 175 LEU B CD1 1 
ATOM   968  C  CD2 . LEU B 1 59  ? -8.183  11.924  -10.480 1.00 39.07 ? 175 LEU B CD2 1 
ATOM   969  N  N   . VAL B 1 60  ? -11.913 7.817   -11.063 1.00 40.53 ? 176 VAL B N   1 
ATOM   970  C  CA  . VAL B 1 60  ? -12.094 6.384   -10.903 1.00 40.82 ? 176 VAL B CA  1 
ATOM   971  C  C   . VAL B 1 60  ? -12.908 5.926   -12.107 1.00 41.05 ? 176 VAL B C   1 
ATOM   972  O  O   . VAL B 1 60  ? -13.807 6.626   -12.539 1.00 41.25 ? 176 VAL B O   1 
ATOM   973  C  CB  . VAL B 1 60  ? -12.744 5.973   -9.512  1.00 40.43 ? 176 VAL B CB  1 
ATOM   974  C  CG1 . VAL B 1 60  ? -11.919 6.510   -8.300  1.00 39.31 ? 176 VAL B CG1 1 
ATOM   975  C  CG2 . VAL B 1 60  ? -14.204 6.403   -9.411  1.00 40.28 ? 176 VAL B CG2 1 
ATOM   976  N  N   . GLY B 1 61  ? -12.549 4.778   -12.670 1.00 41.74 ? 177 GLY B N   1 
ATOM   977  C  CA  . GLY B 1 61  ? -13.189 4.261   -13.875 1.00 41.02 ? 177 GLY B CA  1 
ATOM   978  C  C   . GLY B 1 61  ? -12.323 4.525   -15.090 1.00 40.79 ? 177 GLY B C   1 
ATOM   979  O  O   . GLY B 1 61  ? -12.394 3.816   -16.099 1.00 40.56 ? 177 GLY B O   1 
ATOM   980  N  N   . GLN B 1 62  ? -11.494 5.549   -14.997 1.00 40.58 ? 178 GLN B N   1 
ATOM   981  C  CA  . GLN B 1 62  ? -10.677 5.891   -16.126 1.00 40.77 ? 178 GLN B CA  1 
ATOM   982  C  C   . GLN B 1 62  ? -9.420  5.094   -16.163 1.00 40.85 ? 178 GLN B C   1 
ATOM   983  O  O   . GLN B 1 62  ? -9.034  4.491   -15.165 1.00 41.88 ? 178 GLN B O   1 
ATOM   984  C  CB  . GLN B 1 62  ? -10.339 7.345   -16.097 1.00 40.88 ? 178 GLN B CB  1 
ATOM   985  C  CG  . GLN B 1 62  ? -11.163 8.115   -17.062 1.00 40.32 ? 178 GLN B CG  1 
ATOM   986  C  CD  . GLN B 1 62  ? -10.963 9.576   -16.856 1.00 40.83 ? 178 GLN B CD  1 
ATOM   987  O  OE1 . GLN B 1 62  ? -10.546 10.303  -17.770 1.00 40.51 ? 178 GLN B OE1 1 
ATOM   988  N  NE2 . GLN B 1 62  ? -11.231 10.032  -15.630 1.00 41.07 ? 178 GLN B NE2 1 
ATOM   989  N  N   . GLN B 1 63  ? -8.793  5.095   -17.331 1.00 40.29 ? 179 GLN B N   1 
ATOM   990  C  CA  . GLN B 1 63  ? -7.567  4.366   -17.565 1.00 40.80 ? 179 GLN B CA  1 
ATOM   991  C  C   . GLN B 1 63  ? -6.376  5.281   -17.278 1.00 40.98 ? 179 GLN B C   1 
ATOM   992  O  O   . GLN B 1 63  ? -6.368  6.445   -17.692 1.00 41.12 ? 179 GLN B O   1 
ATOM   993  C  CB  . GLN B 1 63  ? -7.546  3.902   -19.016 1.00 41.42 ? 179 GLN B CB  1 
ATOM   994  C  CG  . GLN B 1 63  ? -6.585  2.787   -19.310 1.00 42.57 ? 179 GLN B CG  1 
ATOM   995  C  CD  . GLN B 1 63  ? -7.164  1.424   -19.026 1.00 43.53 ? 179 GLN B CD  1 
ATOM   996  O  OE1 . GLN B 1 63  ? -8.209  1.287   -18.379 1.00 44.12 ? 179 GLN B OE1 1 
ATOM   997  N  NE2 . GLN B 1 63  ? -6.486  0.393   -19.512 1.00 44.03 ? 179 GLN B NE2 1 
ATOM   998  N  N   . LEU B 1 64  ? -5.371  4.771   -16.575 1.00 40.16 ? 180 LEU B N   1 
ATOM   999  C  CA  . LEU B 1 64  ? -4.256  5.619   -16.199 1.00 40.69 ? 180 LEU B CA  1 
ATOM   1000 C  C   . LEU B 1 64  ? -3.608  6.342   -17.407 1.00 41.81 ? 180 LEU B C   1 
ATOM   1001 O  O   . LEU B 1 64  ? -3.248  7.529   -17.314 1.00 42.03 ? 180 LEU B O   1 
ATOM   1002 C  CB  . LEU B 1 64  ? -3.199  4.836   -15.403 1.00 39.51 ? 180 LEU B CB  1 
ATOM   1003 C  CG  . LEU B 1 64  ? -2.097  5.690   -14.734 1.00 39.35 ? 180 LEU B CG  1 
ATOM   1004 C  CD1 . LEU B 1 64  ? -2.615  6.485   -13.525 1.00 38.81 ? 180 LEU B CD1 1 
ATOM   1005 C  CD2 . LEU B 1 64  ? -0.899  4.853   -14.316 1.00 38.83 ? 180 LEU B CD2 1 
ATOM   1006 N  N   . SER B 1 65  ? -3.465  5.640   -18.533 1.00 41.91 ? 181 SER B N   1 
ATOM   1007 C  CA  . SER B 1 65  ? -2.691  6.171   -19.667 1.00 42.19 ? 181 SER B CA  1 
ATOM   1008 C  C   . SER B 1 65  ? -3.354  7.413   -20.250 1.00 42.05 ? 181 SER B C   1 
ATOM   1009 O  O   . SER B 1 65  ? -2.746  8.171   -21.033 1.00 42.31 ? 181 SER B O   1 
ATOM   1010 C  CB  . SER B 1 65  ? -2.535  5.106   -20.758 1.00 42.40 ? 181 SER B CB  1 
ATOM   1011 O  OG  . SER B 1 65  ? -3.800  4.574   -21.120 1.00 42.68 ? 181 SER B OG  1 
ATOM   1012 N  N   . ALA B 1 66  ? -4.599  7.611   -19.830 1.00 41.36 ? 182 ALA B N   1 
ATOM   1013 C  CA  . ALA B 1 66  ? -5.507  8.550   -20.454 1.00 40.48 ? 182 ALA B CA  1 
ATOM   1014 C  C   . ALA B 1 66  ? -5.743  9.784   -19.576 1.00 40.25 ? 182 ALA B C   1 
ATOM   1015 O  O   . ALA B 1 66  ? -6.541  10.652  -19.925 1.00 40.94 ? 182 ALA B O   1 
ATOM   1016 C  CB  . ALA B 1 66  ? -6.808  7.840   -20.778 1.00 38.91 ? 182 ALA B CB  1 
ATOM   1017 N  N   . VAL B 1 67  ? -4.995  9.875   -18.480 1.00 39.73 ? 183 VAL B N   1 
ATOM   1018 C  CA  . VAL B 1 67  ? -5.249  10.819  -17.387 1.00 40.42 ? 183 VAL B CA  1 
ATOM   1019 C  C   . VAL B 1 67  ? -3.900  11.369  -16.870 1.00 41.20 ? 183 VAL B C   1 
ATOM   1020 O  O   . VAL B 1 67  ? -3.827  12.287  -16.039 1.00 40.59 ? 183 VAL B O   1 
ATOM   1021 C  CB  . VAL B 1 67  ? -6.102  10.112  -16.252 1.00 40.86 ? 183 VAL B CB  1 
ATOM   1022 C  CG1 . VAL B 1 67  ? -5.240  9.286   -15.301 1.00 39.62 ? 183 VAL B CG1 1 
ATOM   1023 C  CG2 . VAL B 1 67  ? -6.969  11.104  -15.485 1.00 41.15 ? 183 VAL B CG2 1 
HETATM 1024 N  N   . MSE B 1 68  ? -2.827  10.766  -17.375 1.00 42.09 ? 184 MSE B N   1 
HETATM 1025 C  CA  . MSE B 1 68  ? -1.491  11.301  -17.252 1.00 42.74 ? 184 MSE B CA  1 
HETATM 1026 C  C   . MSE B 1 68  ? -0.704  10.942  -18.507 1.00 43.43 ? 184 MSE B C   1 
HETATM 1027 O  O   . MSE B 1 68  ? -1.260  10.430  -19.499 1.00 42.45 ? 184 MSE B O   1 
HETATM 1028 C  CB  . MSE B 1 68  ? -0.789  10.717  -16.045 1.00 43.55 ? 184 MSE B CB  1 
HETATM 1029 C  CG  . MSE B 1 68  ? -0.477  9.241   -16.209 1.00 45.19 ? 184 MSE B CG  1 
HETATM 1030 SE SE  . MSE B 1 68  ? 0.562   8.506   -14.729 0.70 46.45 ? 184 MSE B SE  1 
HETATM 1031 C  CE  . MSE B 1 68  ? 2.370   9.180   -15.213 1.00 46.55 ? 184 MSE B CE  1 
ATOM   1032 N  N   . ASP B 1 69  ? 0.598   11.219  -18.442 1.00 43.99 ? 185 ASP B N   1 
ATOM   1033 C  CA  . ASP B 1 69  ? 1.515   10.923  -19.518 1.00 44.81 ? 185 ASP B CA  1 
ATOM   1034 C  C   . ASP B 1 69  ? 1.514   9.445   -19.866 1.00 44.82 ? 185 ASP B C   1 
ATOM   1035 O  O   . ASP B 1 69  ? 1.860   8.611   -19.037 1.00 45.05 ? 185 ASP B O   1 
ATOM   1036 C  CB  . ASP B 1 69  ? 2.908   11.335  -19.091 1.00 46.12 ? 185 ASP B CB  1 
ATOM   1037 C  CG  . ASP B 1 69  ? 3.972   10.885  -20.059 1.00 47.00 ? 185 ASP B CG  1 
ATOM   1038 O  OD1 . ASP B 1 69  ? 5.161   10.987  -19.695 1.00 47.39 ? 185 ASP B OD1 1 
ATOM   1039 O  OD2 . ASP B 1 69  ? 3.635   10.442  -21.182 1.00 47.99 ? 185 ASP B OD2 1 
ATOM   1040 N  N   . SER B 1 70  ? 1.179   9.144   -21.113 1.00 44.74 ? 186 SER B N   1 
ATOM   1041 C  CA  . SER B 1 70  ? 0.907   7.775   -21.537 1.00 45.15 ? 186 SER B CA  1 
ATOM   1042 C  C   . SER B 1 70  ? 2.081   6.810   -21.359 1.00 45.12 ? 186 SER B C   1 
ATOM   1043 O  O   . SER B 1 70  ? 2.056   5.995   -20.436 1.00 45.86 ? 186 SER B O   1 
ATOM   1044 C  CB  . SER B 1 70  ? 0.359   7.777   -22.951 1.00 45.33 ? 186 SER B CB  1 
ATOM   1045 O  OG  . SER B 1 70  ? -0.467  8.921   -23.107 1.00 46.21 ? 186 SER B OG  1 
ATOM   1046 N  N   . GLU B 1 71  ? 3.112   6.899   -22.198 1.00 44.67 ? 187 GLU B N   1 
ATOM   1047 C  CA  . GLU B 1 71  ? 4.323   6.077   -22.009 1.00 44.53 ? 187 GLU B CA  1 
ATOM   1048 C  C   . GLU B 1 71  ? 4.697   5.862   -20.512 1.00 43.08 ? 187 GLU B C   1 
ATOM   1049 O  O   . GLU B 1 71  ? 4.891   4.717   -20.071 1.00 42.17 ? 187 GLU B O   1 
ATOM   1050 C  CB  . GLU B 1 71  ? 5.501   6.675   -22.783 1.00 46.21 ? 187 GLU B CB  1 
ATOM   1051 C  CG  . GLU B 1 71  ? 5.698   8.166   -22.478 1.00 48.42 ? 187 GLU B CG  1 
ATOM   1052 C  CD  . GLU B 1 71  ? 7.170   8.606   -22.407 1.00 50.05 ? 187 GLU B CD  1 
ATOM   1053 O  OE1 . GLU B 1 71  ? 7.742   8.913   -23.497 1.00 50.74 ? 187 GLU B OE1 1 
ATOM   1054 O  OE2 . GLU B 1 71  ? 7.737   8.679   -21.264 1.00 50.50 ? 187 GLU B OE2 1 
ATOM   1055 N  N   . ALA B 1 72  ? 4.766   6.953   -19.741 1.00 41.43 ? 188 ALA B N   1 
ATOM   1056 C  CA  . ALA B 1 72  ? 5.056   6.876   -18.307 1.00 40.28 ? 188 ALA B CA  1 
ATOM   1057 C  C   . ALA B 1 72  ? 4.066   5.980   -17.556 1.00 39.79 ? 188 ALA B C   1 
ATOM   1058 O  O   . ALA B 1 72  ? 4.478   5.036   -16.866 1.00 39.40 ? 188 ALA B O   1 
ATOM   1059 C  CB  . ALA B 1 72  ? 5.108   8.264   -17.687 1.00 40.07 ? 188 ALA B CB  1 
ATOM   1060 N  N   . ALA B 1 73  ? 2.771   6.272   -17.700 1.00 39.23 ? 189 ALA B N   1 
ATOM   1061 C  CA  . ALA B 1 73  ? 1.699   5.441   -17.132 1.00 38.74 ? 189 ALA B CA  1 
ATOM   1062 C  C   . ALA B 1 73  ? 1.912   3.962   -17.434 1.00 39.10 ? 189 ALA B C   1 
ATOM   1063 O  O   . ALA B 1 73  ? 1.788   3.115   -16.540 1.00 37.77 ? 189 ALA B O   1 
ATOM   1064 C  CB  . ALA B 1 73  ? 0.346   5.880   -17.647 1.00 38.06 ? 189 ALA B CB  1 
ATOM   1065 N  N   . ASN B 1 74  ? 2.254   3.663   -18.686 1.00 39.72 ? 190 ASN B N   1 
ATOM   1066 C  CA  . ASN B 1 74  ? 2.462   2.282   -19.103 1.00 41.55 ? 190 ASN B CA  1 
ATOM   1067 C  C   . ASN B 1 74  ? 3.603   1.551   -18.395 1.00 41.98 ? 190 ASN B C   1 
ATOM   1068 O  O   . ASN B 1 74  ? 3.437   0.393   -17.993 1.00 42.12 ? 190 ASN B O   1 
ATOM   1069 C  CB  . ASN B 1 74  ? 2.617   2.188   -20.612 1.00 43.13 ? 190 ASN B CB  1 
ATOM   1070 C  CG  . ASN B 1 74  ? 1.320   2.504   -21.349 1.00 44.75 ? 190 ASN B CG  1 
ATOM   1071 O  OD1 . ASN B 1 74  ? 1.298   3.372   -22.243 1.00 45.67 ? 190 ASN B OD1 1 
ATOM   1072 N  ND2 . ASN B 1 74  ? 0.228   1.809   -20.981 1.00 44.22 ? 190 ASN B ND2 1 
ATOM   1073 N  N   . GLN B 1 75  ? 4.752   2.208   -18.239 1.00 41.98 ? 191 GLN B N   1 
ATOM   1074 C  CA  . GLN B 1 75  ? 5.793   1.637   -17.406 1.00 42.42 ? 191 GLN B CA  1 
ATOM   1075 C  C   . GLN B 1 75  ? 5.338   1.474   -15.960 1.00 42.33 ? 191 GLN B C   1 
ATOM   1076 O  O   . GLN B 1 75  ? 5.555   0.415   -15.377 1.00 43.44 ? 191 GLN B O   1 
ATOM   1077 C  CB  . GLN B 1 75  ? 7.092   2.419   -17.484 1.00 43.54 ? 191 GLN B CB  1 
ATOM   1078 C  CG  . GLN B 1 75  ? 8.028   1.837   -18.491 1.00 44.83 ? 191 GLN B CG  1 
ATOM   1079 C  CD  . GLN B 1 75  ? 8.215   2.758   -19.660 1.00 46.60 ? 191 GLN B CD  1 
ATOM   1080 O  OE1 . GLN B 1 75  ? 9.051   3.679   -19.616 1.00 47.21 ? 191 GLN B OE1 1 
ATOM   1081 N  NE2 . GLN B 1 75  ? 7.448   2.528   -20.729 1.00 47.38 ? 191 GLN B NE2 1 
ATOM   1082 N  N   . ARG B 1 76  ? 4.673   2.488   -15.395 1.00 41.17 ? 192 ARG B N   1 
ATOM   1083 C  CA  . ARG B 1 76  ? 4.098   2.362   -14.041 1.00 39.90 ? 192 ARG B CA  1 
ATOM   1084 C  C   . ARG B 1 76  ? 3.253   1.089   -13.929 1.00 40.59 ? 192 ARG B C   1 
ATOM   1085 O  O   . ARG B 1 76  ? 3.407   0.314   -12.975 1.00 42.22 ? 192 ARG B O   1 
ATOM   1086 C  CB  . ARG B 1 76  ? 3.304   3.619   -13.616 1.00 38.21 ? 192 ARG B CB  1 
ATOM   1087 C  CG  . ARG B 1 76  ? 4.181   4.854   -13.362 1.00 35.67 ? 192 ARG B CG  1 
ATOM   1088 C  CD  . ARG B 1 76  ? 3.421   6.052   -12.773 1.00 34.78 ? 192 ARG B CD  1 
ATOM   1089 N  NE  . ARG B 1 76  ? 4.363   7.133   -12.464 1.00 34.01 ? 192 ARG B NE  1 
ATOM   1090 C  CZ  . ARG B 1 76  ? 4.124   8.261   -11.777 1.00 34.25 ? 192 ARG B CZ  1 
ATOM   1091 N  NH1 . ARG B 1 76  ? 5.147   9.096   -11.579 1.00 34.56 ? 192 ARG B NH1 1 
ATOM   1092 N  NH2 . ARG B 1 76  ? 2.920   8.582   -11.274 1.00 32.52 ? 192 ARG B NH2 1 
ATOM   1093 N  N   . LEU B 1 77  ? 2.383   0.855   -14.913 1.00 40.42 ? 193 LEU B N   1 
ATOM   1094 C  CA  . LEU B 1 77  ? 1.548   -0.355  -14.936 1.00 40.00 ? 193 LEU B CA  1 
ATOM   1095 C  C   . LEU B 1 77  ? 2.377   -1.632  -15.146 1.00 40.49 ? 193 LEU B C   1 
ATOM   1096 O  O   . LEU B 1 77  ? 2.040   -2.710  -14.626 1.00 39.68 ? 193 LEU B O   1 
ATOM   1097 C  CB  . LEU B 1 77  ? 0.487   -0.248  -16.027 1.00 39.61 ? 193 LEU B CB  1 
ATOM   1098 C  CG  . LEU B 1 77  ? -0.583  -1.350  -16.081 1.00 40.08 ? 193 LEU B CG  1 
ATOM   1099 C  CD1 . LEU B 1 77  ? -1.456  -1.386  -14.813 1.00 39.89 ? 193 LEU B CD1 1 
ATOM   1100 C  CD2 . LEU B 1 77  ? -1.445  -1.238  -17.334 1.00 39.70 ? 193 LEU B CD2 1 
ATOM   1101 N  N   . GLU B 1 78  ? 3.456   -1.513  -15.918 1.00 40.36 ? 194 GLU B N   1 
ATOM   1102 C  CA  . GLU B 1 78  ? 4.305   -2.661  -16.160 1.00 40.63 ? 194 GLU B CA  1 
ATOM   1103 C  C   . GLU B 1 78  ? 5.013   -3.059  -14.871 1.00 40.75 ? 194 GLU B C   1 
ATOM   1104 O  O   . GLU B 1 78  ? 5.076   -4.238  -14.528 1.00 41.28 ? 194 GLU B O   1 
ATOM   1105 C  CB  . GLU B 1 78  ? 5.291   -2.380  -17.285 1.00 41.00 ? 194 GLU B CB  1 
ATOM   1106 C  CG  . GLU B 1 78  ? 4.688   -2.509  -18.666 1.00 42.10 ? 194 GLU B CG  1 
ATOM   1107 C  CD  . GLU B 1 78  ? 4.199   -3.917  -18.998 1.00 42.78 ? 194 GLU B CD  1 
ATOM   1108 O  OE1 . GLU B 1 78  ? 3.567   -4.577  -18.144 1.00 43.53 ? 194 GLU B OE1 1 
ATOM   1109 O  OE2 . GLU B 1 78  ? 4.435   -4.365  -20.137 1.00 43.35 ? 194 GLU B OE2 1 
ATOM   1110 N  N   . ALA B 1 79  ? 5.518   -2.057  -14.156 1.00 40.04 ? 195 ALA B N   1 
ATOM   1111 C  CA  . ALA B 1 79  ? 6.070   -2.224  -12.825 1.00 39.38 ? 195 ALA B CA  1 
ATOM   1112 C  C   . ALA B 1 79  ? 5.025   -2.852  -11.903 1.00 40.10 ? 195 ALA B C   1 
ATOM   1113 O  O   . ALA B 1 79  ? 5.286   -3.869  -11.236 1.00 39.96 ? 195 ALA B O   1 
ATOM   1114 C  CB  . ALA B 1 79  ? 6.486   -0.885  -12.293 1.00 38.53 ? 195 ALA B CB  1 
ATOM   1115 N  N   . GLY B 1 80  ? 3.844   -2.237  -11.879 1.00 39.58 ? 196 GLY B N   1 
ATOM   1116 C  CA  . GLY B 1 80  ? 2.737   -2.767  -11.121 1.00 40.83 ? 196 GLY B CA  1 
ATOM   1117 C  C   . GLY B 1 80  ? 2.416   -4.209  -11.476 1.00 41.06 ? 196 GLY B C   1 
ATOM   1118 O  O   . GLY B 1 80  ? 2.300   -5.058  -10.594 1.00 41.47 ? 196 GLY B O   1 
ATOM   1119 N  N   . LYS B 1 81  ? 2.282   -4.513  -12.758 1.00 41.23 ? 197 LYS B N   1 
ATOM   1120 C  CA  . LYS B 1 81  ? 1.947   -5.877  -13.122 1.00 41.29 ? 197 LYS B CA  1 
ATOM   1121 C  C   . LYS B 1 81  ? 3.048   -6.811  -12.685 1.00 41.49 ? 197 LYS B C   1 
ATOM   1122 O  O   . LYS B 1 81  ? 2.779   -7.960  -12.335 1.00 42.19 ? 197 LYS B O   1 
ATOM   1123 C  CB  . LYS B 1 81  ? 1.715   -6.007  -14.607 1.00 41.99 ? 197 LYS B CB  1 
ATOM   1124 C  CG  . LYS B 1 81  ? 0.332   -5.583  -15.007 1.00 42.87 ? 197 LYS B CG  1 
ATOM   1125 C  CD  . LYS B 1 81  ? 0.096   -5.807  -16.495 1.00 44.00 ? 197 LYS B CD  1 
ATOM   1126 C  CE  . LYS B 1 81  ? 0.607   -4.624  -17.316 1.00 44.97 ? 197 LYS B CE  1 
ATOM   1127 N  NZ  . LYS B 1 81  ? 0.477   -4.836  -18.785 1.00 45.40 ? 197 LYS B NZ  1 
ATOM   1128 N  N   . SER B 1 82  ? 4.281   -6.308  -12.672 1.00 40.32 ? 198 SER B N   1 
ATOM   1129 C  CA  . SER B 1 82  ? 5.434   -7.127  -12.351 1.00 39.62 ? 198 SER B CA  1 
ATOM   1130 C  C   . SER B 1 82  ? 5.418   -7.541  -10.896 1.00 39.03 ? 198 SER B C   1 
ATOM   1131 O  O   . SER B 1 82  ? 5.583   -8.708  -10.559 1.00 39.10 ? 198 SER B O   1 
ATOM   1132 C  CB  . SER B 1 82  ? 6.704   -6.344  -12.618 1.00 40.48 ? 198 SER B CB  1 
ATOM   1133 O  OG  . SER B 1 82  ? 7.717   -7.229  -13.031 1.00 41.25 ? 198 SER B OG  1 
ATOM   1134 N  N   . ALA B 1 83  ? 5.199   -6.549  -10.047 1.00 38.66 ? 199 ALA B N   1 
ATOM   1135 C  CA  . ALA B 1 83  ? 5.086   -6.715  -8.604  1.00 38.36 ? 199 ALA B CA  1 
ATOM   1136 C  C   . ALA B 1 83  ? 3.976   -7.694  -8.264  1.00 38.72 ? 199 ALA B C   1 
ATOM   1137 O  O   . ALA B 1 83  ? 4.122   -8.518  -7.375  1.00 39.01 ? 199 ALA B O   1 
ATOM   1138 C  CB  . ALA B 1 83  ? 4.805   -5.338  -7.950  1.00 37.79 ? 199 ALA B CB  1 
ATOM   1139 N  N   . VAL B 1 84  ? 2.861   -7.594  -8.981  1.00 38.92 ? 200 VAL B N   1 
ATOM   1140 C  CA  . VAL B 1 84  ? 1.763   -8.501  -8.780  1.00 39.37 ? 200 VAL B CA  1 
ATOM   1141 C  C   . VAL B 1 84  ? 2.208   -9.934  -9.079  1.00 39.91 ? 200 VAL B C   1 
ATOM   1142 O  O   . VAL B 1 84  ? 2.053   -10.798 -8.227  1.00 39.02 ? 200 VAL B O   1 
ATOM   1143 C  CB  . VAL B 1 84  ? 0.518   -8.078  -9.604  1.00 39.79 ? 200 VAL B CB  1 
ATOM   1144 C  CG1 . VAL B 1 84  ? -0.524  -9.205  -9.643  1.00 39.08 ? 200 VAL B CG1 1 
ATOM   1145 C  CG2 . VAL B 1 84  ? -0.105  -6.766  -9.053  1.00 38.92 ? 200 VAL B CG2 1 
ATOM   1146 N  N   . GLU B 1 85  ? 2.819   -10.148 -10.251 1.00 41.74 ? 201 GLU B N   1 
ATOM   1147 C  CA  . GLU B 1 85  ? 3.175   -11.500 -10.779 1.00 42.80 ? 201 GLU B CA  1 
ATOM   1148 C  C   . GLU B 1 85  ? 4.152   -12.344 -9.943  1.00 42.50 ? 201 GLU B C   1 
ATOM   1149 O  O   . GLU B 1 85  ? 4.251   -13.551 -10.142 1.00 42.42 ? 201 GLU B O   1 
ATOM   1150 C  CB  . GLU B 1 85  ? 3.667   -11.437 -12.246 1.00 44.45 ? 201 GLU B CB  1 
ATOM   1151 C  CG  . GLU B 1 85  ? 2.835   -10.552 -13.228 1.00 46.41 ? 201 GLU B CG  1 
ATOM   1152 C  CD  . GLU B 1 85  ? 1.295   -10.776 -13.186 1.00 47.73 ? 201 GLU B CD  1 
ATOM   1153 O  OE1 . GLU B 1 85  ? 0.821   -11.947 -13.229 1.00 47.76 ? 201 GLU B OE1 1 
ATOM   1154 O  OE2 . GLU B 1 85  ? 0.548   -9.764  -13.129 1.00 48.61 ? 201 GLU B OE2 1 
ATOM   1155 N  N   . ASN B 1 86  ? 4.897   -11.713 -9.038  1.00 42.30 ? 202 ASN B N   1 
ATOM   1156 C  CA  . ASN B 1 86  ? 5.610   -12.453 -7.979  1.00 41.67 ? 202 ASN B CA  1 
ATOM   1157 C  C   . ASN B 1 86  ? 5.429   -11.779 -6.625  1.00 40.88 ? 202 ASN B C   1 
ATOM   1158 O  O   . ASN B 1 86  ? 6.389   -11.473 -5.902  1.00 40.70 ? 202 ASN B O   1 
ATOM   1159 C  CB  . ASN B 1 86  ? 7.075   -12.630 -8.327  1.00 42.15 ? 202 ASN B CB  1 
ATOM   1160 C  CG  . ASN B 1 86  ? 7.585   -11.519 -9.191  1.00 42.70 ? 202 ASN B CG  1 
ATOM   1161 O  OD1 . ASN B 1 86  ? 7.165   -10.360 -9.043  1.00 42.91 ? 202 ASN B OD1 1 
ATOM   1162 N  ND2 . ASN B 1 86  ? 8.488   -11.853 -10.113 1.00 42.34 ? 202 ASN B ND2 1 
ATOM   1163 N  N   . GLY B 1 87  ? 4.160   -11.519 -6.339  1.00 39.87 ? 203 GLY B N   1 
ATOM   1164 C  CA  . GLY B 1 87  ? 3.673   -11.006 -5.081  1.00 39.49 ? 203 GLY B CA  1 
ATOM   1165 C  C   . GLY B 1 87  ? 4.706   -10.380 -4.196  1.00 38.92 ? 203 GLY B C   1 
ATOM   1166 O  O   . GLY B 1 87  ? 4.958   -10.858 -3.099  1.00 39.56 ? 203 GLY B O   1 
ATOM   1167 N  N   . THR B 1 88  ? 5.301   -9.300  -4.665  1.00 38.04 ? 204 THR B N   1 
ATOM   1168 C  CA  . THR B 1 88  ? 6.202   -8.558  -3.835  1.00 38.66 ? 204 THR B CA  1 
ATOM   1169 C  C   . THR B 1 88  ? 5.954   -7.051  -4.026  1.00 39.21 ? 204 THR B C   1 
ATOM   1170 O  O   . THR B 1 88  ? 5.651   -6.620  -5.140  1.00 39.26 ? 204 THR B O   1 
ATOM   1171 C  CB  . THR B 1 88  ? 7.661   -8.976  -4.155  1.00 39.74 ? 204 THR B CB  1 
ATOM   1172 O  OG1 . THR B 1 88  ? 8.558   -8.448  -3.166  1.00 40.04 ? 204 THR B OG1 1 
ATOM   1173 C  CG2 . THR B 1 88  ? 8.086   -8.509  -5.563  1.00 39.92 ? 204 THR B CG2 1 
ATOM   1174 N  N   . ALA B 1 89  ? 6.027   -6.264  -2.940  1.00 39.36 ? 205 ALA B N   1 
ATOM   1175 C  CA  . ALA B 1 89  ? 6.173   -4.790  -3.023  1.00 38.57 ? 205 ALA B CA  1 
ATOM   1176 C  C   . ALA B 1 89  ? 7.433   -4.424  -3.850  1.00 38.37 ? 205 ALA B C   1 
ATOM   1177 O  O   . ALA B 1 89  ? 8.482   -5.033  -3.698  1.00 36.74 ? 205 ALA B O   1 
ATOM   1178 C  CB  . ALA B 1 89  ? 6.264   -4.178  -1.620  1.00 37.63 ? 205 ALA B CB  1 
ATOM   1179 N  N   . THR B 1 90  ? 7.300   -3.443  -4.732  1.00 38.94 ? 206 THR B N   1 
ATOM   1180 C  CA  . THR B 1 90  ? 8.356   -3.048  -5.656  1.00 39.18 ? 206 THR B CA  1 
ATOM   1181 C  C   . THR B 1 90  ? 8.509   -1.573  -5.407  1.00 39.59 ? 206 THR B C   1 
ATOM   1182 O  O   . THR B 1 90  ? 7.509   -0.895  -5.095  1.00 40.30 ? 206 THR B O   1 
ATOM   1183 C  CB  . THR B 1 90  ? 7.910   -3.337  -7.139  1.00 39.95 ? 206 THR B CB  1 
ATOM   1184 O  OG1 . THR B 1 90  ? 8.342   -4.652  -7.516  1.00 39.41 ? 206 THR B OG1 1 
ATOM   1185 C  CG2 . THR B 1 90  ? 8.424   -2.283  -8.195  1.00 40.81 ? 206 THR B CG2 1 
ATOM   1186 N  N   . ARG B 1 91  ? 9.740   -1.082  -5.533  1.00 38.77 ? 207 ARG B N   1 
ATOM   1187 C  CA  . ARG B 1 91  ? 10.026  0.350   -5.508  1.00 40.12 ? 207 ARG B CA  1 
ATOM   1188 C  C   . ARG B 1 91  ? 10.805  0.741   -6.749  1.00 40.01 ? 207 ARG B C   1 
ATOM   1189 O  O   . ARG B 1 91  ? 11.817  0.095   -7.052  1.00 39.52 ? 207 ARG B O   1 
ATOM   1190 C  CB  . ARG B 1 91  ? 10.886  0.695   -4.293  1.00 42.26 ? 207 ARG B CB  1 
ATOM   1191 C  CG  . ARG B 1 91  ? 10.085  1.030   -3.074  1.00 44.83 ? 207 ARG B CG  1 
ATOM   1192 C  CD  . ARG B 1 91  ? 10.863  0.793   -1.789  1.00 47.36 ? 207 ARG B CD  1 
ATOM   1193 N  NE  . ARG B 1 91  ? 9.957   0.190   -0.806  1.00 50.35 ? 207 ARG B NE  1 
ATOM   1194 C  CZ  . ARG B 1 91  ? 10.197  -0.935  -0.123  1.00 52.01 ? 207 ARG B CZ  1 
ATOM   1195 N  NH1 . ARG B 1 91  ? 9.281   -1.407  0.727   1.00 52.17 ? 207 ARG B NH1 1 
ATOM   1196 N  NH2 . ARG B 1 91  ? 11.367  -1.577  -0.258  1.00 53.53 ? 207 ARG B NH2 1 
ATOM   1197 N  N   . SER B 1 92  ? 10.364  1.784   -7.466  1.00 39.08 ? 208 SER B N   1 
ATOM   1198 C  CA  . SER B 1 92  ? 11.193  2.395   -8.537  1.00 37.16 ? 208 SER B CA  1 
ATOM   1199 C  C   . SER B 1 92  ? 11.015  3.910   -8.631  1.00 38.00 ? 208 SER B C   1 
ATOM   1200 O  O   . SER B 1 92  ? 10.397  4.538   -7.755  1.00 39.34 ? 208 SER B O   1 
ATOM   1201 C  CB  . SER B 1 92  ? 10.957  1.724   -9.876  1.00 36.50 ? 208 SER B CB  1 
ATOM   1202 O  OG  . SER B 1 92  ? 9.682   1.111   -9.878  1.00 39.45 ? 208 SER B OG  1 
ATOM   1203 N  N   . GLU B 1 93  ? 11.566  4.529   -9.666  1.00 36.92 ? 209 GLU B N   1 
ATOM   1204 C  CA  . GLU B 1 93  ? 11.485  5.981   -9.750  1.00 36.50 ? 209 GLU B CA  1 
ATOM   1205 C  C   . GLU B 1 93  ? 11.228  6.324   -11.179 1.00 34.62 ? 209 GLU B C   1 
ATOM   1206 O  O   . GLU B 1 93  ? 11.536  5.524   -12.057 1.00 34.71 ? 209 GLU B O   1 
ATOM   1207 C  CB  . GLU B 1 93  ? 12.804  6.637   -9.387  1.00 38.92 ? 209 GLU B CB  1 
ATOM   1208 C  CG  . GLU B 1 93  ? 13.482  6.222   -8.114  1.00 42.54 ? 209 GLU B CG  1 
ATOM   1209 C  CD  . GLU B 1 93  ? 14.840  6.911   -8.031  1.00 45.56 ? 209 GLU B CD  1 
ATOM   1210 O  OE1 . GLU B 1 93  ? 15.671  6.762   -8.997  1.00 44.37 ? 209 GLU B OE1 1 
ATOM   1211 O  OE2 . GLU B 1 93  ? 15.046  7.622   -7.008  1.00 47.38 ? 209 GLU B OE2 1 
ATOM   1212 N  N   . ASP B 1 94  ? 10.700  7.520   -11.426 1.00 31.95 ? 210 ASP B N   1 
ATOM   1213 C  CA  . ASP B 1 94  ? 10.547  8.007   -12.793 1.00 30.30 ? 210 ASP B CA  1 
ATOM   1214 C  C   . ASP B 1 94  ? 10.528  9.524   -12.798 1.00 30.29 ? 210 ASP B C   1 
ATOM   1215 O  O   . ASP B 1 94  ? 10.538  10.139  -11.728 1.00 31.25 ? 210 ASP B O   1 
ATOM   1216 C  CB  . ASP B 1 94  ? 9.326   7.396   -13.504 1.00 29.87 ? 210 ASP B CB  1 
ATOM   1217 C  CG  . ASP B 1 94  ? 7.991   7.766   -12.853 1.00 31.55 ? 210 ASP B CG  1 
ATOM   1218 O  OD1 . ASP B 1 94  ? 6.959   7.302   -13.387 1.00 32.21 ? 210 ASP B OD1 1 
ATOM   1219 O  OD2 . ASP B 1 94  ? 7.928   8.501   -11.830 1.00 32.01 ? 210 ASP B OD2 1 
ATOM   1220 N  N   . ALA B 1 95  ? 10.564  10.126  -13.988 1.00 29.20 ? 211 ALA B N   1 
ATOM   1221 C  CA  . ALA B 1 95  ? 10.360  11.549  -14.095 1.00 28.78 ? 211 ALA B CA  1 
ATOM   1222 C  C   . ALA B 1 95  ? 9.231   11.854  -15.082 1.00 29.30 ? 211 ALA B C   1 
ATOM   1223 O  O   . ALA B 1 95  ? 9.265   11.424  -16.241 1.00 29.88 ? 211 ALA B O   1 
ATOM   1224 C  CB  . ALA B 1 95  ? 11.638  12.227  -14.479 1.00 28.59 ? 211 ALA B CB  1 
ATOM   1225 N  N   . VAL B 1 96  ? 8.201   12.559  -14.608 1.00 30.09 ? 212 VAL B N   1 
ATOM   1226 C  CA  . VAL B 1 96  ? 7.056   12.966  -15.471 1.00 30.80 ? 212 VAL B CA  1 
ATOM   1227 C  C   . VAL B 1 96  ? 6.724   14.464  -15.245 1.00 31.65 ? 212 VAL B C   1 
ATOM   1228 O  O   . VAL B 1 96  ? 6.951   14.992  -14.140 1.00 33.12 ? 212 VAL B O   1 
ATOM   1229 C  CB  . VAL B 1 96  ? 5.813   12.081  -15.230 1.00 30.28 ? 212 VAL B CB  1 
ATOM   1230 C  CG1 . VAL B 1 96  ? 5.106   11.887  -16.487 1.00 30.17 ? 212 VAL B CG1 1 
ATOM   1231 C  CG2 . VAL B 1 96  ? 6.218   10.713  -14.746 1.00 30.84 ? 212 VAL B CG2 1 
ATOM   1232 N  N   . GLY B 1 97  ? 6.220   15.170  -16.262 1.00 31.43 ? 213 GLY B N   1 
ATOM   1233 C  CA  . GLY B 1 97  ? 6.151   16.620  -16.144 1.00 31.63 ? 213 GLY B CA  1 
ATOM   1234 C  C   . GLY B 1 97  ? 7.572   16.973  -15.741 1.00 34.41 ? 213 GLY B C   1 
ATOM   1235 O  O   . GLY B 1 97  ? 8.542   16.193  -16.001 1.00 35.44 ? 213 GLY B O   1 
ATOM   1236 N  N   . GLY B 1 98  ? 7.778   18.106  -15.087 1.00 34.45 ? 214 GLY B N   1 
ATOM   1237 C  CA  . GLY B 1 98  ? 9.184   18.366  -14.668 1.00 32.43 ? 214 GLY B CA  1 
ATOM   1238 C  C   . GLY B 1 98  ? 9.653   17.716  -13.365 1.00 30.82 ? 214 GLY B C   1 
ATOM   1239 O  O   . GLY B 1 98  ? 10.578  18.254  -12.739 1.00 31.65 ? 214 GLY B O   1 
ATOM   1240 N  N   . ARG B 1 99  ? 9.059   16.577  -12.961 1.00 28.65 ? 215 ARG B N   1 
ATOM   1241 C  CA  . ARG B 1 99  ? 9.151   16.113  -11.566 1.00 29.71 ? 215 ARG B CA  1 
ATOM   1242 C  C   . ARG B 1 99  ? 9.710   14.711  -11.334 1.00 31.48 ? 215 ARG B C   1 
ATOM   1243 O  O   . ARG B 1 99  ? 9.421   13.773  -12.075 1.00 33.25 ? 215 ARG B O   1 
ATOM   1244 C  CB  . ARG B 1 99  ? 7.798   16.220  -10.842 1.00 29.39 ? 215 ARG B CB  1 
ATOM   1245 C  CG  . ARG B 1 99  ? 7.071   17.537  -11.050 1.00 28.99 ? 215 ARG B CG  1 
ATOM   1246 C  CD  . ARG B 1 99  ? 6.709   18.157  -9.736  1.00 29.27 ? 215 ARG B CD  1 
ATOM   1247 N  NE  . ARG B 1 99  ? 7.445   19.387  -9.461  1.00 29.90 ? 215 ARG B NE  1 
ATOM   1248 C  CZ  . ARG B 1 99  ? 8.182   19.619  -8.373  1.00 29.78 ? 215 ARG B CZ  1 
ATOM   1249 N  NH1 . ARG B 1 99  ? 8.791   20.792  -8.222  1.00 29.31 ? 215 ARG B NH1 1 
ATOM   1250 N  NH2 . ARG B 1 99  ? 8.310   18.701  -7.432  1.00 29.04 ? 215 ARG B NH2 1 
ATOM   1251 N  N   . HIS B 1 100 ? 10.459  14.575  -10.248 1.00 31.63 ? 216 HIS B N   1 
ATOM   1252 C  CA  . HIS B 1 100 ? 11.058  13.321  -9.846  1.00 32.76 ? 216 HIS B CA  1 
ATOM   1253 C  C   . HIS B 1 100 ? 10.086  12.549  -8.907  1.00 33.65 ? 216 HIS B C   1 
ATOM   1254 O  O   . HIS B 1 100 ? 9.746   13.046  -7.820  1.00 33.57 ? 216 HIS B O   1 
ATOM   1255 C  CB  . HIS B 1 100 ? 12.370  13.691  -9.148  1.00 33.83 ? 216 HIS B CB  1 
ATOM   1256 C  CG  . HIS B 1 100 ? 13.319  12.552  -8.926  1.00 34.53 ? 216 HIS B CG  1 
ATOM   1257 N  ND1 . HIS B 1 100 ? 13.149  11.301  -9.485  1.00 35.09 ? 216 HIS B ND1 1 
ATOM   1258 C  CD2 . HIS B 1 100 ? 14.481  12.502  -8.228  1.00 34.23 ? 216 HIS B CD2 1 
ATOM   1259 C  CE1 . HIS B 1 100 ? 14.157  10.520  -9.121  1.00 36.13 ? 216 HIS B CE1 1 
ATOM   1260 N  NE2 . HIS B 1 100 ? 14.977  11.224  -8.357  1.00 35.37 ? 216 HIS B NE2 1 
ATOM   1261 N  N   . TYR B 1 101 ? 9.624   11.360  -9.329  1.00 33.58 ? 217 TYR B N   1 
ATOM   1262 C  CA  . TYR B 1 101 ? 8.761   10.497  -8.482  1.00 34.33 ? 217 TYR B CA  1 
ATOM   1263 C  C   . TYR B 1 101 ? 9.453   9.253   -7.928  1.00 34.69 ? 217 TYR B C   1 
ATOM   1264 O  O   . TYR B 1 101 ? 10.089  8.471   -8.678  1.00 34.70 ? 217 TYR B O   1 
ATOM   1265 C  CB  . TYR B 1 101 ? 7.440   10.090  -9.202  1.00 34.39 ? 217 TYR B CB  1 
ATOM   1266 C  CG  . TYR B 1 101 ? 6.628   11.285  -9.577  1.00 33.92 ? 217 TYR B CG  1 
ATOM   1267 C  CD1 . TYR B 1 101 ? 5.898   11.966  -8.609  1.00 33.60 ? 217 TYR B CD1 1 
ATOM   1268 C  CD2 . TYR B 1 101 ? 6.652   11.791  -10.866 1.00 34.19 ? 217 TYR B CD2 1 
ATOM   1269 C  CE1 . TYR B 1 101 ? 5.177   13.065  -8.902  1.00 33.24 ? 217 TYR B CE1 1 
ATOM   1270 C  CE2 . TYR B 1 101 ? 5.931   12.917  -11.179 1.00 35.03 ? 217 TYR B CE2 1 
ATOM   1271 C  CZ  . TYR B 1 101 ? 5.174   13.554  -10.175 1.00 35.11 ? 217 TYR B CZ  1 
ATOM   1272 O  OH  . TYR B 1 101 ? 4.421   14.703  -10.436 1.00 35.73 ? 217 TYR B OH  1 
ATOM   1273 N  N   . HIS B 1 102 ? 9.341   9.075   -6.618  1.00 34.25 ? 218 HIS B N   1 
ATOM   1274 C  CA  . HIS B 1 102 ? 9.604   7.773   -6.050  1.00 35.43 ? 218 HIS B CA  1 
ATOM   1275 C  C   . HIS B 1 102 ? 8.267   7.006   -5.986  1.00 36.94 ? 218 HIS B C   1 
ATOM   1276 O  O   . HIS B 1 102 ? 7.309   7.505   -5.416  1.00 37.79 ? 218 HIS B O   1 
ATOM   1277 C  CB  . HIS B 1 102 ? 10.245  7.866   -4.686  1.00 33.93 ? 218 HIS B CB  1 
ATOM   1278 C  CG  . HIS B 1 102 ? 10.383  6.535   -4.030  1.00 34.91 ? 218 HIS B CG  1 
ATOM   1279 N  ND1 . HIS B 1 102 ? 11.546  5.799   -4.087  1.00 36.32 ? 218 HIS B ND1 1 
ATOM   1280 C  CD2 . HIS B 1 102 ? 9.487   5.774   -3.350  1.00 35.14 ? 218 HIS B CD2 1 
ATOM   1281 C  CE1 . HIS B 1 102 ? 11.375  4.651   -3.446  1.00 36.09 ? 218 HIS B CE1 1 
ATOM   1282 N  NE2 . HIS B 1 102 ? 10.136  4.614   -2.986  1.00 35.04 ? 218 HIS B NE2 1 
ATOM   1283 N  N   . ASN B 1 103 ? 8.231   5.807   -6.582  1.00 37.92 ? 219 ASN B N   1 
ATOM   1284 C  CA  . ASN B 1 103 ? 7.026   4.993   -6.737  1.00 38.54 ? 219 ASN B CA  1 
ATOM   1285 C  C   . ASN B 1 103 ? 7.122   3.644   -6.012  1.00 39.33 ? 219 ASN B C   1 
ATOM   1286 O  O   . ASN B 1 103 ? 8.110   2.902   -6.172  1.00 40.43 ? 219 ASN B O   1 
ATOM   1287 C  CB  . ASN B 1 103 ? 6.787   4.722   -8.213  1.00 38.83 ? 219 ASN B CB  1 
ATOM   1288 C  CG  . ASN B 1 103 ? 6.622   5.984   -9.010  1.00 40.18 ? 219 ASN B CG  1 
ATOM   1289 O  OD1 . ASN B 1 103 ? 7.271   6.170   -10.051 1.00 41.04 ? 219 ASN B OD1 1 
ATOM   1290 N  ND2 . ASN B 1 103 ? 5.774   6.877   -8.530  1.00 39.81 ? 219 ASN B ND2 1 
ATOM   1291 N  N   . GLN B 1 104 ? 6.092   3.308   -5.237  1.00 38.65 ? 220 GLN B N   1 
ATOM   1292 C  CA  . GLN B 1 104 ? 6.064   2.022   -4.567  1.00 37.75 ? 220 GLN B CA  1 
ATOM   1293 C  C   . GLN B 1 104 ? 4.833   1.265   -4.984  1.00 36.39 ? 220 GLN B C   1 
ATOM   1294 O  O   . GLN B 1 104 ? 3.732   1.783   -4.847  1.00 36.62 ? 220 GLN B O   1 
ATOM   1295 C  CB  . GLN B 1 104 ? 6.075   2.203   -3.059  1.00 39.30 ? 220 GLN B CB  1 
ATOM   1296 C  CG  . GLN B 1 104 ? 6.250   0.879   -2.329  1.00 41.54 ? 220 GLN B CG  1 
ATOM   1297 C  CD  . GLN B 1 104 ? 6.298   1.036   -0.829  1.00 42.82 ? 220 GLN B CD  1 
ATOM   1298 O  OE1 . GLN B 1 104 ? 6.624   0.081   -0.091  1.00 42.41 ? 220 GLN B OE1 1 
ATOM   1299 N  NE2 . GLN B 1 104 ? 5.982   2.257   -0.354  1.00 43.79 ? 220 GLN B NE2 1 
ATOM   1300 N  N   . TYR B 1 105 ? 5.026   0.061   -5.526  1.00 34.79 ? 221 TYR B N   1 
ATOM   1301 C  CA  . TYR B 1 105 ? 3.905   -0.782  -5.980  1.00 33.14 ? 221 TYR B CA  1 
ATOM   1302 C  C   . TYR B 1 105 ? 3.646   -1.920  -5.008  1.00 32.87 ? 221 TYR B C   1 
ATOM   1303 O  O   . TYR B 1 105 ? 4.518   -2.781  -4.797  1.00 33.83 ? 221 TYR B O   1 
ATOM   1304 C  CB  . TYR B 1 105 ? 4.145   -1.347  -7.370  1.00 31.79 ? 221 TYR B CB  1 
ATOM   1305 C  CG  . TYR B 1 105 ? 4.572   -0.305  -8.345  1.00 32.46 ? 221 TYR B CG  1 
ATOM   1306 C  CD1 . TYR B 1 105 ? 3.635   0.394   -9.096  1.00 32.41 ? 221 TYR B CD1 1 
ATOM   1307 C  CD2 . TYR B 1 105 ? 5.924   0.010   -8.507  1.00 32.52 ? 221 TYR B CD2 1 
ATOM   1308 C  CE1 . TYR B 1 105 ? 4.028   1.353   -9.984  1.00 32.11 ? 221 TYR B CE1 1 
ATOM   1309 C  CE2 . TYR B 1 105 ? 6.324   0.960   -9.382  1.00 31.22 ? 221 TYR B CE2 1 
ATOM   1310 C  CZ  . TYR B 1 105 ? 5.380   1.627   -10.114 1.00 32.15 ? 221 TYR B CZ  1 
ATOM   1311 O  OH  . TYR B 1 105 ? 5.783   2.584   -11.005 1.00 33.58 ? 221 TYR B OH  1 
ATOM   1312 N  N   . ILE B 1 106 ? 2.449   -1.917  -4.418  1.00 31.94 ? 222 ILE B N   1 
ATOM   1313 C  CA  . ILE B 1 106 ? 2.079   -2.884  -3.411  1.00 31.43 ? 222 ILE B CA  1 
ATOM   1314 C  C   . ILE B 1 106 ? 0.837   -3.630  -3.886  1.00 32.72 ? 222 ILE B C   1 
ATOM   1315 O  O   . ILE B 1 106 ? -0.303  -3.069  -3.829  1.00 34.14 ? 222 ILE B O   1 
ATOM   1316 C  CB  . ILE B 1 106 ? 1.747   -2.199  -2.090  1.00 31.35 ? 222 ILE B CB  1 
ATOM   1317 C  CG1 . ILE B 1 106 ? 2.788   -1.140  -1.717  1.00 31.79 ? 222 ILE B CG1 1 
ATOM   1318 C  CG2 . ILE B 1 106 ? 1.584   -3.234  -0.981  1.00 32.14 ? 222 ILE B CG2 1 
ATOM   1319 C  CD1 . ILE B 1 106 ? 2.143   0.100   -1.136  1.00 31.73 ? 222 ILE B CD1 1 
ATOM   1320 N  N   . PRO B 1 107 ? 1.027   -4.886  -4.368  1.00 31.95 ? 223 PRO B N   1 
ATOM   1321 C  CA  . PRO B 1 107 ? -0.113  -5.738  -4.753  1.00 31.56 ? 223 PRO B CA  1 
ATOM   1322 C  C   . PRO B 1 107 ? -1.142  -5.704  -3.642  1.00 32.23 ? 223 PRO B C   1 
ATOM   1323 O  O   . PRO B 1 107 ? -0.744  -5.741  -2.467  1.00 33.09 ? 223 PRO B O   1 
ATOM   1324 C  CB  . PRO B 1 107 ? 0.491   -7.149  -4.832  1.00 31.30 ? 223 PRO B CB  1 
ATOM   1325 C  CG  . PRO B 1 107 ? 1.983   -6.967  -5.023  1.00 31.32 ? 223 PRO B CG  1 
ATOM   1326 C  CD  . PRO B 1 107 ? 2.333   -5.544  -4.584  1.00 31.73 ? 223 PRO B CD  1 
ATOM   1327 N  N   . VAL B 1 108 ? -2.430  -5.603  -3.996  1.00 31.45 ? 224 VAL B N   1 
ATOM   1328 C  CA  . VAL B 1 108 ? -3.521  -5.670  -3.031  1.00 30.92 ? 224 VAL B CA  1 
ATOM   1329 C  C   . VAL B 1 108 ? -4.239  -7.062  -3.009  1.00 32.61 ? 224 VAL B C   1 
ATOM   1330 O  O   . VAL B 1 108 ? -4.621  -7.613  -4.060  1.00 33.70 ? 224 VAL B O   1 
ATOM   1331 C  CB  . VAL B 1 108 ? -4.534  -4.553  -3.359  1.00 30.61 ? 224 VAL B CB  1 
ATOM   1332 C  CG1 . VAL B 1 108 ? -5.850  -4.731  -2.605  1.00 29.36 ? 224 VAL B CG1 1 
ATOM   1333 C  CG2 . VAL B 1 108 ? -3.938  -3.221  -3.081  1.00 29.56 ? 224 VAL B CG2 1 
ATOM   1334 N  N   . ASP B 1 109 ? -4.434  -7.616  -1.815  1.00 32.92 ? 225 ASP B N   1 
ATOM   1335 C  CA  . ASP B 1 109 ? -5.240  -8.804  -1.639  1.00 34.04 ? 225 ASP B CA  1 
ATOM   1336 C  C   . ASP B 1 109 ? -6.730  -8.504  -1.487  1.00 36.26 ? 225 ASP B C   1 
ATOM   1337 O  O   . ASP B 1 109 ? -7.176  -8.219  -0.351  1.00 38.87 ? 225 ASP B O   1 
ATOM   1338 C  CB  . ASP B 1 109 ? -4.815  -9.509  -0.370  1.00 34.34 ? 225 ASP B CB  1 
ATOM   1339 C  CG  . ASP B 1 109 ? -3.520  -10.250 -0.528  1.00 35.01 ? 225 ASP B CG  1 
ATOM   1340 O  OD1 . ASP B 1 109 ? -3.184  -10.614 -1.673  1.00 34.93 ? 225 ASP B OD1 1 
ATOM   1341 O  OD2 . ASP B 1 109 ? -2.849  -10.490 0.499   1.00 35.45 ? 225 ASP B OD2 1 
ATOM   1342 N  N   . SER B 1 110 ? -7.514  -8.606  -2.573  1.00 34.81 ? 226 SER B N   1 
ATOM   1343 C  CA  . SER B 1 110 ? -8.943  -8.363  -2.471  1.00 34.43 ? 226 SER B CA  1 
ATOM   1344 C  C   . SER B 1 110 ? -9.746  -9.406  -3.214  1.00 35.18 ? 226 SER B C   1 
ATOM   1345 O  O   . SER B 1 110 ? -9.220  -10.175 -4.041  1.00 35.67 ? 226 SER B O   1 
ATOM   1346 C  CB  . SER B 1 110 ? -9.314  -6.982  -3.008  1.00 34.14 ? 226 SER B CB  1 
ATOM   1347 O  OG  . SER B 1 110 ? -9.450  -7.023  -4.418  1.00 34.88 ? 226 SER B OG  1 
ATOM   1348 N  N   . HIS B 1 111 ? -11.040 -9.409  -2.947  1.00 34.74 ? 227 HIS B N   1 
ATOM   1349 C  CA  . HIS B 1 111 ? -11.882 -10.353 -3.633  1.00 34.82 ? 227 HIS B CA  1 
ATOM   1350 C  C   . HIS B 1 111 ? -12.343 -9.930  -5.024  1.00 35.95 ? 227 HIS B C   1 
ATOM   1351 O  O   . HIS B 1 111 ? -13.158 -10.606 -5.619  1.00 36.06 ? 227 HIS B O   1 
ATOM   1352 C  CB  . HIS B 1 111 ? -12.975 -10.888 -2.714  1.00 32.64 ? 227 HIS B CB  1 
ATOM   1353 C  CG  . HIS B 1 111 ? -12.406 -11.528 -1.492  1.00 32.05 ? 227 HIS B CG  1 
ATOM   1354 N  ND1 . HIS B 1 111 ? -11.677 -12.695 -1.545  1.00 31.03 ? 227 HIS B ND1 1 
ATOM   1355 C  CD2 . HIS B 1 111 ? -12.363 -11.116 -0.203  1.00 31.50 ? 227 HIS B CD2 1 
ATOM   1356 C  CE1 . HIS B 1 111 ? -11.261 -13.002 -0.330  1.00 30.54 ? 227 HIS B CE1 1 
ATOM   1357 N  NE2 . HIS B 1 111 ? -11.666 -12.062 0.502   1.00 29.98 ? 227 HIS B NE2 1 
ATOM   1358 N  N   . ARG B 1 112 ? -11.761 -8.870  -5.592  1.00 37.66 ? 228 ARG B N   1 
ATOM   1359 C  CA  . ARG B 1 112 ? -11.966 -8.636  -7.028  1.00 37.77 ? 228 ARG B CA  1 
ATOM   1360 C  C   . ARG B 1 112 ? -11.496 -9.851  -7.849  1.00 39.49 ? 228 ARG B C   1 
ATOM   1361 O  O   . ARG B 1 112 ? -10.566 -10.596 -7.440  1.00 39.48 ? 228 ARG B O   1 
ATOM   1362 C  CB  . ARG B 1 112 ? -11.259 -7.386  -7.493  1.00 36.61 ? 228 ARG B CB  1 
ATOM   1363 C  CG  . ARG B 1 112 ? -11.872 -6.156  -6.948  1.00 36.15 ? 228 ARG B CG  1 
ATOM   1364 C  CD  . ARG B 1 112 ? -10.829 -5.162  -6.564  1.00 36.29 ? 228 ARG B CD  1 
ATOM   1365 N  NE  . ARG B 1 112 ? -11.421 -4.013  -5.894  1.00 36.65 ? 228 ARG B NE  1 
ATOM   1366 C  CZ  . ARG B 1 112 ? -11.067 -3.546  -4.692  1.00 37.38 ? 228 ARG B CZ  1 
ATOM   1367 N  NH1 . ARG B 1 112 ? -11.694 -2.480  -4.203  1.00 38.23 ? 228 ARG B NH1 1 
ATOM   1368 N  NH2 . ARG B 1 112 ? -10.106 -4.126  -3.966  1.00 36.83 ? 228 ARG B NH2 1 
ATOM   1369 N  N   . LYS B 1 113 ? -12.170 -10.076 -8.983  1.00 40.82 ? 229 LYS B N   1 
ATOM   1370 C  CA  . LYS B 1 113 ? -11.753 -11.125 -9.911  1.00 42.08 ? 229 LYS B CA  1 
ATOM   1371 C  C   . LYS B 1 113 ? -10.474 -10.612 -10.598 1.00 42.14 ? 229 LYS B C   1 
ATOM   1372 O  O   . LYS B 1 113 ? -9.516  -11.376 -10.785 1.00 42.50 ? 229 LYS B O   1 
ATOM   1373 C  CB  . LYS B 1 113 ? -12.879 -11.497 -10.895 1.00 42.96 ? 229 LYS B CB  1 
ATOM   1374 C  CG  . LYS B 1 113 ? -12.672 -12.813 -11.664 1.00 43.88 ? 229 LYS B CG  1 
ATOM   1375 C  CD  . LYS B 1 113 ? -13.767 -13.016 -12.749 1.00 45.25 ? 229 LYS B CD  1 
ATOM   1376 C  CE  . LYS B 1 113 ? -14.629 -14.282 -12.548 1.00 45.66 ? 229 LYS B CE  1 
ATOM   1377 N  NZ  . LYS B 1 113 ? -14.800 -14.680 -11.108 1.00 46.22 ? 229 LYS B NZ  1 
ATOM   1378 N  N   . SER B 1 114 ? -10.451 -9.303  -10.902 1.00 41.47 ? 230 SER B N   1 
ATOM   1379 C  CA  . SER B 1 114 ? -9.242  -8.604  -11.362 1.00 40.69 ? 230 SER B CA  1 
ATOM   1380 C  C   . SER B 1 114 ? -8.131  -8.552  -10.332 1.00 40.56 ? 230 SER B C   1 
ATOM   1381 O  O   . SER B 1 114 ? -8.357  -8.469  -9.104  1.00 39.65 ? 230 SER B O   1 
ATOM   1382 C  CB  . SER B 1 114 ? -9.529  -7.156  -11.772 1.00 40.82 ? 230 SER B CB  1 
ATOM   1383 O  OG  . SER B 1 114 ? -10.335 -7.071  -12.926 1.00 41.98 ? 230 SER B OG  1 
ATOM   1384 N  N   . ASP B 1 115 ? -6.917  -8.560  -10.875 1.00 40.52 ? 231 ASP B N   1 
ATOM   1385 C  CA  . ASP B 1 115 ? -5.732  -8.285  -10.100 1.00 40.17 ? 231 ASP B CA  1 
ATOM   1386 C  C   . ASP B 1 115 ? -5.463  -6.825  -9.915  1.00 39.23 ? 231 ASP B C   1 
ATOM   1387 O  O   . ASP B 1 115 ? -5.506  -5.997  -10.848 1.00 39.29 ? 231 ASP B O   1 
ATOM   1388 C  CB  . ASP B 1 115 ? -4.535  -9.021  -10.648 1.00 41.59 ? 231 ASP B CB  1 
ATOM   1389 C  CG  . ASP B 1 115 ? -4.589  -10.470 -10.292 1.00 43.09 ? 231 ASP B CG  1 
ATOM   1390 O  OD1 . ASP B 1 115 ? -5.151  -10.792 -9.200  1.00 44.08 ? 231 ASP B OD1 1 
ATOM   1391 O  OD2 . ASP B 1 115 ? -4.120  -11.281 -11.110 1.00 43.57 ? 231 ASP B OD2 1 
ATOM   1392 N  N   . THR B 1 116 ? -5.157  -6.537  -8.673  1.00 37.59 ? 232 THR B N   1 
ATOM   1393 C  CA  . THR B 1 116 ? -5.206  -5.207  -8.195  1.00 36.95 ? 232 THR B CA  1 
ATOM   1394 C  C   . THR B 1 116 ? -3.892  -4.895  -7.471  1.00 37.49 ? 232 THR B C   1 
ATOM   1395 O  O   . THR B 1 116 ? -3.274  -5.793  -6.863  1.00 38.76 ? 232 THR B O   1 
ATOM   1396 C  CB  . THR B 1 116 ? -6.499  -5.039  -7.352  1.00 36.41 ? 232 THR B CB  1 
ATOM   1397 O  OG1 . THR B 1 116 ? -6.648  -3.673  -7.021  1.00 35.99 ? 232 THR B OG1 1 
ATOM   1398 C  CG2 . THR B 1 116 ? -6.572  -5.974  -6.053  1.00 35.82 ? 232 THR B CG2 1 
ATOM   1399 N  N   . PHE B 1 117 ? -3.425  -3.647  -7.572  1.00 37.44 ? 233 PHE B N   1 
ATOM   1400 C  CA  . PHE B 1 117 ? -2.235  -3.194  -6.804  1.00 35.94 ? 233 PHE B CA  1 
ATOM   1401 C  C   . PHE B 1 117 ? -2.295  -1.702  -6.483  1.00 34.58 ? 233 PHE B C   1 
ATOM   1402 O  O   . PHE B 1 117 ? -2.946  -0.950  -7.200  1.00 34.00 ? 233 PHE B O   1 
ATOM   1403 C  CB  . PHE B 1 117 ? -0.947  -3.532  -7.558  1.00 35.56 ? 233 PHE B CB  1 
ATOM   1404 C  CG  . PHE B 1 117 ? -0.717  -2.686  -8.777  1.00 36.45 ? 233 PHE B CG  1 
ATOM   1405 C  CD1 . PHE B 1 117 ? -0.101  -1.423  -8.670  1.00 36.55 ? 233 PHE B CD1 1 
ATOM   1406 C  CD2 . PHE B 1 117 ? -1.076  -3.154  -10.042 1.00 36.66 ? 233 PHE B CD2 1 
ATOM   1407 C  CE1 . PHE B 1 117 ? 0.118   -0.634  -9.787  1.00 36.45 ? 233 PHE B CE1 1 
ATOM   1408 C  CE2 . PHE B 1 117 ? -0.853  -2.358  -11.191 1.00 37.13 ? 233 PHE B CE2 1 
ATOM   1409 C  CZ  . PHE B 1 117 ? -0.251  -1.099  -11.062 1.00 36.73 ? 233 PHE B CZ  1 
ATOM   1410 N  N   . GLN B 1 118 ? -1.610  -1.283  -5.418  1.00 34.53 ? 234 GLN B N   1 
ATOM   1411 C  CA  . GLN B 1 118 ? -1.509  0.142   -5.060  1.00 34.73 ? 234 GLN B CA  1 
ATOM   1412 C  C   . GLN B 1 118 ? -0.172  0.717   -5.532  1.00 35.98 ? 234 GLN B C   1 
ATOM   1413 O  O   . GLN B 1 118 ? 0.880   0.103   -5.313  1.00 35.57 ? 234 GLN B O   1 
ATOM   1414 C  CB  . GLN B 1 118 ? -1.683  0.356   -3.547  1.00 34.47 ? 234 GLN B CB  1 
ATOM   1415 C  CG  . GLN B 1 118 ? -3.107  0.118   -3.129  1.00 35.99 ? 234 GLN B CG  1 
ATOM   1416 C  CD  . GLN B 1 118 ? -3.627  1.066   -2.056  1.00 36.83 ? 234 GLN B CD  1 
ATOM   1417 O  OE1 . GLN B 1 118 ? -4.386  1.998   -2.354  1.00 37.38 ? 234 GLN B OE1 1 
ATOM   1418 N  NE2 . GLN B 1 118 ? -3.274  0.803   -0.801  1.00 36.67 ? 234 GLN B NE2 1 
ATOM   1419 N  N   . LEU B 1 119 ? -0.228  1.871   -6.209  1.00 35.84 ? 235 LEU B N   1 
ATOM   1420 C  CA  . LEU B 1 119 ? 0.959   2.685   -6.499  1.00 34.70 ? 235 LEU B CA  1 
ATOM   1421 C  C   . LEU B 1 119 ? 1.013   3.844   -5.539  1.00 33.94 ? 235 LEU B C   1 
ATOM   1422 O  O   . LEU B 1 119 ? 0.127   4.717   -5.565  1.00 33.21 ? 235 LEU B O   1 
ATOM   1423 C  CB  . LEU B 1 119 ? 0.878   3.310   -7.896  1.00 34.92 ? 235 LEU B CB  1 
ATOM   1424 C  CG  . LEU B 1 119 ? 1.771   4.553   -8.160  1.00 35.12 ? 235 LEU B CG  1 
ATOM   1425 C  CD1 . LEU B 1 119 ? 3.272   4.375   -7.906  1.00 34.40 ? 235 LEU B CD1 1 
ATOM   1426 C  CD2 . LEU B 1 119 ? 1.589   5.005   -9.589  1.00 36.33 ? 235 LEU B CD2 1 
ATOM   1427 N  N   . VAL B 1 120 ? 2.058   3.885   -4.721  1.00 33.33 ? 236 VAL B N   1 
ATOM   1428 C  CA  . VAL B 1 120 ? 2.294   5.074   -3.916  1.00 33.26 ? 236 VAL B CA  1 
ATOM   1429 C  C   . VAL B 1 120 ? 3.395   5.894   -4.544  1.00 33.73 ? 236 VAL B C   1 
ATOM   1430 O  O   . VAL B 1 120 ? 4.565   5.505   -4.506  1.00 33.21 ? 236 VAL B O   1 
ATOM   1431 C  CB  . VAL B 1 120 ? 2.639   4.776   -2.493  1.00 32.70 ? 236 VAL B CB  1 
ATOM   1432 C  CG1 . VAL B 1 120 ? 2.631   6.069   -1.711  1.00 31.94 ? 236 VAL B CG1 1 
ATOM   1433 C  CG2 . VAL B 1 120 ? 1.607   3.828   -1.923  1.00 33.97 ? 236 VAL B CG2 1 
ATOM   1434 N  N   . SER B 1 121 ? 2.989   7.036   -5.117  1.00 33.86 ? 237 SER B N   1 
ATOM   1435 C  CA  . SER B 1 121 ? 3.888   7.912   -5.878  1.00 33.21 ? 237 SER B CA  1 
ATOM   1436 C  C   . SER B 1 121 ? 4.273   9.149   -5.053  1.00 32.19 ? 237 SER B C   1 
ATOM   1437 O  O   . SER B 1 121 ? 3.406   9.944   -4.641  1.00 32.26 ? 237 SER B O   1 
ATOM   1438 C  CB  . SER B 1 121 ? 3.181   8.301   -7.165  1.00 34.06 ? 237 SER B CB  1 
ATOM   1439 O  OG  . SER B 1 121 ? 4.069   8.432   -8.261  1.00 36.61 ? 237 SER B OG  1 
ATOM   1440 N  N   . ARG B 1 122 ? 5.557   9.291   -4.771  1.00 30.65 ? 238 ARG B N   1 
ATOM   1441 C  CA  . ARG B 1 122 ? 6.007   10.378  -3.940  1.00 32.30 ? 238 ARG B CA  1 
ATOM   1442 C  C   . ARG B 1 122 ? 6.828   11.430  -4.687  1.00 33.61 ? 238 ARG B C   1 
ATOM   1443 O  O   . ARG B 1 122 ? 7.870   11.121  -5.284  1.00 34.81 ? 238 ARG B O   1 
ATOM   1444 C  CB  . ARG B 1 122 ? 6.848   9.848   -2.811  1.00 32.93 ? 238 ARG B CB  1 
ATOM   1445 C  CG  . ARG B 1 122 ? 7.302   10.929  -1.876  1.00 33.58 ? 238 ARG B CG  1 
ATOM   1446 C  CD  . ARG B 1 122 ? 8.143   10.276  -0.875  1.00 35.19 ? 238 ARG B CD  1 
ATOM   1447 N  NE  . ARG B 1 122 ? 8.446   11.091  0.297   1.00 37.11 ? 238 ARG B NE  1 
ATOM   1448 C  CZ  . ARG B 1 122 ? 7.636   11.254  1.344   1.00 38.04 ? 238 ARG B CZ  1 
ATOM   1449 N  NH1 . ARG B 1 122 ? 6.412   10.716  1.384   1.00 36.90 ? 238 ARG B NH1 1 
ATOM   1450 N  NH2 . ARG B 1 122 ? 8.052   12.006  2.349   1.00 38.97 ? 238 ARG B NH2 1 
ATOM   1451 N  N   . ASP B 1 123 ? 6.390   12.681  -4.635  1.00 32.33 ? 239 ASP B N   1 
ATOM   1452 C  CA  . ASP B 1 123 ? 7.118   13.704  -5.339  1.00 31.77 ? 239 ASP B CA  1 
ATOM   1453 C  C   . ASP B 1 123 ? 8.330   14.100  -4.505  1.00 32.71 ? 239 ASP B C   1 
ATOM   1454 O  O   . ASP B 1 123 ? 8.191   14.739  -3.474  1.00 34.48 ? 239 ASP B O   1 
ATOM   1455 C  CB  . ASP B 1 123 ? 6.233   14.902  -5.605  1.00 30.66 ? 239 ASP B CB  1 
ATOM   1456 C  CG  . ASP B 1 123 ? 6.905   15.932  -6.448  1.00 31.00 ? 239 ASP B CG  1 
ATOM   1457 O  OD1 . ASP B 1 123 ? 8.155   15.975  -6.479  1.00 32.65 ? 239 ASP B OD1 1 
ATOM   1458 O  OD2 . ASP B 1 123 ? 6.185   16.705  -7.099  1.00 30.74 ? 239 ASP B OD2 1 
ATOM   1459 N  N   . ILE B 1 124 ? 9.509   13.735  -4.985  1.00 32.00 ? 240 ILE B N   1 
ATOM   1460 C  CA  . ILE B 1 124 ? 10.757  13.937  -4.281  1.00 31.80 ? 240 ILE B CA  1 
ATOM   1461 C  C   . ILE B 1 124 ? 11.663  14.986  -4.988  1.00 33.12 ? 240 ILE B C   1 
ATOM   1462 O  O   . ILE B 1 124 ? 12.842  15.173  -4.607  1.00 32.85 ? 240 ILE B O   1 
ATOM   1463 C  CB  . ILE B 1 124 ? 11.518  12.585  -4.160  1.00 32.28 ? 240 ILE B CB  1 
ATOM   1464 C  CG1 . ILE B 1 124 ? 11.858  12.027  -5.554  1.00 32.36 ? 240 ILE B CG1 1 
ATOM   1465 C  CG2 . ILE B 1 124 ? 10.704  11.539  -3.376  1.00 31.08 ? 240 ILE B CG2 1 
ATOM   1466 C  CD1 . ILE B 1 124 ? 12.812  10.824  -5.522  1.00 32.75 ? 240 ILE B CD1 1 
ATOM   1467 N  N   . THR B 1 125 ? 11.109  15.688  -5.985  1.00 32.37 ? 241 THR B N   1 
ATOM   1468 C  CA  . THR B 1 125 ? 11.842  16.725  -6.703  1.00 32.47 ? 241 THR B CA  1 
ATOM   1469 C  C   . THR B 1 125 ? 12.545  17.730  -5.774  1.00 34.00 ? 241 THR B C   1 
ATOM   1470 O  O   . THR B 1 125 ? 13.696  18.129  -6.006  1.00 36.43 ? 241 THR B O   1 
ATOM   1471 C  CB  . THR B 1 125 ? 10.904  17.495  -7.664  1.00 32.50 ? 241 THR B CB  1 
ATOM   1472 O  OG1 . THR B 1 125 ? 10.155  16.562  -8.462  1.00 32.57 ? 241 THR B OG1 1 
ATOM   1473 C  CG2 . THR B 1 125 ? 11.671  18.505  -8.549  1.00 28.98 ? 241 THR B CG2 1 
ATOM   1474 O  OXT . THR B 1 125 ? 12.001  18.210  -4.783  1.00 34.48 ? 241 THR B OXT 1 
HETATM 1475 O  O   . HOH C 2 .   ? -6.658  4.463   -2.186  1.00 25.15 ? 2   HOH A O   1 
HETATM 1476 O  O   . HOH C 2 .   ? 6.773   -7.305  13.228  1.00 34.75 ? 7   HOH A O   1 
HETATM 1477 O  O   . HOH D 2 .   ? -2.403  11.350  -21.772 1.00 27.27 ? 1   HOH B O   1 
HETATM 1478 O  O   . HOH D 2 .   ? -7.697  -10.686 -7.263  1.00 30.95 ? 3   HOH B O   1 
HETATM 1479 O  O   . HOH D 2 .   ? 2.102   14.041  -4.944  1.00 28.85 ? 4   HOH B O   1 
HETATM 1480 O  O   . HOH D 2 .   ? 2.313   12.430  4.604   1.00 26.39 ? 5   HOH B O   1 
HETATM 1481 O  O   . HOH D 2 .   ? -11.056 -11.015 2.824   1.00 13.48 ? 6   HOH B O   1 
# 
